data_6IBJ
# 
_entry.id   6IBJ 
# 
_audit_conform.dict_name       mmcif_pdbx.dic 
_audit_conform.dict_version    5.397 
_audit_conform.dict_location   http://mmcif.pdb.org/dictionaries/ascii/mmcif_pdbx.dic 
# 
loop_
_database_2.database_id 
_database_2.database_code 
_database_2.pdbx_database_accession 
_database_2.pdbx_DOI 
PDB   6IBJ         pdb_00006ibj 10.2210/pdb6ibj/pdb 
WWPDB D_1200012737 ?            ?                   
# 
loop_
_pdbx_audit_revision_history.ordinal 
_pdbx_audit_revision_history.data_content_type 
_pdbx_audit_revision_history.major_revision 
_pdbx_audit_revision_history.minor_revision 
_pdbx_audit_revision_history.revision_date 
1 'Structure model' 1 0 2019-11-13 
2 'Structure model' 1 1 2020-01-22 
3 'Structure model' 1 2 2020-03-04 
4 'Structure model' 1 3 2020-07-29 
5 'Structure model' 1 4 2024-01-24 
6 'Structure model' 1 5 2024-10-16 
# 
loop_
_pdbx_audit_revision_details.ordinal 
_pdbx_audit_revision_details.revision_ordinal 
_pdbx_audit_revision_details.data_content_type 
_pdbx_audit_revision_details.provider 
_pdbx_audit_revision_details.type 
_pdbx_audit_revision_details.description 
_pdbx_audit_revision_details.details 
1 1 'Structure model' repository 'Initial release' ?                          ? 
2 4 'Structure model' repository Remediation       'Carbohydrate remediation' ? 
# 
loop_
_pdbx_audit_revision_group.ordinal 
_pdbx_audit_revision_group.revision_ordinal 
_pdbx_audit_revision_group.data_content_type 
_pdbx_audit_revision_group.group 
1  2 'Structure model' 'Database references'    
2  3 'Structure model' 'Data collection'        
3  3 'Structure model' 'Database references'    
4  4 'Structure model' 'Data collection'        
5  4 'Structure model' 'Derived calculations'   
6  4 'Structure model' 'Structure summary'      
7  5 'Structure model' 'Data collection'        
8  5 'Structure model' 'Database references'    
9  5 'Structure model' 'Refinement description' 
10 5 'Structure model' 'Structure summary'      
11 6 'Structure model' 'Structure summary'      
# 
loop_
_pdbx_audit_revision_category.ordinal 
_pdbx_audit_revision_category.revision_ordinal 
_pdbx_audit_revision_category.data_content_type 
_pdbx_audit_revision_category.category 
1  2 'Structure model' citation                      
2  2 'Structure model' citation_author               
3  3 'Structure model' chem_comp                     
4  3 'Structure model' citation                      
5  3 'Structure model' citation_author               
6  4 'Structure model' chem_comp                     
7  4 'Structure model' entity                        
8  4 'Structure model' pdbx_chem_comp_identifier     
9  4 'Structure model' pdbx_entity_nonpoly           
10 4 'Structure model' struct_conn                   
11 4 'Structure model' struct_conn_type              
12 4 'Structure model' struct_site                   
13 4 'Structure model' struct_site_gen               
14 5 'Structure model' chem_comp                     
15 5 'Structure model' chem_comp_atom                
16 5 'Structure model' chem_comp_bond                
17 5 'Structure model' database_2                    
18 5 'Structure model' pdbx_initial_refinement_model 
19 6 'Structure model' pdbx_entry_details            
20 6 'Structure model' pdbx_modification_feature     
# 
loop_
_pdbx_audit_revision_item.ordinal 
_pdbx_audit_revision_item.revision_ordinal 
_pdbx_audit_revision_item.data_content_type 
_pdbx_audit_revision_item.item 
1  2 'Structure model' '_citation.country'                   
2  2 'Structure model' '_citation.journal_abbrev'            
3  2 'Structure model' '_citation.journal_id_CSD'            
4  2 'Structure model' '_citation.journal_id_ISSN'           
5  2 'Structure model' '_citation.pdbx_database_id_DOI'      
6  2 'Structure model' '_citation.pdbx_database_id_PubMed'   
7  2 'Structure model' '_citation.title'                     
8  2 'Structure model' '_citation.year'                      
9  3 'Structure model' '_chem_comp.type'                     
10 3 'Structure model' '_citation.journal_volume'            
11 3 'Structure model' '_citation.page_first'                
12 3 'Structure model' '_citation.page_last'                 
13 3 'Structure model' '_citation_author.identifier_ORCID'   
14 4 'Structure model' '_chem_comp.name'                     
15 4 'Structure model' '_entity.pdbx_description'            
16 4 'Structure model' '_pdbx_entity_nonpoly.name'           
17 4 'Structure model' '_struct_conn.conn_type_id'           
18 4 'Structure model' '_struct_conn.id'                     
19 4 'Structure model' '_struct_conn.pdbx_dist_value'        
20 4 'Structure model' '_struct_conn.pdbx_leaving_atom_flag' 
21 4 'Structure model' '_struct_conn.pdbx_role'              
22 4 'Structure model' '_struct_conn.ptnr1_auth_comp_id'     
23 4 'Structure model' '_struct_conn.ptnr1_auth_seq_id'      
24 4 'Structure model' '_struct_conn.ptnr1_label_atom_id'    
25 4 'Structure model' '_struct_conn.ptnr1_label_comp_id'    
26 4 'Structure model' '_struct_conn.ptnr1_label_seq_id'     
27 4 'Structure model' '_struct_conn.ptnr2_auth_comp_id'     
28 4 'Structure model' '_struct_conn.ptnr2_auth_seq_id'      
29 4 'Structure model' '_struct_conn.ptnr2_label_asym_id'    
30 4 'Structure model' '_struct_conn.ptnr2_label_atom_id'    
31 4 'Structure model' '_struct_conn.ptnr2_label_comp_id'    
32 4 'Structure model' '_struct_conn_type.id'                
33 5 'Structure model' '_chem_comp.pdbx_synonyms'            
34 5 'Structure model' '_database_2.pdbx_DOI'                
35 5 'Structure model' '_database_2.pdbx_database_accession' 
# 
_pdbx_database_status.status_code                     REL 
_pdbx_database_status.status_code_sf                  REL 
_pdbx_database_status.status_code_mr                  ? 
_pdbx_database_status.entry_id                        6IBJ 
_pdbx_database_status.recvd_initial_deposition_date   2018-11-30 
_pdbx_database_status.SG_entry                        N 
_pdbx_database_status.deposit_site                    PDBE 
_pdbx_database_status.process_site                    PDBE 
_pdbx_database_status.status_code_cs                  ? 
_pdbx_database_status.methods_development_category    ? 
_pdbx_database_status.pdb_format_compatible           Y 
_pdbx_database_status.status_code_nmr_data            ? 
# 
loop_
_pdbx_database_related.content_type 
_pdbx_database_related.db_id 
_pdbx_database_related.db_name 
_pdbx_database_related.details 
unspecified 6IBI PDB . 
unspecified 6IBH PDB . 
# 
loop_
_audit_author.name 
_audit_author.pdbx_ordinal 
_audit_author.identifier_ORCID 
'Frandsen, K.E.H.' 1 0000-0002-7136-9820 
'Tandrup, T.'      2 0000-0002-3448-7019 
'Labourel, A.'     3 0000-0002-4762-5804 
'Haon, M.'         4 ?                   
'Berrin, J.-G.'    5 0000-0001-7570-3745 
'Lo Leggio, L.'    6 0000-0002-5135-0882 
# 
_citation.abstract                  ? 
_citation.abstract_id_CAS           ? 
_citation.book_id_ISBN              ? 
_citation.book_publisher            ? 
_citation.book_publisher_city       ? 
_citation.book_title                ? 
_citation.coordinate_linkage        ? 
_citation.country                   US 
_citation.database_id_Medline       ? 
_citation.details                   ? 
_citation.id                        primary 
_citation.journal_abbrev            Nat.Chem.Biol. 
_citation.journal_id_ASTM           ? 
_citation.journal_id_CSD            ? 
_citation.journal_id_ISSN           1552-4469 
_citation.journal_full              ? 
_citation.journal_issue             ? 
_citation.journal_volume            16 
_citation.language                  ? 
_citation.page_first                345 
_citation.page_last                 350 
_citation.title                     'A fungal family of lytic polysaccharide monooxygenase-like copper proteins.' 
_citation.year                      2020 
_citation.database_id_CSD           ? 
_citation.pdbx_database_id_DOI      10.1038/s41589-019-0438-8 
_citation.pdbx_database_id_PubMed   31932718 
_citation.unpublished_flag          ? 
# 
loop_
_citation_author.citation_id 
_citation_author.name 
_citation_author.ordinal 
_citation_author.identifier_ORCID 
primary 'Labourel, A.'     1  ? 
primary 'Frandsen, K.E.H.' 2  ? 
primary 'Zhang, F.'        3  ? 
primary 'Brouilly, N.'     4  ? 
primary 'Grisel, S.'       5  ? 
primary 'Haon, M.'         6  ? 
primary 'Ciano, L.'        7  ? 
primary 'Ropartz, D.'      8  ? 
primary 'Fanuel, M.'       9  ? 
primary 'Martin, F.'       10 ? 
primary 'Navarro, D.'      11 ? 
primary 'Rosso, M.N.'      12 ? 
primary 'Tandrup, T.'      13 ? 
primary 'Bissaro, B.'      14 ? 
primary 'Johansen, K.S.'   15 ? 
primary 'Zerva, A.'        16 ? 
primary 'Walton, P.H.'     17 ? 
primary 'Henrissat, B.'    18 ? 
primary 'Leggio, L.L.'     19 ? 
primary 'Berrin, J.G.'     20 ? 
# 
loop_
_entity.id 
_entity.type 
_entity.src_method 
_entity.pdbx_description 
_entity.formula_weight 
_entity.pdbx_number_of_molecules 
_entity.pdbx_ec 
_entity.pdbx_mutation 
_entity.pdbx_fragment 
_entity.details 
1 polymer     man 'Auxiliary activity CAZyme'              16664.023 1  ? ? ? ? 
2 non-polymer man 2-acetamido-2-deoxy-beta-D-glucopyranose 221.208   4  ? ? ? ? 
3 non-polymer syn 'COPPER (II) ION'                        63.546    1  ? ? ? ? 
4 water       nat water                                    18.015    55 ? ? ? ? 
# 
_entity_poly.entity_id                      1 
_entity_poly.type                           'polypeptide(L)' 
_entity_poly.nstd_linkage                   no 
_entity_poly.nstd_monomer                   no 
_entity_poly.pdbx_seq_one_letter_code       
;HFQLQWPGARGAFVANDEVYFCGAHNNVTTNRTDFPLDGSGFVSIKSGHAPYTVGAIISLETDADAWEDFKNSSGGDQIA
IAYRQVDNSGTYCVPFNPSSLNIAGIQDGANATIQVVYTGGDGNLYQCADVTFRTTVANLNSSVCTNSTHHHHHH
;
_entity_poly.pdbx_seq_one_letter_code_can   
;HFQLQWPGARGAFVANDEVYFCGAHNNVTTNRTDFPLDGSGFVSIKSGHAPYTVGAIISLETDADAWEDFKNSSGGDQIA
IAYRQVDNSGTYCVPFNPSSLNIAGIQDGANATIQVVYTGGDGNLYQCADVTFRTTVANLNSSVCTNSTHHHHHH
;
_entity_poly.pdbx_strand_id                 A 
_entity_poly.pdbx_target_identifier         ? 
# 
loop_
_pdbx_entity_nonpoly.entity_id 
_pdbx_entity_nonpoly.name 
_pdbx_entity_nonpoly.comp_id 
2 2-acetamido-2-deoxy-beta-D-glucopyranose NAG 
3 'COPPER (II) ION'                        CU  
4 water                                    HOH 
# 
loop_
_entity_poly_seq.entity_id 
_entity_poly_seq.num 
_entity_poly_seq.mon_id 
_entity_poly_seq.hetero 
1 1   HIS n 
1 2   PHE n 
1 3   GLN n 
1 4   LEU n 
1 5   GLN n 
1 6   TRP n 
1 7   PRO n 
1 8   GLY n 
1 9   ALA n 
1 10  ARG n 
1 11  GLY n 
1 12  ALA n 
1 13  PHE n 
1 14  VAL n 
1 15  ALA n 
1 16  ASN n 
1 17  ASP n 
1 18  GLU n 
1 19  VAL n 
1 20  TYR n 
1 21  PHE n 
1 22  CYS n 
1 23  GLY n 
1 24  ALA n 
1 25  HIS n 
1 26  ASN n 
1 27  ASN n 
1 28  VAL n 
1 29  THR n 
1 30  THR n 
1 31  ASN n 
1 32  ARG n 
1 33  THR n 
1 34  ASP n 
1 35  PHE n 
1 36  PRO n 
1 37  LEU n 
1 38  ASP n 
1 39  GLY n 
1 40  SER n 
1 41  GLY n 
1 42  PHE n 
1 43  VAL n 
1 44  SER n 
1 45  ILE n 
1 46  LYS n 
1 47  SER n 
1 48  GLY n 
1 49  HIS n 
1 50  ALA n 
1 51  PRO n 
1 52  TYR n 
1 53  THR n 
1 54  VAL n 
1 55  GLY n 
1 56  ALA n 
1 57  ILE n 
1 58  ILE n 
1 59  SER n 
1 60  LEU n 
1 61  GLU n 
1 62  THR n 
1 63  ASP n 
1 64  ALA n 
1 65  ASP n 
1 66  ALA n 
1 67  TRP n 
1 68  GLU n 
1 69  ASP n 
1 70  PHE n 
1 71  LYS n 
1 72  ASN n 
1 73  SER n 
1 74  SER n 
1 75  GLY n 
1 76  GLY n 
1 77  ASP n 
1 78  GLN n 
1 79  ILE n 
1 80  ALA n 
1 81  ILE n 
1 82  ALA n 
1 83  TYR n 
1 84  ARG n 
1 85  GLN n 
1 86  VAL n 
1 87  ASP n 
1 88  ASN n 
1 89  SER n 
1 90  GLY n 
1 91  THR n 
1 92  TYR n 
1 93  CYS n 
1 94  VAL n 
1 95  PRO n 
1 96  PHE n 
1 97  ASN n 
1 98  PRO n 
1 99  SER n 
1 100 SER n 
1 101 LEU n 
1 102 ASN n 
1 103 ILE n 
1 104 ALA n 
1 105 GLY n 
1 106 ILE n 
1 107 GLN n 
1 108 ASP n 
1 109 GLY n 
1 110 ALA n 
1 111 ASN n 
1 112 ALA n 
1 113 THR n 
1 114 ILE n 
1 115 GLN n 
1 116 VAL n 
1 117 VAL n 
1 118 TYR n 
1 119 THR n 
1 120 GLY n 
1 121 GLY n 
1 122 ASP n 
1 123 GLY n 
1 124 ASN n 
1 125 LEU n 
1 126 TYR n 
1 127 GLN n 
1 128 CYS n 
1 129 ALA n 
1 130 ASP n 
1 131 VAL n 
1 132 THR n 
1 133 PHE n 
1 134 ARG n 
1 135 THR n 
1 136 THR n 
1 137 VAL n 
1 138 ALA n 
1 139 ASN n 
1 140 LEU n 
1 141 ASN n 
1 142 SER n 
1 143 SER n 
1 144 VAL n 
1 145 CYS n 
1 146 THR n 
1 147 ASN n 
1 148 SER n 
1 149 THR n 
1 150 HIS n 
1 151 HIS n 
1 152 HIS n 
1 153 HIS n 
1 154 HIS n 
1 155 HIS n 
# 
_entity_src_gen.entity_id                          1 
_entity_src_gen.pdbx_src_id                        1 
_entity_src_gen.pdbx_alt_source_flag               sample 
_entity_src_gen.pdbx_seq_type                      'Biological sequence' 
_entity_src_gen.pdbx_beg_seq_num                   1 
_entity_src_gen.pdbx_end_seq_num                   155 
_entity_src_gen.gene_src_common_name               ? 
_entity_src_gen.gene_src_genus                     ? 
_entity_src_gen.pdbx_gene_src_gene                 ? 
_entity_src_gen.gene_src_species                   ? 
_entity_src_gen.gene_src_strain                    ? 
_entity_src_gen.gene_src_tissue                    ? 
_entity_src_gen.gene_src_tissue_fraction           ? 
_entity_src_gen.gene_src_details                   ? 
_entity_src_gen.pdbx_gene_src_fragment             ? 
_entity_src_gen.pdbx_gene_src_scientific_name      'Laetisaria arvalis' 
_entity_src_gen.pdbx_gene_src_ncbi_taxonomy_id     228946 
_entity_src_gen.pdbx_gene_src_variant              ? 
_entity_src_gen.pdbx_gene_src_cell_line            ? 
_entity_src_gen.pdbx_gene_src_atcc                 ? 
_entity_src_gen.pdbx_gene_src_organ                ? 
_entity_src_gen.pdbx_gene_src_organelle            ? 
_entity_src_gen.pdbx_gene_src_cell                 ? 
_entity_src_gen.pdbx_gene_src_cellular_location    ? 
_entity_src_gen.host_org_common_name               ? 
_entity_src_gen.pdbx_host_org_scientific_name      'Komagataella pastoris' 
_entity_src_gen.pdbx_host_org_ncbi_taxonomy_id     4922 
_entity_src_gen.host_org_genus                     ? 
_entity_src_gen.pdbx_host_org_gene                 ? 
_entity_src_gen.pdbx_host_org_organ                ? 
_entity_src_gen.host_org_species                   ? 
_entity_src_gen.pdbx_host_org_tissue               ? 
_entity_src_gen.pdbx_host_org_tissue_fraction      ? 
_entity_src_gen.pdbx_host_org_strain               X33 
_entity_src_gen.pdbx_host_org_variant              ? 
_entity_src_gen.pdbx_host_org_cell_line            ? 
_entity_src_gen.pdbx_host_org_atcc                 ? 
_entity_src_gen.pdbx_host_org_culture_collection   ? 
_entity_src_gen.pdbx_host_org_cell                 ? 
_entity_src_gen.pdbx_host_org_organelle            ? 
_entity_src_gen.pdbx_host_org_cellular_location    ? 
_entity_src_gen.pdbx_host_org_vector_type          ? 
_entity_src_gen.pdbx_host_org_vector               ? 
_entity_src_gen.host_org_details                   ? 
_entity_src_gen.expression_system_id               ? 
_entity_src_gen.plasmid_name                       ? 
_entity_src_gen.plasmid_details                    ? 
_entity_src_gen.pdbx_description                   ? 
# 
loop_
_chem_comp.id 
_chem_comp.type 
_chem_comp.mon_nstd_flag 
_chem_comp.name 
_chem_comp.pdbx_synonyms 
_chem_comp.formula 
_chem_comp.formula_weight 
ALA 'L-peptide linking'          y ALANINE                                  ? 'C3 H7 N O2'     89.093  
ARG 'L-peptide linking'          y ARGININE                                 ? 'C6 H15 N4 O2 1' 175.209 
ASN 'L-peptide linking'          y ASPARAGINE                               ? 'C4 H8 N2 O3'    132.118 
ASP 'L-peptide linking'          y 'ASPARTIC ACID'                          ? 'C4 H7 N O4'     133.103 
CU  non-polymer                  . 'COPPER (II) ION'                        ? 'Cu 2'           63.546  
CYS 'L-peptide linking'          y CYSTEINE                                 ? 'C3 H7 N O2 S'   121.158 
GLN 'L-peptide linking'          y GLUTAMINE                                ? 'C5 H10 N2 O3'   146.144 
GLU 'L-peptide linking'          y 'GLUTAMIC ACID'                          ? 'C5 H9 N O4'     147.129 
GLY 'peptide linking'            y GLYCINE                                  ? 'C2 H5 N O2'     75.067  
HIS 'L-peptide linking'          y HISTIDINE                                ? 'C6 H10 N3 O2 1' 156.162 
HOH non-polymer                  . WATER                                    ? 'H2 O'           18.015  
ILE 'L-peptide linking'          y ISOLEUCINE                               ? 'C6 H13 N O2'    131.173 
LEU 'L-peptide linking'          y LEUCINE                                  ? 'C6 H13 N O2'    131.173 
LYS 'L-peptide linking'          y LYSINE                                   ? 'C6 H15 N2 O2 1' 147.195 
NAG 'D-saccharide, beta linking' . 2-acetamido-2-deoxy-beta-D-glucopyranose 
;N-acetyl-beta-D-glucosamine; 2-acetamido-2-deoxy-beta-D-glucose; 2-acetamido-2-deoxy-D-glucose; 2-acetamido-2-deoxy-glucose; N-ACETYL-D-GLUCOSAMINE
;
'C8 H15 N O6'    221.208 
PHE 'L-peptide linking'          y PHENYLALANINE                            ? 'C9 H11 N O2'    165.189 
PRO 'L-peptide linking'          y PROLINE                                  ? 'C5 H9 N O2'     115.130 
SER 'L-peptide linking'          y SERINE                                   ? 'C3 H7 N O3'     105.093 
THR 'L-peptide linking'          y THREONINE                                ? 'C4 H9 N O3'     119.119 
TRP 'L-peptide linking'          y TRYPTOPHAN                               ? 'C11 H12 N2 O2'  204.225 
TYR 'L-peptide linking'          y TYROSINE                                 ? 'C9 H11 N O3'    181.189 
VAL 'L-peptide linking'          y VALINE                                   ? 'C5 H11 N O2'    117.146 
# 
loop_
_pdbx_chem_comp_identifier.comp_id 
_pdbx_chem_comp_identifier.type 
_pdbx_chem_comp_identifier.program 
_pdbx_chem_comp_identifier.program_version 
_pdbx_chem_comp_identifier.identifier 
NAG 'CONDENSED IUPAC CARBOHYDRATE SYMBOL' GMML     1.0 DGlcpNAcb                      
NAG 'COMMON NAME'                         GMML     1.0 N-acetyl-b-D-glucopyranosamine 
NAG 'IUPAC CARBOHYDRATE SYMBOL'           PDB-CARE 1.0 b-D-GlcpNAc                    
NAG 'SNFG CARBOHYDRATE SYMBOL'            GMML     1.0 GlcNAc                         
# 
loop_
_pdbx_poly_seq_scheme.asym_id 
_pdbx_poly_seq_scheme.entity_id 
_pdbx_poly_seq_scheme.seq_id 
_pdbx_poly_seq_scheme.mon_id 
_pdbx_poly_seq_scheme.ndb_seq_num 
_pdbx_poly_seq_scheme.pdb_seq_num 
_pdbx_poly_seq_scheme.auth_seq_num 
_pdbx_poly_seq_scheme.pdb_mon_id 
_pdbx_poly_seq_scheme.auth_mon_id 
_pdbx_poly_seq_scheme.pdb_strand_id 
_pdbx_poly_seq_scheme.pdb_ins_code 
_pdbx_poly_seq_scheme.hetero 
A 1 1   HIS 1   1   1   HIS HIS A . n 
A 1 2   PHE 2   2   2   PHE PHE A . n 
A 1 3   GLN 3   3   3   GLN GLN A . n 
A 1 4   LEU 4   4   4   LEU LEU A . n 
A 1 5   GLN 5   5   5   GLN GLN A . n 
A 1 6   TRP 6   6   6   TRP TRP A . n 
A 1 7   PRO 7   7   7   PRO PRO A . n 
A 1 8   GLY 8   8   8   GLY GLY A . n 
A 1 9   ALA 9   9   9   ALA ALA A . n 
A 1 10  ARG 10  10  10  ARG ARG A . n 
A 1 11  GLY 11  11  11  GLY GLY A . n 
A 1 12  ALA 12  12  12  ALA ALA A . n 
A 1 13  PHE 13  13  13  PHE PHE A . n 
A 1 14  VAL 14  14  14  VAL VAL A . n 
A 1 15  ALA 15  15  15  ALA ALA A . n 
A 1 16  ASN 16  16  16  ASN ASN A . n 
A 1 17  ASP 17  17  17  ASP ASP A . n 
A 1 18  GLU 18  18  18  GLU GLU A . n 
A 1 19  VAL 19  19  19  VAL VAL A . n 
A 1 20  TYR 20  20  20  TYR TYR A . n 
A 1 21  PHE 21  21  21  PHE PHE A . n 
A 1 22  CYS 22  22  22  CYS CYS A . n 
A 1 23  GLY 23  23  23  GLY GLY A . n 
A 1 24  ALA 24  24  24  ALA ALA A . n 
A 1 25  HIS 25  25  25  HIS HIS A . n 
A 1 26  ASN 26  26  26  ASN ASN A . n 
A 1 27  ASN 27  27  27  ASN ASN A . n 
A 1 28  VAL 28  28  28  VAL VAL A . n 
A 1 29  THR 29  29  29  THR THR A . n 
A 1 30  THR 30  30  30  THR THR A . n 
A 1 31  ASN 31  31  31  ASN ASN A . n 
A 1 32  ARG 32  32  32  ARG ARG A . n 
A 1 33  THR 33  33  33  THR THR A . n 
A 1 34  ASP 34  34  34  ASP ASP A . n 
A 1 35  PHE 35  35  35  PHE PHE A . n 
A 1 36  PRO 36  36  36  PRO PRO A . n 
A 1 37  LEU 37  37  37  LEU LEU A . n 
A 1 38  ASP 38  38  38  ASP ASP A . n 
A 1 39  GLY 39  39  39  GLY GLY A . n 
A 1 40  SER 40  40  40  SER SER A . n 
A 1 41  GLY 41  41  41  GLY GLY A . n 
A 1 42  PHE 42  42  42  PHE PHE A . n 
A 1 43  VAL 43  43  43  VAL VAL A . n 
A 1 44  SER 44  44  44  SER SER A . n 
A 1 45  ILE 45  45  45  ILE ILE A . n 
A 1 46  LYS 46  46  46  LYS LYS A . n 
A 1 47  SER 47  47  47  SER SER A . n 
A 1 48  GLY 48  48  48  GLY GLY A . n 
A 1 49  HIS 49  49  49  HIS HIS A . n 
A 1 50  ALA 50  50  50  ALA ALA A . n 
A 1 51  PRO 51  51  51  PRO PRO A . n 
A 1 52  TYR 52  52  52  TYR TYR A . n 
A 1 53  THR 53  53  53  THR THR A . n 
A 1 54  VAL 54  54  54  VAL VAL A . n 
A 1 55  GLY 55  55  55  GLY GLY A . n 
A 1 56  ALA 56  56  56  ALA ALA A . n 
A 1 57  ILE 57  57  57  ILE ILE A . n 
A 1 58  ILE 58  58  58  ILE ILE A . n 
A 1 59  SER 59  59  59  SER SER A . n 
A 1 60  LEU 60  60  60  LEU LEU A . n 
A 1 61  GLU 61  61  61  GLU GLU A . n 
A 1 62  THR 62  62  62  THR THR A . n 
A 1 63  ASP 63  63  63  ASP ASP A . n 
A 1 64  ALA 64  64  64  ALA ALA A . n 
A 1 65  ASP 65  65  65  ASP ASP A . n 
A 1 66  ALA 66  66  66  ALA ALA A . n 
A 1 67  TRP 67  67  67  TRP TRP A . n 
A 1 68  GLU 68  68  68  GLU GLU A . n 
A 1 69  ASP 69  69  69  ASP ASP A . n 
A 1 70  PHE 70  70  70  PHE PHE A . n 
A 1 71  LYS 71  71  71  LYS LYS A . n 
A 1 72  ASN 72  72  72  ASN ASN A . n 
A 1 73  SER 73  73  73  SER SER A . n 
A 1 74  SER 74  74  74  SER SER A . n 
A 1 75  GLY 75  75  75  GLY GLY A . n 
A 1 76  GLY 76  76  76  GLY GLY A . n 
A 1 77  ASP 77  77  77  ASP ASP A . n 
A 1 78  GLN 78  78  78  GLN GLN A . n 
A 1 79  ILE 79  79  79  ILE ILE A . n 
A 1 80  ALA 80  80  80  ALA ALA A . n 
A 1 81  ILE 81  81  81  ILE ILE A . n 
A 1 82  ALA 82  82  82  ALA ALA A . n 
A 1 83  TYR 83  83  83  TYR TYR A . n 
A 1 84  ARG 84  84  84  ARG ARG A . n 
A 1 85  GLN 85  85  85  GLN GLN A . n 
A 1 86  VAL 86  86  86  VAL VAL A . n 
A 1 87  ASP 87  87  87  ASP ASP A . n 
A 1 88  ASN 88  88  88  ASN ASN A . n 
A 1 89  SER 89  89  89  SER SER A . n 
A 1 90  GLY 90  90  90  GLY GLY A . n 
A 1 91  THR 91  91  91  THR THR A . n 
A 1 92  TYR 92  92  92  TYR TYR A . n 
A 1 93  CYS 93  93  93  CYS CYS A . n 
A 1 94  VAL 94  94  94  VAL VAL A . n 
A 1 95  PRO 95  95  95  PRO PRO A . n 
A 1 96  PHE 96  96  96  PHE PHE A . n 
A 1 97  ASN 97  97  97  ASN ASN A . n 
A 1 98  PRO 98  98  98  PRO PRO A . n 
A 1 99  SER 99  99  99  SER SER A . n 
A 1 100 SER 100 100 100 SER SER A . n 
A 1 101 LEU 101 101 101 LEU LEU A . n 
A 1 102 ASN 102 102 102 ASN ASN A . n 
A 1 103 ILE 103 103 103 ILE ILE A . n 
A 1 104 ALA 104 104 104 ALA ALA A . n 
A 1 105 GLY 105 105 105 GLY GLY A . n 
A 1 106 ILE 106 106 106 ILE ILE A . n 
A 1 107 GLN 107 107 107 GLN GLN A . n 
A 1 108 ASP 108 108 108 ASP ASP A . n 
A 1 109 GLY 109 109 109 GLY GLY A . n 
A 1 110 ALA 110 110 110 ALA ALA A . n 
A 1 111 ASN 111 111 111 ASN ASN A . n 
A 1 112 ALA 112 112 112 ALA ALA A . n 
A 1 113 THR 113 113 113 THR THR A . n 
A 1 114 ILE 114 114 114 ILE ILE A . n 
A 1 115 GLN 115 115 115 GLN GLN A . n 
A 1 116 VAL 116 116 116 VAL VAL A . n 
A 1 117 VAL 117 117 117 VAL VAL A . n 
A 1 118 TYR 118 118 118 TYR TYR A . n 
A 1 119 THR 119 119 119 THR THR A . n 
A 1 120 GLY 120 120 120 GLY GLY A . n 
A 1 121 GLY 121 121 121 GLY GLY A . n 
A 1 122 ASP 122 122 122 ASP ASP A . n 
A 1 123 GLY 123 123 123 GLY GLY A . n 
A 1 124 ASN 124 124 124 ASN ASN A . n 
A 1 125 LEU 125 125 125 LEU LEU A . n 
A 1 126 TYR 126 126 126 TYR TYR A . n 
A 1 127 GLN 127 127 127 GLN GLN A . n 
A 1 128 CYS 128 128 128 CYS CYS A . n 
A 1 129 ALA 129 129 129 ALA ALA A . n 
A 1 130 ASP 130 130 130 ASP ASP A . n 
A 1 131 VAL 131 131 131 VAL VAL A . n 
A 1 132 THR 132 132 132 THR THR A . n 
A 1 133 PHE 133 133 133 PHE PHE A . n 
A 1 134 ARG 134 134 134 ARG ARG A . n 
A 1 135 THR 135 135 135 THR THR A . n 
A 1 136 THR 136 136 136 THR THR A . n 
A 1 137 VAL 137 137 137 VAL VAL A . n 
A 1 138 ALA 138 138 138 ALA ALA A . n 
A 1 139 ASN 139 139 139 ASN ASN A . n 
A 1 140 LEU 140 140 140 LEU LEU A . n 
A 1 141 ASN 141 141 141 ASN ASN A . n 
A 1 142 SER 142 142 142 SER SER A . n 
A 1 143 SER 143 143 143 SER SER A . n 
A 1 144 VAL 144 144 144 VAL VAL A . n 
A 1 145 CYS 145 145 145 CYS CYS A . n 
A 1 146 THR 146 146 146 THR THR A . n 
A 1 147 ASN 147 147 147 ASN ASN A . n 
A 1 148 SER 148 148 148 SER SER A . n 
A 1 149 THR 149 149 149 THR THR A . n 
A 1 150 HIS 150 150 150 HIS HIS A . n 
A 1 151 HIS 151 151 ?   ?   ?   A . n 
A 1 152 HIS 152 152 ?   ?   ?   A . n 
A 1 153 HIS 153 153 ?   ?   ?   A . n 
A 1 154 HIS 154 154 ?   ?   ?   A . n 
A 1 155 HIS 155 155 ?   ?   ?   A . n 
# 
loop_
_pdbx_nonpoly_scheme.asym_id 
_pdbx_nonpoly_scheme.entity_id 
_pdbx_nonpoly_scheme.mon_id 
_pdbx_nonpoly_scheme.ndb_seq_num 
_pdbx_nonpoly_scheme.pdb_seq_num 
_pdbx_nonpoly_scheme.auth_seq_num 
_pdbx_nonpoly_scheme.pdb_mon_id 
_pdbx_nonpoly_scheme.auth_mon_id 
_pdbx_nonpoly_scheme.pdb_strand_id 
_pdbx_nonpoly_scheme.pdb_ins_code 
B 2 NAG 1  201 153 NAG NAG A . 
C 2 NAG 1  202 155 NAG NAG A . 
D 3 CU  1  203 200 CU  CU  A . 
E 2 NAG 1  204 202 NAG NAG A . 
F 2 NAG 1  205 203 NAG NAG A . 
G 4 HOH 1  301 17  HOH HOH A . 
G 4 HOH 2  302 20  HOH HOH A . 
G 4 HOH 3  303 42  HOH HOH A . 
G 4 HOH 4  304 38  HOH HOH A . 
G 4 HOH 5  305 21  HOH HOH A . 
G 4 HOH 6  306 53  HOH HOH A . 
G 4 HOH 7  307 23  HOH HOH A . 
G 4 HOH 8  308 16  HOH HOH A . 
G 4 HOH 9  309 51  HOH HOH A . 
G 4 HOH 10 310 12  HOH HOH A . 
G 4 HOH 11 311 10  HOH HOH A . 
G 4 HOH 12 312 48  HOH HOH A . 
G 4 HOH 13 313 47  HOH HOH A . 
G 4 HOH 14 314 6   HOH HOH A . 
G 4 HOH 15 315 52  HOH HOH A . 
G 4 HOH 16 316 36  HOH HOH A . 
G 4 HOH 17 317 24  HOH HOH A . 
G 4 HOH 18 318 7   HOH HOH A . 
G 4 HOH 19 319 22  HOH HOH A . 
G 4 HOH 20 320 34  HOH HOH A . 
G 4 HOH 21 321 13  HOH HOH A . 
G 4 HOH 22 322 4   HOH HOH A . 
G 4 HOH 23 323 37  HOH HOH A . 
G 4 HOH 24 324 2   HOH HOH A . 
G 4 HOH 25 325 5   HOH HOH A . 
G 4 HOH 26 326 19  HOH HOH A . 
G 4 HOH 27 327 14  HOH HOH A . 
G 4 HOH 28 328 41  HOH HOH A . 
G 4 HOH 29 329 9   HOH HOH A . 
G 4 HOH 30 330 8   HOH HOH A . 
G 4 HOH 31 331 11  HOH HOH A . 
G 4 HOH 32 332 35  HOH HOH A . 
G 4 HOH 33 333 15  HOH HOH A . 
G 4 HOH 34 334 3   HOH HOH A . 
G 4 HOH 35 335 33  HOH HOH A . 
G 4 HOH 36 336 25  HOH HOH A . 
G 4 HOH 37 337 46  HOH HOH A . 
G 4 HOH 38 338 1   HOH HOH A . 
G 4 HOH 39 339 50  HOH HOH A . 
G 4 HOH 40 340 39  HOH HOH A . 
G 4 HOH 41 341 28  HOH HOH A . 
G 4 HOH 42 342 18  HOH HOH A . 
G 4 HOH 43 343 29  HOH HOH A . 
G 4 HOH 44 344 30  HOH HOH A . 
G 4 HOH 45 345 27  HOH HOH A . 
G 4 HOH 46 346 32  HOH HOH A . 
G 4 HOH 47 347 31  HOH HOH A . 
G 4 HOH 48 348 43  HOH HOH A . 
G 4 HOH 49 349 54  HOH HOH A . 
G 4 HOH 50 350 45  HOH HOH A . 
G 4 HOH 51 351 44  HOH HOH A . 
G 4 HOH 52 352 49  HOH HOH A . 
G 4 HOH 53 353 26  HOH HOH A . 
G 4 HOH 54 354 55  HOH HOH A . 
G 4 HOH 55 355 40  HOH HOH A . 
# 
loop_
_software.citation_id 
_software.classification 
_software.compiler_name 
_software.compiler_version 
_software.contact_author 
_software.contact_author_email 
_software.date 
_software.description 
_software.dependencies 
_software.hardware 
_software.language 
_software.location 
_software.mods 
_software.name 
_software.os 
_software.os_version 
_software.type 
_software.version 
_software.pdbx_ordinal 
? refinement       ? ? ? ? ? ? ? ? ? ? ? REFMAC ? ? ? 5.8.0230 1 
? 'data reduction' ? ? ? ? ? ? ? ? ? ? ? XDS    ? ? ? .        2 
? 'data scaling'   ? ? ? ? ? ? ? ? ? ? ? XSCALE ? ? ? .        3 
? phasing          ? ? ? ? ? ? ? ? ? ? ? MOLREP ? ? ? .        4 
# 
_cell.angle_alpha                  90.00 
_cell.angle_alpha_esd              ? 
_cell.angle_beta                   90.00 
_cell.angle_beta_esd               ? 
_cell.angle_gamma                  90.00 
_cell.angle_gamma_esd              ? 
_cell.entry_id                     6IBJ 
_cell.details                      ? 
_cell.formula_units_Z              ? 
_cell.length_a                     74.920 
_cell.length_a_esd                 ? 
_cell.length_b                     74.920 
_cell.length_b_esd                 ? 
_cell.length_c                     64.390 
_cell.length_c_esd                 ? 
_cell.volume                       ? 
_cell.volume_esd                   ? 
_cell.Z_PDB                        8 
_cell.reciprocal_angle_alpha       ? 
_cell.reciprocal_angle_beta        ? 
_cell.reciprocal_angle_gamma       ? 
_cell.reciprocal_angle_alpha_esd   ? 
_cell.reciprocal_angle_beta_esd    ? 
_cell.reciprocal_angle_gamma_esd   ? 
_cell.reciprocal_length_a          ? 
_cell.reciprocal_length_b          ? 
_cell.reciprocal_length_c          ? 
_cell.reciprocal_length_a_esd      ? 
_cell.reciprocal_length_b_esd      ? 
_cell.reciprocal_length_c_esd      ? 
_cell.pdbx_unique_axis             ? 
# 
_symmetry.entry_id                         6IBJ 
_symmetry.cell_setting                     ? 
_symmetry.Int_Tables_number                96 
_symmetry.space_group_name_Hall            ? 
_symmetry.space_group_name_H-M             'P 43 21 2' 
_symmetry.pdbx_full_space_group_name_H-M   ? 
# 
_exptl.absorpt_coefficient_mu     ? 
_exptl.absorpt_correction_T_max   ? 
_exptl.absorpt_correction_T_min   ? 
_exptl.absorpt_correction_type    ? 
_exptl.absorpt_process_details    ? 
_exptl.entry_id                   6IBJ 
_exptl.crystals_number            1 
_exptl.details                    ? 
_exptl.method                     'X-RAY DIFFRACTION' 
_exptl.method_details             ? 
# 
_exptl_crystal.colour                      ? 
_exptl_crystal.density_diffrn              ? 
_exptl_crystal.density_Matthews            2.71 
_exptl_crystal.density_method              ? 
_exptl_crystal.density_percent_sol         54.63 
_exptl_crystal.description                 ? 
_exptl_crystal.F_000                       ? 
_exptl_crystal.id                          1 
_exptl_crystal.preparation                 ? 
_exptl_crystal.size_max                    ? 
_exptl_crystal.size_mid                    ? 
_exptl_crystal.size_min                    ? 
_exptl_crystal.size_rad                    ? 
_exptl_crystal.colour_lustre               ? 
_exptl_crystal.colour_modifier             ? 
_exptl_crystal.colour_primary              ? 
_exptl_crystal.density_meas                ? 
_exptl_crystal.density_meas_esd            ? 
_exptl_crystal.density_meas_gt             ? 
_exptl_crystal.density_meas_lt             ? 
_exptl_crystal.density_meas_temp           ? 
_exptl_crystal.density_meas_temp_esd       ? 
_exptl_crystal.density_meas_temp_gt        ? 
_exptl_crystal.density_meas_temp_lt        ? 
_exptl_crystal.pdbx_crystal_image_url      ? 
_exptl_crystal.pdbx_crystal_image_format   ? 
_exptl_crystal.pdbx_mosaicity              ? 
_exptl_crystal.pdbx_mosaicity_esd          ? 
# 
_exptl_crystal_grow.apparatus       ? 
_exptl_crystal_grow.atmosphere      ? 
_exptl_crystal_grow.crystal_id      1 
_exptl_crystal_grow.details         ? 
_exptl_crystal_grow.method          'VAPOR DIFFUSION, SITTING DROP' 
_exptl_crystal_grow.method_ref      ? 
_exptl_crystal_grow.pH              6.5 
_exptl_crystal_grow.pressure        ? 
_exptl_crystal_grow.pressure_esd    ? 
_exptl_crystal_grow.seeding         ? 
_exptl_crystal_grow.seeding_ref     ? 
_exptl_crystal_grow.temp            293 
_exptl_crystal_grow.temp_details    ? 
_exptl_crystal_grow.temp_esd        ? 
_exptl_crystal_grow.time            ? 
_exptl_crystal_grow.pdbx_details    
;20 mM L-Na-Glutamate, 20 mM DL-Alanine (racemic), 20 mM Glycine, 20 mM DL-Lysine HCl (racemic), 20 mM DL-Serine (racemic)
100 mM MES monohydrate pH 6.5 / 100 mM imidazole pH 6.5
20% (w/v) PEG 500 MME and 10% (w/v) PEG 20.000.
;
_exptl_crystal_grow.pdbx_pH_range   6.5 
# 
_diffrn.ambient_environment              ? 
_diffrn.ambient_temp                     100 
_diffrn.ambient_temp_details             ? 
_diffrn.ambient_temp_esd                 ? 
_diffrn.crystal_id                       1 
_diffrn.crystal_support                  ? 
_diffrn.crystal_treatment                ? 
_diffrn.details                          ? 
_diffrn.id                               1 
_diffrn.ambient_pressure                 ? 
_diffrn.ambient_pressure_esd             ? 
_diffrn.ambient_pressure_gt              ? 
_diffrn.ambient_pressure_lt              ? 
_diffrn.ambient_temp_gt                  ? 
_diffrn.ambient_temp_lt                  ? 
_diffrn.pdbx_serial_crystal_experiment   N 
# 
_diffrn_detector.details                      'Kirkpatrick-Baez (KB) mirror pair (VFM, HFM)' 
_diffrn_detector.detector                     PIXEL 
_diffrn_detector.diffrn_id                    1 
_diffrn_detector.type                         'DECTRIS EIGER X 16M' 
_diffrn_detector.area_resol_mean              ? 
_diffrn_detector.dtime                        ? 
_diffrn_detector.pdbx_frames_total            ? 
_diffrn_detector.pdbx_collection_time_total   ? 
_diffrn_detector.pdbx_collection_date         2018-04-20 
_diffrn_detector.pdbx_frequency               ? 
# 
_diffrn_radiation.collimation                      ? 
_diffrn_radiation.diffrn_id                        1 
_diffrn_radiation.filter_edge                      ? 
_diffrn_radiation.inhomogeneity                    ? 
_diffrn_radiation.monochromator                    'SI(111)' 
_diffrn_radiation.polarisn_norm                    ? 
_diffrn_radiation.polarisn_ratio                   ? 
_diffrn_radiation.probe                            ? 
_diffrn_radiation.type                             ? 
_diffrn_radiation.xray_symbol                      ? 
_diffrn_radiation.wavelength_id                    1 
_diffrn_radiation.pdbx_monochromatic_or_laue_m_l   M 
_diffrn_radiation.pdbx_wavelength_list             ? 
_diffrn_radiation.pdbx_wavelength                  ? 
_diffrn_radiation.pdbx_diffrn_protocol             'SINGLE WAVELENGTH' 
_diffrn_radiation.pdbx_analyzer                    ? 
_diffrn_radiation.pdbx_scattering_type             x-ray 
# 
_diffrn_radiation_wavelength.id           1 
_diffrn_radiation_wavelength.wavelength   0.9799 
_diffrn_radiation_wavelength.wt           1.0 
# 
_diffrn_source.current                     ? 
_diffrn_source.details                     ? 
_diffrn_source.diffrn_id                   1 
_diffrn_source.power                       ? 
_diffrn_source.size                        ? 
_diffrn_source.source                      SYNCHROTRON 
_diffrn_source.target                      ? 
_diffrn_source.type                        'MAX IV BEAMLINE BioMAX' 
_diffrn_source.voltage                     ? 
_diffrn_source.take-off_angle              ? 
_diffrn_source.pdbx_wavelength_list        0.9799 
_diffrn_source.pdbx_wavelength             ? 
_diffrn_source.pdbx_synchrotron_beamline   BioMAX 
_diffrn_source.pdbx_synchrotron_site       'MAX IV' 
# 
_reflns.B_iso_Wilson_estimate            ? 
_reflns.entry_id                         6IBJ 
_reflns.data_reduction_details           ? 
_reflns.data_reduction_method            ? 
_reflns.d_resolution_high                2.10 
_reflns.d_resolution_low                 60 
_reflns.details                          ? 
_reflns.limit_h_max                      ? 
_reflns.limit_h_min                      ? 
_reflns.limit_k_max                      ? 
_reflns.limit_k_min                      ? 
_reflns.limit_l_max                      ? 
_reflns.limit_l_min                      ? 
_reflns.number_all                       ? 
_reflns.number_obs                       11173 
_reflns.observed_criterion               ? 
_reflns.observed_criterion_F_max         ? 
_reflns.observed_criterion_F_min         ? 
_reflns.observed_criterion_I_max         ? 
_reflns.observed_criterion_I_min         ? 
_reflns.observed_criterion_sigma_F       ? 
_reflns.observed_criterion_sigma_I       -3 
_reflns.percent_possible_obs             99.9 
_reflns.R_free_details                   ? 
_reflns.Rmerge_F_all                     ? 
_reflns.Rmerge_F_obs                     ? 
_reflns.Friedel_coverage                 ? 
_reflns.number_gt                        ? 
_reflns.threshold_expression             ? 
_reflns.pdbx_redundancy                  7.20 
_reflns.pdbx_Rmerge_I_obs                ? 
_reflns.pdbx_Rmerge_I_all                ? 
_reflns.pdbx_Rsym_value                  ? 
_reflns.pdbx_netI_over_av_sigmaI         ? 
_reflns.pdbx_netI_over_sigmaI            12.25 
_reflns.pdbx_res_netI_over_av_sigmaI_2   ? 
_reflns.pdbx_res_netI_over_sigmaI_2      ? 
_reflns.pdbx_chi_squared                 ? 
_reflns.pdbx_scaling_rejects             ? 
_reflns.pdbx_d_res_high_opt              ? 
_reflns.pdbx_d_res_low_opt               ? 
_reflns.pdbx_d_res_opt_method            ? 
_reflns.phase_calculation_details        ? 
_reflns.pdbx_Rrim_I_all                  0.087 
_reflns.pdbx_Rpim_I_all                  ? 
_reflns.pdbx_d_opt                       ? 
_reflns.pdbx_number_measured_all         ? 
_reflns.pdbx_diffrn_id                   1 
_reflns.pdbx_ordinal                     1 
_reflns.pdbx_CC_half                     0.999 
_reflns.pdbx_R_split                     ? 
# 
_reflns_shell.d_res_high                  2.10 
_reflns_shell.d_res_low                   2.15 
_reflns_shell.meanI_over_sigI_all         ? 
_reflns_shell.meanI_over_sigI_obs         1.49 
_reflns_shell.number_measured_all         ? 
_reflns_shell.number_measured_obs         ? 
_reflns_shell.number_possible             ? 
_reflns_shell.number_unique_all           ? 
_reflns_shell.number_unique_obs           807 
_reflns_shell.percent_possible_all        99.9 
_reflns_shell.percent_possible_obs        ? 
_reflns_shell.Rmerge_F_all                ? 
_reflns_shell.Rmerge_F_obs                ? 
_reflns_shell.Rmerge_I_all                ? 
_reflns_shell.Rmerge_I_obs                ? 
_reflns_shell.meanI_over_sigI_gt          ? 
_reflns_shell.meanI_over_uI_all           ? 
_reflns_shell.meanI_over_uI_gt            ? 
_reflns_shell.number_measured_gt          ? 
_reflns_shell.number_unique_gt            ? 
_reflns_shell.percent_possible_gt         ? 
_reflns_shell.Rmerge_F_gt                 ? 
_reflns_shell.Rmerge_I_gt                 ? 
_reflns_shell.pdbx_redundancy             7.44 
_reflns_shell.pdbx_Rsym_value             ? 
_reflns_shell.pdbx_chi_squared            ? 
_reflns_shell.pdbx_netI_over_sigmaI_all   ? 
_reflns_shell.pdbx_netI_over_sigmaI_obs   ? 
_reflns_shell.pdbx_Rrim_I_all             0.1703 
_reflns_shell.pdbx_Rpim_I_all             ? 
_reflns_shell.pdbx_rejects                ? 
_reflns_shell.pdbx_ordinal                1 
_reflns_shell.pdbx_diffrn_id              1 
_reflns_shell.pdbx_CC_half                0.803 
_reflns_shell.pdbx_R_split                ? 
# 
_refine.aniso_B[1][1]                            2.20 
_refine.aniso_B[1][2]                            -0.00 
_refine.aniso_B[1][3]                            -0.00 
_refine.aniso_B[2][2]                            2.20 
_refine.aniso_B[2][3]                            -0.00 
_refine.aniso_B[3][3]                            -4.39 
_refine.B_iso_max                                ? 
_refine.B_iso_mean                               54.919 
_refine.B_iso_min                                ? 
_refine.correlation_coeff_Fo_to_Fc               0.965 
_refine.correlation_coeff_Fo_to_Fc_free          0.929 
_refine.details                                  'HYDROGENS HAVE BEEN ADDED IN THE RIDING POSITIONS' 
_refine.diff_density_max                         ? 
_refine.diff_density_max_esd                     ? 
_refine.diff_density_min                         ? 
_refine.diff_density_min_esd                     ? 
_refine.diff_density_rms                         ? 
_refine.diff_density_rms_esd                     ? 
_refine.entry_id                                 6IBJ 
_refine.pdbx_refine_id                           'X-RAY DIFFRACTION' 
_refine.ls_abs_structure_details                 ? 
_refine.ls_abs_structure_Flack                   ? 
_refine.ls_abs_structure_Flack_esd               ? 
_refine.ls_abs_structure_Rogers                  ? 
_refine.ls_abs_structure_Rogers_esd              ? 
_refine.ls_d_res_high                            2.10 
_refine.ls_d_res_low                             48.88 
_refine.ls_extinction_coef                       ? 
_refine.ls_extinction_coef_esd                   ? 
_refine.ls_extinction_expression                 ? 
_refine.ls_extinction_method                     ? 
_refine.ls_goodness_of_fit_all                   ? 
_refine.ls_goodness_of_fit_all_esd               ? 
_refine.ls_goodness_of_fit_obs                   ? 
_refine.ls_goodness_of_fit_obs_esd               ? 
_refine.ls_hydrogen_treatment                    ? 
_refine.ls_matrix_type                           ? 
_refine.ls_number_constraints                    ? 
_refine.ls_number_parameters                     ? 
_refine.ls_number_reflns_all                     ? 
_refine.ls_number_reflns_obs                     10600 
_refine.ls_number_reflns_R_free                  575 
_refine.ls_number_reflns_R_work                  ? 
_refine.ls_number_restraints                     ? 
_refine.ls_percent_reflns_obs                    99.85 
_refine.ls_percent_reflns_R_free                 5.1 
_refine.ls_R_factor_all                          ? 
_refine.ls_R_factor_obs                          0.19647 
_refine.ls_R_factor_R_free                       0.25618 
_refine.ls_R_factor_R_free_error                 ? 
_refine.ls_R_factor_R_free_error_details         ? 
_refine.ls_R_factor_R_work                       0.19351 
_refine.ls_R_Fsqd_factor_obs                     ? 
_refine.ls_R_I_factor_obs                        ? 
_refine.ls_redundancy_reflns_all                 ? 
_refine.ls_redundancy_reflns_obs                 ? 
_refine.ls_restrained_S_all                      ? 
_refine.ls_restrained_S_obs                      ? 
_refine.ls_shift_over_esd_max                    ? 
_refine.ls_shift_over_esd_mean                   ? 
_refine.ls_structure_factor_coef                 ? 
_refine.ls_weighting_details                     ? 
_refine.ls_weighting_scheme                      ? 
_refine.ls_wR_factor_all                         ? 
_refine.ls_wR_factor_obs                         ? 
_refine.ls_wR_factor_R_free                      ? 
_refine.ls_wR_factor_R_work                      ? 
_refine.occupancy_max                            ? 
_refine.occupancy_min                            ? 
_refine.solvent_model_details                    ? 
_refine.solvent_model_param_bsol                 ? 
_refine.solvent_model_param_ksol                 ? 
_refine.ls_R_factor_gt                           ? 
_refine.ls_goodness_of_fit_gt                    ? 
_refine.ls_goodness_of_fit_ref                   ? 
_refine.ls_shift_over_su_max                     ? 
_refine.ls_shift_over_su_max_lt                  ? 
_refine.ls_shift_over_su_mean                    ? 
_refine.ls_shift_over_su_mean_lt                 ? 
_refine.pdbx_ls_sigma_I                          ? 
_refine.pdbx_ls_sigma_F                          ? 
_refine.pdbx_ls_sigma_Fsqd                       ? 
_refine.pdbx_data_cutoff_high_absF               ? 
_refine.pdbx_data_cutoff_high_rms_absF           ? 
_refine.pdbx_data_cutoff_low_absF                ? 
_refine.pdbx_isotropic_thermal_model             ? 
_refine.pdbx_ls_cross_valid_method               THROUGHOUT 
_refine.pdbx_method_to_determine_struct          'MOLECULAR REPLACEMENT' 
_refine.pdbx_starting_model                      6IBI 
_refine.pdbx_stereochemistry_target_values       ? 
_refine.pdbx_R_Free_selection_details            RANDOM 
_refine.pdbx_stereochem_target_val_spec_case     ? 
_refine.pdbx_overall_ESU_R                       0.194 
_refine.pdbx_overall_ESU_R_Free                  0.187 
_refine.pdbx_solvent_vdw_probe_radii             1.20 
_refine.pdbx_solvent_ion_probe_radii             0.80 
_refine.pdbx_solvent_shrinkage_radii             0.80 
_refine.pdbx_real_space_R                        ? 
_refine.pdbx_density_correlation                 ? 
_refine.pdbx_pd_number_of_powder_patterns        ? 
_refine.pdbx_pd_number_of_points                 ? 
_refine.pdbx_pd_meas_number_of_points            ? 
_refine.pdbx_pd_proc_ls_prof_R_factor            ? 
_refine.pdbx_pd_proc_ls_prof_wR_factor           ? 
_refine.pdbx_pd_Marquardt_correlation_coeff      ? 
_refine.pdbx_pd_Fsqrd_R_factor                   ? 
_refine.pdbx_pd_ls_matrix_band_width             ? 
_refine.pdbx_overall_phase_error                 ? 
_refine.pdbx_overall_SU_R_free_Cruickshank_DPI   ? 
_refine.pdbx_overall_SU_R_free_Blow_DPI          ? 
_refine.pdbx_overall_SU_R_Blow_DPI               ? 
_refine.pdbx_TLS_residual_ADP_flag               ? 
_refine.pdbx_diffrn_id                           1 
_refine.overall_SU_B                             7.025 
_refine.overall_SU_ML                            0.168 
_refine.overall_SU_R_Cruickshank_DPI             ? 
_refine.overall_SU_R_free                        ? 
_refine.overall_FOM_free_R_set                   ? 
_refine.overall_FOM_work_R_set                   ? 
_refine.pdbx_average_fsc_overall                 ? 
_refine.pdbx_average_fsc_work                    ? 
_refine.pdbx_average_fsc_free                    ? 
# 
_refine_hist.pdbx_refine_id                   'X-RAY DIFFRACTION' 
_refine_hist.cycle_id                         1 
_refine_hist.pdbx_number_atoms_protein        1125 
_refine_hist.pdbx_number_atoms_nucleic_acid   0 
_refine_hist.pdbx_number_atoms_ligand         57 
_refine_hist.number_atoms_solvent             55 
_refine_hist.number_atoms_total               1237 
_refine_hist.d_res_high                       2.10 
_refine_hist.d_res_low                        48.88 
# 
loop_
_refine_ls_restr.pdbx_refine_id 
_refine_ls_restr.criterion 
_refine_ls_restr.dev_ideal 
_refine_ls_restr.dev_ideal_target 
_refine_ls_restr.number 
_refine_ls_restr.rejects 
_refine_ls_restr.type 
_refine_ls_restr.weight 
_refine_ls_restr.pdbx_restraint_function 
'X-RAY DIFFRACTION' ? 0.010  0.014  1217 ? r_bond_refined_d             ? ? 
'X-RAY DIFFRACTION' ? 0.001  0.018  989  ? r_bond_other_d               ? ? 
'X-RAY DIFFRACTION' ? 1.255  1.625  1664 ? r_angle_refined_deg          ? ? 
'X-RAY DIFFRACTION' ? 0.823  1.617  2316 ? r_angle_other_deg            ? ? 
'X-RAY DIFFRACTION' ? 7.232  5.000  149  ? r_dihedral_angle_1_deg       ? ? 
'X-RAY DIFFRACTION' ? 34.247 24.194 62   ? r_dihedral_angle_2_deg       ? ? 
'X-RAY DIFFRACTION' ? 12.387 15.000 153  ? r_dihedral_angle_3_deg       ? ? 
'X-RAY DIFFRACTION' ? 12.578 15.000 4    ? r_dihedral_angle_4_deg       ? ? 
'X-RAY DIFFRACTION' ? 0.054  0.200  172  ? r_chiral_restr               ? ? 
'X-RAY DIFFRACTION' ? 0.006  0.020  1404 ? r_gen_planes_refined         ? ? 
'X-RAY DIFFRACTION' ? 0.002  0.020  242  ? r_gen_planes_other           ? ? 
'X-RAY DIFFRACTION' ? ?      ?      ?    ? r_nbd_refined                ? ? 
'X-RAY DIFFRACTION' ? ?      ?      ?    ? r_nbd_other                  ? ? 
'X-RAY DIFFRACTION' ? ?      ?      ?    ? r_nbtor_refined              ? ? 
'X-RAY DIFFRACTION' ? ?      ?      ?    ? r_nbtor_other                ? ? 
'X-RAY DIFFRACTION' ? ?      ?      ?    ? r_xyhbond_nbd_refined        ? ? 
'X-RAY DIFFRACTION' ? ?      ?      ?    ? r_xyhbond_nbd_other          ? ? 
'X-RAY DIFFRACTION' ? ?      ?      ?    ? r_metal_ion_refined          ? ? 
'X-RAY DIFFRACTION' ? ?      ?      ?    ? r_metal_ion_other            ? ? 
'X-RAY DIFFRACTION' ? ?      ?      ?    ? r_symmetry_vdw_refined       ? ? 
'X-RAY DIFFRACTION' ? ?      ?      ?    ? r_symmetry_vdw_other         ? ? 
'X-RAY DIFFRACTION' ? ?      ?      ?    ? r_symmetry_hbond_refined     ? ? 
'X-RAY DIFFRACTION' ? ?      ?      ?    ? r_symmetry_hbond_other       ? ? 
'X-RAY DIFFRACTION' ? ?      ?      ?    ? r_symmetry_metal_ion_refined ? ? 
'X-RAY DIFFRACTION' ? ?      ?      ?    ? r_symmetry_metal_ion_other   ? ? 
'X-RAY DIFFRACTION' ? 3.769  5.577  599  ? r_mcbond_it                  ? ? 
'X-RAY DIFFRACTION' ? 3.767  5.568  598  ? r_mcbond_other               ? ? 
'X-RAY DIFFRACTION' ? 5.304  8.348  747  ? r_mcangle_it                 ? ? 
'X-RAY DIFFRACTION' ? 5.302  8.358  748  ? r_mcangle_other              ? ? 
'X-RAY DIFFRACTION' ? 4.654  5.874  618  ? r_scbond_it                  ? ? 
'X-RAY DIFFRACTION' ? 4.650  5.873  619  ? r_scbond_other               ? ? 
'X-RAY DIFFRACTION' ? ?      ?      ?    ? r_scangle_it                 ? ? 
'X-RAY DIFFRACTION' ? 6.714  8.696  918  ? r_scangle_other              ? ? 
'X-RAY DIFFRACTION' ? 8.201  66.064 1262 ? r_long_range_B_refined       ? ? 
'X-RAY DIFFRACTION' ? 8.203  65.970 1258 ? r_long_range_B_other         ? ? 
'X-RAY DIFFRACTION' ? ?      ?      ?    ? r_rigid_bond_restr           ? ? 
'X-RAY DIFFRACTION' ? ?      ?      ?    ? r_sphericity_free            ? ? 
'X-RAY DIFFRACTION' ? ?      ?      ?    ? r_sphericity_bonded          ? ? 
# 
_refine_ls_shell.pdbx_refine_id                   'X-RAY DIFFRACTION' 
_refine_ls_shell.d_res_high                       2.100 
_refine_ls_shell.d_res_low                        2.154 
_refine_ls_shell.number_reflns_all                ? 
_refine_ls_shell.number_reflns_obs                ? 
_refine_ls_shell.number_reflns_R_free             38 
_refine_ls_shell.number_reflns_R_work             767 
_refine_ls_shell.percent_reflns_obs               99.51 
_refine_ls_shell.percent_reflns_R_free            ? 
_refine_ls_shell.R_factor_all                     ? 
_refine_ls_shell.R_factor_obs                     ? 
_refine_ls_shell.R_factor_R_free                  0.341 
_refine_ls_shell.R_factor_R_free_error            ? 
_refine_ls_shell.R_factor_R_work                  0.343 
_refine_ls_shell.redundancy_reflns_all            ? 
_refine_ls_shell.redundancy_reflns_obs            ? 
_refine_ls_shell.wR_factor_all                    ? 
_refine_ls_shell.wR_factor_obs                    ? 
_refine_ls_shell.wR_factor_R_free                 ? 
_refine_ls_shell.wR_factor_R_work                 ? 
_refine_ls_shell.pdbx_total_number_of_bins_used   20 
_refine_ls_shell.pdbx_phase_error                 ? 
_refine_ls_shell.pdbx_fsc_work                    ? 
_refine_ls_shell.pdbx_fsc_free                    ? 
# 
_struct.entry_id                     6IBJ 
_struct.title                        'Copper binding protein from Laetisaria arvalis (LaX325)' 
_struct.pdbx_model_details           ? 
_struct.pdbx_formula_weight          ? 
_struct.pdbx_formula_weight_method   ? 
_struct.pdbx_model_type_details      ? 
_struct.pdbx_CASP_flag               N 
# 
_struct_keywords.entry_id        6IBJ 
_struct_keywords.text            'Auxiliary activity CAZyme, METAL BINDING PROTEIN' 
_struct_keywords.pdbx_keywords   'METAL BINDING PROTEIN' 
# 
loop_
_struct_asym.id 
_struct_asym.pdbx_blank_PDB_chainid_flag 
_struct_asym.pdbx_modified 
_struct_asym.entity_id 
_struct_asym.details 
A N N 1 ? 
B N N 2 ? 
C N N 2 ? 
D N N 3 ? 
E N N 2 ? 
F N N 2 ? 
G N N 4 ? 
# 
_struct_ref.id                         1 
_struct_ref.db_name                    PDB 
_struct_ref.db_code                    6IBJ 
_struct_ref.pdbx_db_accession          6IBJ 
_struct_ref.pdbx_db_isoform            ? 
_struct_ref.entity_id                  1 
_struct_ref.pdbx_seq_one_letter_code   ? 
_struct_ref.pdbx_align_begin           1 
# 
_struct_ref_seq.align_id                      1 
_struct_ref_seq.ref_id                        1 
_struct_ref_seq.pdbx_PDB_id_code              6IBJ 
_struct_ref_seq.pdbx_strand_id                A 
_struct_ref_seq.seq_align_beg                 1 
_struct_ref_seq.pdbx_seq_align_beg_ins_code   ? 
_struct_ref_seq.seq_align_end                 155 
_struct_ref_seq.pdbx_seq_align_end_ins_code   ? 
_struct_ref_seq.pdbx_db_accession             6IBJ 
_struct_ref_seq.db_align_beg                  1 
_struct_ref_seq.pdbx_db_align_beg_ins_code    ? 
_struct_ref_seq.db_align_end                  155 
_struct_ref_seq.pdbx_db_align_end_ins_code    ? 
_struct_ref_seq.pdbx_auth_seq_align_beg       1 
_struct_ref_seq.pdbx_auth_seq_align_end       155 
# 
_pdbx_struct_assembly.id                   1 
_pdbx_struct_assembly.details              author_and_software_defined_assembly 
_pdbx_struct_assembly.method_details       PISA 
_pdbx_struct_assembly.oligomeric_details   monomeric 
_pdbx_struct_assembly.oligomeric_count     1 
# 
loop_
_pdbx_struct_assembly_prop.biol_id 
_pdbx_struct_assembly_prop.type 
_pdbx_struct_assembly_prop.value 
_pdbx_struct_assembly_prop.details 
1 'ABSA (A^2)' 1300 ? 
1 MORE         4    ? 
1 'SSA (A^2)'  7430 ? 
# 
_pdbx_struct_assembly_gen.assembly_id       1 
_pdbx_struct_assembly_gen.oper_expression   1 
_pdbx_struct_assembly_gen.asym_id_list      A,B,C,D,E,F,G 
# 
_pdbx_struct_assembly_auth_evidence.id                     1 
_pdbx_struct_assembly_auth_evidence.assembly_id            1 
_pdbx_struct_assembly_auth_evidence.experimental_support   none 
_pdbx_struct_assembly_auth_evidence.details                ? 
# 
_pdbx_struct_oper_list.id                   1 
_pdbx_struct_oper_list.type                 'identity operation' 
_pdbx_struct_oper_list.name                 1_555 
_pdbx_struct_oper_list.symmetry_operation   x,y,z 
_pdbx_struct_oper_list.matrix[1][1]         1.0000000000 
_pdbx_struct_oper_list.matrix[1][2]         0.0000000000 
_pdbx_struct_oper_list.matrix[1][3]         0.0000000000 
_pdbx_struct_oper_list.vector[1]            0.0000000000 
_pdbx_struct_oper_list.matrix[2][1]         0.0000000000 
_pdbx_struct_oper_list.matrix[2][2]         1.0000000000 
_pdbx_struct_oper_list.matrix[2][3]         0.0000000000 
_pdbx_struct_oper_list.vector[2]            0.0000000000 
_pdbx_struct_oper_list.matrix[3][1]         0.0000000000 
_pdbx_struct_oper_list.matrix[3][2]         0.0000000000 
_pdbx_struct_oper_list.matrix[3][3]         1.0000000000 
_pdbx_struct_oper_list.vector[3]            0.0000000000 
# 
loop_
_struct_conf.conf_type_id 
_struct_conf.id 
_struct_conf.pdbx_PDB_helix_id 
_struct_conf.beg_label_comp_id 
_struct_conf.beg_label_asym_id 
_struct_conf.beg_label_seq_id 
_struct_conf.pdbx_beg_PDB_ins_code 
_struct_conf.end_label_comp_id 
_struct_conf.end_label_asym_id 
_struct_conf.end_label_seq_id 
_struct_conf.pdbx_end_PDB_ins_code 
_struct_conf.beg_auth_comp_id 
_struct_conf.beg_auth_asym_id 
_struct_conf.beg_auth_seq_id 
_struct_conf.end_auth_comp_id 
_struct_conf.end_auth_asym_id 
_struct_conf.end_auth_seq_id 
_struct_conf.pdbx_PDB_helix_class 
_struct_conf.details 
_struct_conf.pdbx_PDB_helix_length 
HELX_P HELX_P1 AA1 VAL A 14 ? GLU A 18  ? VAL A 14 GLU A 18  5 ? 5 
HELX_P HELX_P2 AA2 TYR A 20 ? HIS A 25  ? TYR A 20 HIS A 25  5 ? 6 
HELX_P HELX_P3 AA3 ALA A 66 ? LYS A 71  ? ALA A 66 LYS A 71  5 ? 6 
HELX_P HELX_P4 AA4 ASN A 97 ? LEU A 101 ? ASN A 97 LEU A 101 5 ? 5 
# 
_struct_conf_type.id          HELX_P 
_struct_conf_type.criteria    ? 
_struct_conf_type.reference   ? 
# 
loop_
_struct_conn.id 
_struct_conn.conn_type_id 
_struct_conn.pdbx_leaving_atom_flag 
_struct_conn.pdbx_PDB_id 
_struct_conn.ptnr1_label_asym_id 
_struct_conn.ptnr1_label_comp_id 
_struct_conn.ptnr1_label_seq_id 
_struct_conn.ptnr1_label_atom_id 
_struct_conn.pdbx_ptnr1_label_alt_id 
_struct_conn.pdbx_ptnr1_PDB_ins_code 
_struct_conn.pdbx_ptnr1_standard_comp_id 
_struct_conn.ptnr1_symmetry 
_struct_conn.ptnr2_label_asym_id 
_struct_conn.ptnr2_label_comp_id 
_struct_conn.ptnr2_label_seq_id 
_struct_conn.ptnr2_label_atom_id 
_struct_conn.pdbx_ptnr2_label_alt_id 
_struct_conn.pdbx_ptnr2_PDB_ins_code 
_struct_conn.ptnr1_auth_asym_id 
_struct_conn.ptnr1_auth_comp_id 
_struct_conn.ptnr1_auth_seq_id 
_struct_conn.ptnr2_auth_asym_id 
_struct_conn.ptnr2_auth_comp_id 
_struct_conn.ptnr2_auth_seq_id 
_struct_conn.ptnr2_symmetry 
_struct_conn.pdbx_ptnr3_label_atom_id 
_struct_conn.pdbx_ptnr3_label_seq_id 
_struct_conn.pdbx_ptnr3_label_comp_id 
_struct_conn.pdbx_ptnr3_label_asym_id 
_struct_conn.pdbx_ptnr3_label_alt_id 
_struct_conn.pdbx_ptnr3_PDB_ins_code 
_struct_conn.details 
_struct_conn.pdbx_dist_value 
_struct_conn.pdbx_value_order 
_struct_conn.pdbx_role 
disulf1 disulf ?   ? A CYS 22  SG  ? ? ? 1_555 A CYS 128 SG ? ? A CYS 22  A CYS 128 1_555 ? ? ? ? ? ? ? 2.107 ? ?               
disulf2 disulf ?   ? A CYS 93  SG  ? ? ? 1_555 A CYS 145 SG ? ? A CYS 93  A CYS 145 1_555 ? ? ? ? ? ? ? 2.081 ? ?               
covale1 covale one ? A ASN 31  ND2 ? ? ? 1_555 C NAG .   C1 ? ? A ASN 31  A NAG 202 1_555 ? ? ? ? ? ? ? 1.402 ? N-Glycosylation 
covale2 covale one ? A ASN 72  ND2 ? ? ? 1_555 E NAG .   C1 ? ? A ASN 72  A NAG 204 1_555 ? ? ? ? ? ? ? 1.437 ? N-Glycosylation 
covale3 covale one ? A ASN 111 ND2 ? ? ? 1_555 B NAG .   C1 ? ? A ASN 111 A NAG 201 1_555 ? ? ? ? ? ? ? 1.441 ? N-Glycosylation 
covale4 covale one ? A ASN 147 ND2 ? ? ? 1_555 F NAG .   C1 ? ? A ASN 147 A NAG 205 1_555 ? ? ? ? ? ? ? 1.440 ? N-Glycosylation 
metalc1 metalc ?   ? A HIS 1   N   ? ? ? 1_555 D CU  .   CU ? ? A HIS 1   A CU  203 1_555 ? ? ? ? ? ? ? 2.024 ? ?               
metalc2 metalc ?   ? A HIS 1   ND1 ? ? ? 1_555 D CU  .   CU ? ? A HIS 1   A CU  203 1_555 ? ? ? ? ? ? ? 2.045 ? ?               
metalc3 metalc ?   ? A HIS 49  NE2 ? ? ? 1_555 D CU  .   CU ? ? A HIS 49  A CU  203 1_555 ? ? ? ? ? ? ? 2.029 ? ?               
metalc4 metalc ?   ? A ASP 122 OD2 ? ? ? 1_555 D CU  .   CU ? ? A ASP 122 A CU  203 1_555 ? ? ? ? ? ? ? 1.983 ? ?               
# 
loop_
_struct_conn_type.id 
_struct_conn_type.criteria 
_struct_conn_type.reference 
disulf ? ? 
covale ? ? 
metalc ? ? 
# 
loop_
_pdbx_struct_conn_angle.id 
_pdbx_struct_conn_angle.ptnr1_label_atom_id 
_pdbx_struct_conn_angle.ptnr1_label_alt_id 
_pdbx_struct_conn_angle.ptnr1_label_asym_id 
_pdbx_struct_conn_angle.ptnr1_label_comp_id 
_pdbx_struct_conn_angle.ptnr1_label_seq_id 
_pdbx_struct_conn_angle.ptnr1_auth_atom_id 
_pdbx_struct_conn_angle.ptnr1_auth_asym_id 
_pdbx_struct_conn_angle.ptnr1_auth_comp_id 
_pdbx_struct_conn_angle.ptnr1_auth_seq_id 
_pdbx_struct_conn_angle.ptnr1_PDB_ins_code 
_pdbx_struct_conn_angle.ptnr1_symmetry 
_pdbx_struct_conn_angle.ptnr2_label_atom_id 
_pdbx_struct_conn_angle.ptnr2_label_alt_id 
_pdbx_struct_conn_angle.ptnr2_label_asym_id 
_pdbx_struct_conn_angle.ptnr2_label_comp_id 
_pdbx_struct_conn_angle.ptnr2_label_seq_id 
_pdbx_struct_conn_angle.ptnr2_auth_atom_id 
_pdbx_struct_conn_angle.ptnr2_auth_asym_id 
_pdbx_struct_conn_angle.ptnr2_auth_comp_id 
_pdbx_struct_conn_angle.ptnr2_auth_seq_id 
_pdbx_struct_conn_angle.ptnr2_PDB_ins_code 
_pdbx_struct_conn_angle.ptnr2_symmetry 
_pdbx_struct_conn_angle.ptnr3_label_atom_id 
_pdbx_struct_conn_angle.ptnr3_label_alt_id 
_pdbx_struct_conn_angle.ptnr3_label_asym_id 
_pdbx_struct_conn_angle.ptnr3_label_comp_id 
_pdbx_struct_conn_angle.ptnr3_label_seq_id 
_pdbx_struct_conn_angle.ptnr3_auth_atom_id 
_pdbx_struct_conn_angle.ptnr3_auth_asym_id 
_pdbx_struct_conn_angle.ptnr3_auth_comp_id 
_pdbx_struct_conn_angle.ptnr3_auth_seq_id 
_pdbx_struct_conn_angle.ptnr3_PDB_ins_code 
_pdbx_struct_conn_angle.ptnr3_symmetry 
_pdbx_struct_conn_angle.value 
_pdbx_struct_conn_angle.value_esd 
1 N   ? A HIS 1  ? A HIS 1  ? 1_555 CU ? D CU . ? A CU 203 ? 1_555 ND1 ? A HIS 1   ? A HIS 1   ? 1_555 91.7  ? 
2 N   ? A HIS 1  ? A HIS 1  ? 1_555 CU ? D CU . ? A CU 203 ? 1_555 NE2 ? A HIS 49  ? A HIS 49  ? 1_555 86.0  ? 
3 ND1 ? A HIS 1  ? A HIS 1  ? 1_555 CU ? D CU . ? A CU 203 ? 1_555 NE2 ? A HIS 49  ? A HIS 49  ? 1_555 175.4 ? 
4 N   ? A HIS 1  ? A HIS 1  ? 1_555 CU ? D CU . ? A CU 203 ? 1_555 OD2 ? A ASP 122 ? A ASP 122 ? 1_555 160.7 ? 
5 ND1 ? A HIS 1  ? A HIS 1  ? 1_555 CU ? D CU . ? A CU 203 ? 1_555 OD2 ? A ASP 122 ? A ASP 122 ? 1_555 82.7  ? 
6 NE2 ? A HIS 49 ? A HIS 49 ? 1_555 CU ? D CU . ? A CU 203 ? 1_555 OD2 ? A ASP 122 ? A ASP 122 ? 1_555 100.7 ? 
# 
loop_
_pdbx_modification_feature.ordinal 
_pdbx_modification_feature.label_comp_id 
_pdbx_modification_feature.label_asym_id 
_pdbx_modification_feature.label_seq_id 
_pdbx_modification_feature.label_alt_id 
_pdbx_modification_feature.modified_residue_label_comp_id 
_pdbx_modification_feature.modified_residue_label_asym_id 
_pdbx_modification_feature.modified_residue_label_seq_id 
_pdbx_modification_feature.modified_residue_label_alt_id 
_pdbx_modification_feature.auth_comp_id 
_pdbx_modification_feature.auth_asym_id 
_pdbx_modification_feature.auth_seq_id 
_pdbx_modification_feature.PDB_ins_code 
_pdbx_modification_feature.symmetry 
_pdbx_modification_feature.modified_residue_auth_comp_id 
_pdbx_modification_feature.modified_residue_auth_asym_id 
_pdbx_modification_feature.modified_residue_auth_seq_id 
_pdbx_modification_feature.modified_residue_PDB_ins_code 
_pdbx_modification_feature.modified_residue_symmetry 
_pdbx_modification_feature.comp_id_linking_atom 
_pdbx_modification_feature.modified_residue_id_linking_atom 
_pdbx_modification_feature.modified_residue_id 
_pdbx_modification_feature.ref_pcm_id 
_pdbx_modification_feature.ref_comp_id 
_pdbx_modification_feature.type 
_pdbx_modification_feature.category 
1 NAG B .  ? ASN A 111 ? NAG A 201 ? 1_555 ASN A 111 ? 1_555 C1 ND2 ASN 1 NAG N-Glycosylation Carbohydrate       
2 NAG C .  ? ASN A 31  ? NAG A 202 ? 1_555 ASN A 31  ? 1_555 C1 ND2 ASN 1 NAG N-Glycosylation Carbohydrate       
3 NAG E .  ? ASN A 72  ? NAG A 204 ? 1_555 ASN A 72  ? 1_555 C1 ND2 ASN 1 NAG N-Glycosylation Carbohydrate       
4 NAG F .  ? ASN A 147 ? NAG A 205 ? 1_555 ASN A 147 ? 1_555 C1 ND2 ASN 1 NAG N-Glycosylation Carbohydrate       
5 CYS A 22 ? CYS A 128 ? CYS A 22  ? 1_555 CYS A 128 ? 1_555 SG SG  .   . .   None            'Disulfide bridge' 
6 CYS A 93 ? CYS A 145 ? CYS A 93  ? 1_555 CYS A 145 ? 1_555 SG SG  .   . .   None            'Disulfide bridge' 
# 
loop_
_struct_mon_prot_cis.pdbx_id 
_struct_mon_prot_cis.label_comp_id 
_struct_mon_prot_cis.label_seq_id 
_struct_mon_prot_cis.label_asym_id 
_struct_mon_prot_cis.label_alt_id 
_struct_mon_prot_cis.pdbx_PDB_ins_code 
_struct_mon_prot_cis.auth_comp_id 
_struct_mon_prot_cis.auth_seq_id 
_struct_mon_prot_cis.auth_asym_id 
_struct_mon_prot_cis.pdbx_label_comp_id_2 
_struct_mon_prot_cis.pdbx_label_seq_id_2 
_struct_mon_prot_cis.pdbx_label_asym_id_2 
_struct_mon_prot_cis.pdbx_PDB_ins_code_2 
_struct_mon_prot_cis.pdbx_auth_comp_id_2 
_struct_mon_prot_cis.pdbx_auth_seq_id_2 
_struct_mon_prot_cis.pdbx_auth_asym_id_2 
_struct_mon_prot_cis.pdbx_PDB_model_num 
_struct_mon_prot_cis.pdbx_omega_angle 
1 TRP 6  A . ? TRP 6  A PRO 7  A ? PRO 7  A 1 -11.59 
2 ALA 50 A . ? ALA 50 A PRO 51 A ? PRO 51 A 1 5.49   
# 
loop_
_struct_sheet.id 
_struct_sheet.type 
_struct_sheet.number_strands 
_struct_sheet.details 
AA1 ? 3 ? 
AA2 ? 5 ? 
# 
loop_
_struct_sheet_order.sheet_id 
_struct_sheet_order.range_id_1 
_struct_sheet_order.range_id_2 
_struct_sheet_order.offset 
_struct_sheet_order.sense 
AA1 1 2 ? anti-parallel 
AA1 2 3 ? anti-parallel 
AA2 1 2 ? parallel      
AA2 2 3 ? anti-parallel 
AA2 3 4 ? anti-parallel 
AA2 4 5 ? anti-parallel 
# 
loop_
_struct_sheet_range.sheet_id 
_struct_sheet_range.id 
_struct_sheet_range.beg_label_comp_id 
_struct_sheet_range.beg_label_asym_id 
_struct_sheet_range.beg_label_seq_id 
_struct_sheet_range.pdbx_beg_PDB_ins_code 
_struct_sheet_range.end_label_comp_id 
_struct_sheet_range.end_label_asym_id 
_struct_sheet_range.end_label_seq_id 
_struct_sheet_range.pdbx_end_PDB_ins_code 
_struct_sheet_range.beg_auth_comp_id 
_struct_sheet_range.beg_auth_asym_id 
_struct_sheet_range.beg_auth_seq_id 
_struct_sheet_range.end_auth_comp_id 
_struct_sheet_range.end_auth_asym_id 
_struct_sheet_range.end_auth_seq_id 
AA1 1 PHE A 2   ? TRP A 6   ? PHE A 2   TRP A 6   
AA1 2 PHE A 42  ? SER A 47  ? PHE A 42  SER A 47  
AA1 3 GLY A 90  ? PRO A 95  ? GLY A 90  PRO A 95  
AA2 1 THR A 33  ? PRO A 36  ? THR A 33  PRO A 36  
AA2 2 ASN A 124 ? ARG A 134 ? ASN A 124 ARG A 134 
AA2 3 ASN A 111 ? THR A 119 ? ASN A 111 THR A 119 
AA2 4 TYR A 52  ? SER A 59  ? TYR A 52  SER A 59  
AA2 5 ILE A 79  ? VAL A 86  ? ILE A 79  VAL A 86  
# 
loop_
_pdbx_struct_sheet_hbond.sheet_id 
_pdbx_struct_sheet_hbond.range_id_1 
_pdbx_struct_sheet_hbond.range_id_2 
_pdbx_struct_sheet_hbond.range_1_label_atom_id 
_pdbx_struct_sheet_hbond.range_1_label_comp_id 
_pdbx_struct_sheet_hbond.range_1_label_asym_id 
_pdbx_struct_sheet_hbond.range_1_label_seq_id 
_pdbx_struct_sheet_hbond.range_1_PDB_ins_code 
_pdbx_struct_sheet_hbond.range_1_auth_atom_id 
_pdbx_struct_sheet_hbond.range_1_auth_comp_id 
_pdbx_struct_sheet_hbond.range_1_auth_asym_id 
_pdbx_struct_sheet_hbond.range_1_auth_seq_id 
_pdbx_struct_sheet_hbond.range_2_label_atom_id 
_pdbx_struct_sheet_hbond.range_2_label_comp_id 
_pdbx_struct_sheet_hbond.range_2_label_asym_id 
_pdbx_struct_sheet_hbond.range_2_label_seq_id 
_pdbx_struct_sheet_hbond.range_2_PDB_ins_code 
_pdbx_struct_sheet_hbond.range_2_auth_atom_id 
_pdbx_struct_sheet_hbond.range_2_auth_comp_id 
_pdbx_struct_sheet_hbond.range_2_auth_asym_id 
_pdbx_struct_sheet_hbond.range_2_auth_seq_id 
AA1 1 2 N TRP A 6   ? N TRP A 6   O SER A 44  ? O SER A 44  
AA1 2 3 N SER A 47  ? N SER A 47  O GLY A 90  ? O GLY A 90  
AA2 1 2 N PHE A 35  ? N PHE A 35  O THR A 132 ? O THR A 132 
AA2 2 3 O LEU A 125 ? O LEU A 125 N TYR A 118 ? N TYR A 118 
AA2 3 4 O THR A 119 ? O THR A 119 N THR A 53  ? N THR A 53  
AA2 4 5 N TYR A 52  ? N TYR A 52  O VAL A 86  ? O VAL A 86  
# 
_pdbx_entry_details.entry_id                   6IBJ 
_pdbx_entry_details.compound_details           ? 
_pdbx_entry_details.source_details             ? 
_pdbx_entry_details.nonpolymer_details         ? 
_pdbx_entry_details.sequence_details           ? 
_pdbx_entry_details.has_ligand_of_interest     ? 
_pdbx_entry_details.has_protein_modification   Y 
# 
loop_
_pdbx_validate_torsion.id 
_pdbx_validate_torsion.PDB_model_num 
_pdbx_validate_torsion.auth_comp_id 
_pdbx_validate_torsion.auth_asym_id 
_pdbx_validate_torsion.auth_seq_id 
_pdbx_validate_torsion.PDB_ins_code 
_pdbx_validate_torsion.label_alt_id 
_pdbx_validate_torsion.phi 
_pdbx_validate_torsion.psi 
1 1 PHE A 21  ? ? -39.58  123.75 
2 1 ASP A 63  ? ? -104.00 68.04  
3 1 ASN A 102 ? ? -95.10  58.97  
# 
_pdbx_validate_planes.id              1 
_pdbx_validate_planes.PDB_model_num   1 
_pdbx_validate_planes.auth_comp_id    ARG 
_pdbx_validate_planes.auth_asym_id    A 
_pdbx_validate_planes.auth_seq_id     134 
_pdbx_validate_planes.PDB_ins_code    ? 
_pdbx_validate_planes.label_alt_id    ? 
_pdbx_validate_planes.rmsd            0.082 
_pdbx_validate_planes.type            'SIDE CHAIN' 
# 
loop_
_pdbx_unobs_or_zero_occ_residues.id 
_pdbx_unobs_or_zero_occ_residues.PDB_model_num 
_pdbx_unobs_or_zero_occ_residues.polymer_flag 
_pdbx_unobs_or_zero_occ_residues.occupancy_flag 
_pdbx_unobs_or_zero_occ_residues.auth_asym_id 
_pdbx_unobs_or_zero_occ_residues.auth_comp_id 
_pdbx_unobs_or_zero_occ_residues.auth_seq_id 
_pdbx_unobs_or_zero_occ_residues.PDB_ins_code 
_pdbx_unobs_or_zero_occ_residues.label_asym_id 
_pdbx_unobs_or_zero_occ_residues.label_comp_id 
_pdbx_unobs_or_zero_occ_residues.label_seq_id 
1 1 Y 1 A HIS 151 ? A HIS 151 
2 1 Y 1 A HIS 152 ? A HIS 152 
3 1 Y 1 A HIS 153 ? A HIS 153 
4 1 Y 1 A HIS 154 ? A HIS 154 
5 1 Y 1 A HIS 155 ? A HIS 155 
# 
loop_
_chem_comp_atom.comp_id 
_chem_comp_atom.atom_id 
_chem_comp_atom.type_symbol 
_chem_comp_atom.pdbx_aromatic_flag 
_chem_comp_atom.pdbx_stereo_config 
_chem_comp_atom.pdbx_ordinal 
ALA N    N  N N 1   
ALA CA   C  N S 2   
ALA C    C  N N 3   
ALA O    O  N N 4   
ALA CB   C  N N 5   
ALA OXT  O  N N 6   
ALA H    H  N N 7   
ALA H2   H  N N 8   
ALA HA   H  N N 9   
ALA HB1  H  N N 10  
ALA HB2  H  N N 11  
ALA HB3  H  N N 12  
ALA HXT  H  N N 13  
ARG N    N  N N 14  
ARG CA   C  N S 15  
ARG C    C  N N 16  
ARG O    O  N N 17  
ARG CB   C  N N 18  
ARG CG   C  N N 19  
ARG CD   C  N N 20  
ARG NE   N  N N 21  
ARG CZ   C  N N 22  
ARG NH1  N  N N 23  
ARG NH2  N  N N 24  
ARG OXT  O  N N 25  
ARG H    H  N N 26  
ARG H2   H  N N 27  
ARG HA   H  N N 28  
ARG HB2  H  N N 29  
ARG HB3  H  N N 30  
ARG HG2  H  N N 31  
ARG HG3  H  N N 32  
ARG HD2  H  N N 33  
ARG HD3  H  N N 34  
ARG HE   H  N N 35  
ARG HH11 H  N N 36  
ARG HH12 H  N N 37  
ARG HH21 H  N N 38  
ARG HH22 H  N N 39  
ARG HXT  H  N N 40  
ASN N    N  N N 41  
ASN CA   C  N S 42  
ASN C    C  N N 43  
ASN O    O  N N 44  
ASN CB   C  N N 45  
ASN CG   C  N N 46  
ASN OD1  O  N N 47  
ASN ND2  N  N N 48  
ASN OXT  O  N N 49  
ASN H    H  N N 50  
ASN H2   H  N N 51  
ASN HA   H  N N 52  
ASN HB2  H  N N 53  
ASN HB3  H  N N 54  
ASN HD21 H  N N 55  
ASN HD22 H  N N 56  
ASN HXT  H  N N 57  
ASP N    N  N N 58  
ASP CA   C  N S 59  
ASP C    C  N N 60  
ASP O    O  N N 61  
ASP CB   C  N N 62  
ASP CG   C  N N 63  
ASP OD1  O  N N 64  
ASP OD2  O  N N 65  
ASP OXT  O  N N 66  
ASP H    H  N N 67  
ASP H2   H  N N 68  
ASP HA   H  N N 69  
ASP HB2  H  N N 70  
ASP HB3  H  N N 71  
ASP HD2  H  N N 72  
ASP HXT  H  N N 73  
CU  CU   CU N N 74  
CYS N    N  N N 75  
CYS CA   C  N R 76  
CYS C    C  N N 77  
CYS O    O  N N 78  
CYS CB   C  N N 79  
CYS SG   S  N N 80  
CYS OXT  O  N N 81  
CYS H    H  N N 82  
CYS H2   H  N N 83  
CYS HA   H  N N 84  
CYS HB2  H  N N 85  
CYS HB3  H  N N 86  
CYS HG   H  N N 87  
CYS HXT  H  N N 88  
GLN N    N  N N 89  
GLN CA   C  N S 90  
GLN C    C  N N 91  
GLN O    O  N N 92  
GLN CB   C  N N 93  
GLN CG   C  N N 94  
GLN CD   C  N N 95  
GLN OE1  O  N N 96  
GLN NE2  N  N N 97  
GLN OXT  O  N N 98  
GLN H    H  N N 99  
GLN H2   H  N N 100 
GLN HA   H  N N 101 
GLN HB2  H  N N 102 
GLN HB3  H  N N 103 
GLN HG2  H  N N 104 
GLN HG3  H  N N 105 
GLN HE21 H  N N 106 
GLN HE22 H  N N 107 
GLN HXT  H  N N 108 
GLU N    N  N N 109 
GLU CA   C  N S 110 
GLU C    C  N N 111 
GLU O    O  N N 112 
GLU CB   C  N N 113 
GLU CG   C  N N 114 
GLU CD   C  N N 115 
GLU OE1  O  N N 116 
GLU OE2  O  N N 117 
GLU OXT  O  N N 118 
GLU H    H  N N 119 
GLU H2   H  N N 120 
GLU HA   H  N N 121 
GLU HB2  H  N N 122 
GLU HB3  H  N N 123 
GLU HG2  H  N N 124 
GLU HG3  H  N N 125 
GLU HE2  H  N N 126 
GLU HXT  H  N N 127 
GLY N    N  N N 128 
GLY CA   C  N N 129 
GLY C    C  N N 130 
GLY O    O  N N 131 
GLY OXT  O  N N 132 
GLY H    H  N N 133 
GLY H2   H  N N 134 
GLY HA2  H  N N 135 
GLY HA3  H  N N 136 
GLY HXT  H  N N 137 
HIS N    N  N N 138 
HIS CA   C  N S 139 
HIS C    C  N N 140 
HIS O    O  N N 141 
HIS CB   C  N N 142 
HIS CG   C  Y N 143 
HIS ND1  N  Y N 144 
HIS CD2  C  Y N 145 
HIS CE1  C  Y N 146 
HIS NE2  N  Y N 147 
HIS OXT  O  N N 148 
HIS H    H  N N 149 
HIS H2   H  N N 150 
HIS HA   H  N N 151 
HIS HB2  H  N N 152 
HIS HB3  H  N N 153 
HIS HD1  H  N N 154 
HIS HD2  H  N N 155 
HIS HE1  H  N N 156 
HIS HE2  H  N N 157 
HIS HXT  H  N N 158 
HOH O    O  N N 159 
HOH H1   H  N N 160 
HOH H2   H  N N 161 
ILE N    N  N N 162 
ILE CA   C  N S 163 
ILE C    C  N N 164 
ILE O    O  N N 165 
ILE CB   C  N S 166 
ILE CG1  C  N N 167 
ILE CG2  C  N N 168 
ILE CD1  C  N N 169 
ILE OXT  O  N N 170 
ILE H    H  N N 171 
ILE H2   H  N N 172 
ILE HA   H  N N 173 
ILE HB   H  N N 174 
ILE HG12 H  N N 175 
ILE HG13 H  N N 176 
ILE HG21 H  N N 177 
ILE HG22 H  N N 178 
ILE HG23 H  N N 179 
ILE HD11 H  N N 180 
ILE HD12 H  N N 181 
ILE HD13 H  N N 182 
ILE HXT  H  N N 183 
LEU N    N  N N 184 
LEU CA   C  N S 185 
LEU C    C  N N 186 
LEU O    O  N N 187 
LEU CB   C  N N 188 
LEU CG   C  N N 189 
LEU CD1  C  N N 190 
LEU CD2  C  N N 191 
LEU OXT  O  N N 192 
LEU H    H  N N 193 
LEU H2   H  N N 194 
LEU HA   H  N N 195 
LEU HB2  H  N N 196 
LEU HB3  H  N N 197 
LEU HG   H  N N 198 
LEU HD11 H  N N 199 
LEU HD12 H  N N 200 
LEU HD13 H  N N 201 
LEU HD21 H  N N 202 
LEU HD22 H  N N 203 
LEU HD23 H  N N 204 
LEU HXT  H  N N 205 
LYS N    N  N N 206 
LYS CA   C  N S 207 
LYS C    C  N N 208 
LYS O    O  N N 209 
LYS CB   C  N N 210 
LYS CG   C  N N 211 
LYS CD   C  N N 212 
LYS CE   C  N N 213 
LYS NZ   N  N N 214 
LYS OXT  O  N N 215 
LYS H    H  N N 216 
LYS H2   H  N N 217 
LYS HA   H  N N 218 
LYS HB2  H  N N 219 
LYS HB3  H  N N 220 
LYS HG2  H  N N 221 
LYS HG3  H  N N 222 
LYS HD2  H  N N 223 
LYS HD3  H  N N 224 
LYS HE2  H  N N 225 
LYS HE3  H  N N 226 
LYS HZ1  H  N N 227 
LYS HZ2  H  N N 228 
LYS HZ3  H  N N 229 
LYS HXT  H  N N 230 
NAG C1   C  N R 231 
NAG C2   C  N R 232 
NAG C3   C  N R 233 
NAG C4   C  N S 234 
NAG C5   C  N R 235 
NAG C6   C  N N 236 
NAG C7   C  N N 237 
NAG C8   C  N N 238 
NAG N2   N  N N 239 
NAG O1   O  N N 240 
NAG O3   O  N N 241 
NAG O4   O  N N 242 
NAG O5   O  N N 243 
NAG O6   O  N N 244 
NAG O7   O  N N 245 
NAG H1   H  N N 246 
NAG H2   H  N N 247 
NAG H3   H  N N 248 
NAG H4   H  N N 249 
NAG H5   H  N N 250 
NAG H61  H  N N 251 
NAG H62  H  N N 252 
NAG H81  H  N N 253 
NAG H82  H  N N 254 
NAG H83  H  N N 255 
NAG HN2  H  N N 256 
NAG HO1  H  N N 257 
NAG HO3  H  N N 258 
NAG HO4  H  N N 259 
NAG HO6  H  N N 260 
PHE N    N  N N 261 
PHE CA   C  N S 262 
PHE C    C  N N 263 
PHE O    O  N N 264 
PHE CB   C  N N 265 
PHE CG   C  Y N 266 
PHE CD1  C  Y N 267 
PHE CD2  C  Y N 268 
PHE CE1  C  Y N 269 
PHE CE2  C  Y N 270 
PHE CZ   C  Y N 271 
PHE OXT  O  N N 272 
PHE H    H  N N 273 
PHE H2   H  N N 274 
PHE HA   H  N N 275 
PHE HB2  H  N N 276 
PHE HB3  H  N N 277 
PHE HD1  H  N N 278 
PHE HD2  H  N N 279 
PHE HE1  H  N N 280 
PHE HE2  H  N N 281 
PHE HZ   H  N N 282 
PHE HXT  H  N N 283 
PRO N    N  N N 284 
PRO CA   C  N S 285 
PRO C    C  N N 286 
PRO O    O  N N 287 
PRO CB   C  N N 288 
PRO CG   C  N N 289 
PRO CD   C  N N 290 
PRO OXT  O  N N 291 
PRO H    H  N N 292 
PRO HA   H  N N 293 
PRO HB2  H  N N 294 
PRO HB3  H  N N 295 
PRO HG2  H  N N 296 
PRO HG3  H  N N 297 
PRO HD2  H  N N 298 
PRO HD3  H  N N 299 
PRO HXT  H  N N 300 
SER N    N  N N 301 
SER CA   C  N S 302 
SER C    C  N N 303 
SER O    O  N N 304 
SER CB   C  N N 305 
SER OG   O  N N 306 
SER OXT  O  N N 307 
SER H    H  N N 308 
SER H2   H  N N 309 
SER HA   H  N N 310 
SER HB2  H  N N 311 
SER HB3  H  N N 312 
SER HG   H  N N 313 
SER HXT  H  N N 314 
THR N    N  N N 315 
THR CA   C  N S 316 
THR C    C  N N 317 
THR O    O  N N 318 
THR CB   C  N R 319 
THR OG1  O  N N 320 
THR CG2  C  N N 321 
THR OXT  O  N N 322 
THR H    H  N N 323 
THR H2   H  N N 324 
THR HA   H  N N 325 
THR HB   H  N N 326 
THR HG1  H  N N 327 
THR HG21 H  N N 328 
THR HG22 H  N N 329 
THR HG23 H  N N 330 
THR HXT  H  N N 331 
TRP N    N  N N 332 
TRP CA   C  N S 333 
TRP C    C  N N 334 
TRP O    O  N N 335 
TRP CB   C  N N 336 
TRP CG   C  Y N 337 
TRP CD1  C  Y N 338 
TRP CD2  C  Y N 339 
TRP NE1  N  Y N 340 
TRP CE2  C  Y N 341 
TRP CE3  C  Y N 342 
TRP CZ2  C  Y N 343 
TRP CZ3  C  Y N 344 
TRP CH2  C  Y N 345 
TRP OXT  O  N N 346 
TRP H    H  N N 347 
TRP H2   H  N N 348 
TRP HA   H  N N 349 
TRP HB2  H  N N 350 
TRP HB3  H  N N 351 
TRP HD1  H  N N 352 
TRP HE1  H  N N 353 
TRP HE3  H  N N 354 
TRP HZ2  H  N N 355 
TRP HZ3  H  N N 356 
TRP HH2  H  N N 357 
TRP HXT  H  N N 358 
TYR N    N  N N 359 
TYR CA   C  N S 360 
TYR C    C  N N 361 
TYR O    O  N N 362 
TYR CB   C  N N 363 
TYR CG   C  Y N 364 
TYR CD1  C  Y N 365 
TYR CD2  C  Y N 366 
TYR CE1  C  Y N 367 
TYR CE2  C  Y N 368 
TYR CZ   C  Y N 369 
TYR OH   O  N N 370 
TYR OXT  O  N N 371 
TYR H    H  N N 372 
TYR H2   H  N N 373 
TYR HA   H  N N 374 
TYR HB2  H  N N 375 
TYR HB3  H  N N 376 
TYR HD1  H  N N 377 
TYR HD2  H  N N 378 
TYR HE1  H  N N 379 
TYR HE2  H  N N 380 
TYR HH   H  N N 381 
TYR HXT  H  N N 382 
VAL N    N  N N 383 
VAL CA   C  N S 384 
VAL C    C  N N 385 
VAL O    O  N N 386 
VAL CB   C  N N 387 
VAL CG1  C  N N 388 
VAL CG2  C  N N 389 
VAL OXT  O  N N 390 
VAL H    H  N N 391 
VAL H2   H  N N 392 
VAL HA   H  N N 393 
VAL HB   H  N N 394 
VAL HG11 H  N N 395 
VAL HG12 H  N N 396 
VAL HG13 H  N N 397 
VAL HG21 H  N N 398 
VAL HG22 H  N N 399 
VAL HG23 H  N N 400 
VAL HXT  H  N N 401 
# 
loop_
_chem_comp_bond.comp_id 
_chem_comp_bond.atom_id_1 
_chem_comp_bond.atom_id_2 
_chem_comp_bond.value_order 
_chem_comp_bond.pdbx_aromatic_flag 
_chem_comp_bond.pdbx_stereo_config 
_chem_comp_bond.pdbx_ordinal 
ALA N   CA   sing N N 1   
ALA N   H    sing N N 2   
ALA N   H2   sing N N 3   
ALA CA  C    sing N N 4   
ALA CA  CB   sing N N 5   
ALA CA  HA   sing N N 6   
ALA C   O    doub N N 7   
ALA C   OXT  sing N N 8   
ALA CB  HB1  sing N N 9   
ALA CB  HB2  sing N N 10  
ALA CB  HB3  sing N N 11  
ALA OXT HXT  sing N N 12  
ARG N   CA   sing N N 13  
ARG N   H    sing N N 14  
ARG N   H2   sing N N 15  
ARG CA  C    sing N N 16  
ARG CA  CB   sing N N 17  
ARG CA  HA   sing N N 18  
ARG C   O    doub N N 19  
ARG C   OXT  sing N N 20  
ARG CB  CG   sing N N 21  
ARG CB  HB2  sing N N 22  
ARG CB  HB3  sing N N 23  
ARG CG  CD   sing N N 24  
ARG CG  HG2  sing N N 25  
ARG CG  HG3  sing N N 26  
ARG CD  NE   sing N N 27  
ARG CD  HD2  sing N N 28  
ARG CD  HD3  sing N N 29  
ARG NE  CZ   sing N N 30  
ARG NE  HE   sing N N 31  
ARG CZ  NH1  sing N N 32  
ARG CZ  NH2  doub N N 33  
ARG NH1 HH11 sing N N 34  
ARG NH1 HH12 sing N N 35  
ARG NH2 HH21 sing N N 36  
ARG NH2 HH22 sing N N 37  
ARG OXT HXT  sing N N 38  
ASN N   CA   sing N N 39  
ASN N   H    sing N N 40  
ASN N   H2   sing N N 41  
ASN CA  C    sing N N 42  
ASN CA  CB   sing N N 43  
ASN CA  HA   sing N N 44  
ASN C   O    doub N N 45  
ASN C   OXT  sing N N 46  
ASN CB  CG   sing N N 47  
ASN CB  HB2  sing N N 48  
ASN CB  HB3  sing N N 49  
ASN CG  OD1  doub N N 50  
ASN CG  ND2  sing N N 51  
ASN ND2 HD21 sing N N 52  
ASN ND2 HD22 sing N N 53  
ASN OXT HXT  sing N N 54  
ASP N   CA   sing N N 55  
ASP N   H    sing N N 56  
ASP N   H2   sing N N 57  
ASP CA  C    sing N N 58  
ASP CA  CB   sing N N 59  
ASP CA  HA   sing N N 60  
ASP C   O    doub N N 61  
ASP C   OXT  sing N N 62  
ASP CB  CG   sing N N 63  
ASP CB  HB2  sing N N 64  
ASP CB  HB3  sing N N 65  
ASP CG  OD1  doub N N 66  
ASP CG  OD2  sing N N 67  
ASP OD2 HD2  sing N N 68  
ASP OXT HXT  sing N N 69  
CYS N   CA   sing N N 70  
CYS N   H    sing N N 71  
CYS N   H2   sing N N 72  
CYS CA  C    sing N N 73  
CYS CA  CB   sing N N 74  
CYS CA  HA   sing N N 75  
CYS C   O    doub N N 76  
CYS C   OXT  sing N N 77  
CYS CB  SG   sing N N 78  
CYS CB  HB2  sing N N 79  
CYS CB  HB3  sing N N 80  
CYS SG  HG   sing N N 81  
CYS OXT HXT  sing N N 82  
GLN N   CA   sing N N 83  
GLN N   H    sing N N 84  
GLN N   H2   sing N N 85  
GLN CA  C    sing N N 86  
GLN CA  CB   sing N N 87  
GLN CA  HA   sing N N 88  
GLN C   O    doub N N 89  
GLN C   OXT  sing N N 90  
GLN CB  CG   sing N N 91  
GLN CB  HB2  sing N N 92  
GLN CB  HB3  sing N N 93  
GLN CG  CD   sing N N 94  
GLN CG  HG2  sing N N 95  
GLN CG  HG3  sing N N 96  
GLN CD  OE1  doub N N 97  
GLN CD  NE2  sing N N 98  
GLN NE2 HE21 sing N N 99  
GLN NE2 HE22 sing N N 100 
GLN OXT HXT  sing N N 101 
GLU N   CA   sing N N 102 
GLU N   H    sing N N 103 
GLU N   H2   sing N N 104 
GLU CA  C    sing N N 105 
GLU CA  CB   sing N N 106 
GLU CA  HA   sing N N 107 
GLU C   O    doub N N 108 
GLU C   OXT  sing N N 109 
GLU CB  CG   sing N N 110 
GLU CB  HB2  sing N N 111 
GLU CB  HB3  sing N N 112 
GLU CG  CD   sing N N 113 
GLU CG  HG2  sing N N 114 
GLU CG  HG3  sing N N 115 
GLU CD  OE1  doub N N 116 
GLU CD  OE2  sing N N 117 
GLU OE2 HE2  sing N N 118 
GLU OXT HXT  sing N N 119 
GLY N   CA   sing N N 120 
GLY N   H    sing N N 121 
GLY N   H2   sing N N 122 
GLY CA  C    sing N N 123 
GLY CA  HA2  sing N N 124 
GLY CA  HA3  sing N N 125 
GLY C   O    doub N N 126 
GLY C   OXT  sing N N 127 
GLY OXT HXT  sing N N 128 
HIS N   CA   sing N N 129 
HIS N   H    sing N N 130 
HIS N   H2   sing N N 131 
HIS CA  C    sing N N 132 
HIS CA  CB   sing N N 133 
HIS CA  HA   sing N N 134 
HIS C   O    doub N N 135 
HIS C   OXT  sing N N 136 
HIS CB  CG   sing N N 137 
HIS CB  HB2  sing N N 138 
HIS CB  HB3  sing N N 139 
HIS CG  ND1  sing Y N 140 
HIS CG  CD2  doub Y N 141 
HIS ND1 CE1  doub Y N 142 
HIS ND1 HD1  sing N N 143 
HIS CD2 NE2  sing Y N 144 
HIS CD2 HD2  sing N N 145 
HIS CE1 NE2  sing Y N 146 
HIS CE1 HE1  sing N N 147 
HIS NE2 HE2  sing N N 148 
HIS OXT HXT  sing N N 149 
HOH O   H1   sing N N 150 
HOH O   H2   sing N N 151 
ILE N   CA   sing N N 152 
ILE N   H    sing N N 153 
ILE N   H2   sing N N 154 
ILE CA  C    sing N N 155 
ILE CA  CB   sing N N 156 
ILE CA  HA   sing N N 157 
ILE C   O    doub N N 158 
ILE C   OXT  sing N N 159 
ILE CB  CG1  sing N N 160 
ILE CB  CG2  sing N N 161 
ILE CB  HB   sing N N 162 
ILE CG1 CD1  sing N N 163 
ILE CG1 HG12 sing N N 164 
ILE CG1 HG13 sing N N 165 
ILE CG2 HG21 sing N N 166 
ILE CG2 HG22 sing N N 167 
ILE CG2 HG23 sing N N 168 
ILE CD1 HD11 sing N N 169 
ILE CD1 HD12 sing N N 170 
ILE CD1 HD13 sing N N 171 
ILE OXT HXT  sing N N 172 
LEU N   CA   sing N N 173 
LEU N   H    sing N N 174 
LEU N   H2   sing N N 175 
LEU CA  C    sing N N 176 
LEU CA  CB   sing N N 177 
LEU CA  HA   sing N N 178 
LEU C   O    doub N N 179 
LEU C   OXT  sing N N 180 
LEU CB  CG   sing N N 181 
LEU CB  HB2  sing N N 182 
LEU CB  HB3  sing N N 183 
LEU CG  CD1  sing N N 184 
LEU CG  CD2  sing N N 185 
LEU CG  HG   sing N N 186 
LEU CD1 HD11 sing N N 187 
LEU CD1 HD12 sing N N 188 
LEU CD1 HD13 sing N N 189 
LEU CD2 HD21 sing N N 190 
LEU CD2 HD22 sing N N 191 
LEU CD2 HD23 sing N N 192 
LEU OXT HXT  sing N N 193 
LYS N   CA   sing N N 194 
LYS N   H    sing N N 195 
LYS N   H2   sing N N 196 
LYS CA  C    sing N N 197 
LYS CA  CB   sing N N 198 
LYS CA  HA   sing N N 199 
LYS C   O    doub N N 200 
LYS C   OXT  sing N N 201 
LYS CB  CG   sing N N 202 
LYS CB  HB2  sing N N 203 
LYS CB  HB3  sing N N 204 
LYS CG  CD   sing N N 205 
LYS CG  HG2  sing N N 206 
LYS CG  HG3  sing N N 207 
LYS CD  CE   sing N N 208 
LYS CD  HD2  sing N N 209 
LYS CD  HD3  sing N N 210 
LYS CE  NZ   sing N N 211 
LYS CE  HE2  sing N N 212 
LYS CE  HE3  sing N N 213 
LYS NZ  HZ1  sing N N 214 
LYS NZ  HZ2  sing N N 215 
LYS NZ  HZ3  sing N N 216 
LYS OXT HXT  sing N N 217 
NAG C1  C2   sing N N 218 
NAG C1  O1   sing N N 219 
NAG C1  O5   sing N N 220 
NAG C1  H1   sing N N 221 
NAG C2  C3   sing N N 222 
NAG C2  N2   sing N N 223 
NAG C2  H2   sing N N 224 
NAG C3  C4   sing N N 225 
NAG C3  O3   sing N N 226 
NAG C3  H3   sing N N 227 
NAG C4  C5   sing N N 228 
NAG C4  O4   sing N N 229 
NAG C4  H4   sing N N 230 
NAG C5  C6   sing N N 231 
NAG C5  O5   sing N N 232 
NAG C5  H5   sing N N 233 
NAG C6  O6   sing N N 234 
NAG C6  H61  sing N N 235 
NAG C6  H62  sing N N 236 
NAG C7  C8   sing N N 237 
NAG C7  N2   sing N N 238 
NAG C7  O7   doub N N 239 
NAG C8  H81  sing N N 240 
NAG C8  H82  sing N N 241 
NAG C8  H83  sing N N 242 
NAG N2  HN2  sing N N 243 
NAG O1  HO1  sing N N 244 
NAG O3  HO3  sing N N 245 
NAG O4  HO4  sing N N 246 
NAG O6  HO6  sing N N 247 
PHE N   CA   sing N N 248 
PHE N   H    sing N N 249 
PHE N   H2   sing N N 250 
PHE CA  C    sing N N 251 
PHE CA  CB   sing N N 252 
PHE CA  HA   sing N N 253 
PHE C   O    doub N N 254 
PHE C   OXT  sing N N 255 
PHE CB  CG   sing N N 256 
PHE CB  HB2  sing N N 257 
PHE CB  HB3  sing N N 258 
PHE CG  CD1  doub Y N 259 
PHE CG  CD2  sing Y N 260 
PHE CD1 CE1  sing Y N 261 
PHE CD1 HD1  sing N N 262 
PHE CD2 CE2  doub Y N 263 
PHE CD2 HD2  sing N N 264 
PHE CE1 CZ   doub Y N 265 
PHE CE1 HE1  sing N N 266 
PHE CE2 CZ   sing Y N 267 
PHE CE2 HE2  sing N N 268 
PHE CZ  HZ   sing N N 269 
PHE OXT HXT  sing N N 270 
PRO N   CA   sing N N 271 
PRO N   CD   sing N N 272 
PRO N   H    sing N N 273 
PRO CA  C    sing N N 274 
PRO CA  CB   sing N N 275 
PRO CA  HA   sing N N 276 
PRO C   O    doub N N 277 
PRO C   OXT  sing N N 278 
PRO CB  CG   sing N N 279 
PRO CB  HB2  sing N N 280 
PRO CB  HB3  sing N N 281 
PRO CG  CD   sing N N 282 
PRO CG  HG2  sing N N 283 
PRO CG  HG3  sing N N 284 
PRO CD  HD2  sing N N 285 
PRO CD  HD3  sing N N 286 
PRO OXT HXT  sing N N 287 
SER N   CA   sing N N 288 
SER N   H    sing N N 289 
SER N   H2   sing N N 290 
SER CA  C    sing N N 291 
SER CA  CB   sing N N 292 
SER CA  HA   sing N N 293 
SER C   O    doub N N 294 
SER C   OXT  sing N N 295 
SER CB  OG   sing N N 296 
SER CB  HB2  sing N N 297 
SER CB  HB3  sing N N 298 
SER OG  HG   sing N N 299 
SER OXT HXT  sing N N 300 
THR N   CA   sing N N 301 
THR N   H    sing N N 302 
THR N   H2   sing N N 303 
THR CA  C    sing N N 304 
THR CA  CB   sing N N 305 
THR CA  HA   sing N N 306 
THR C   O    doub N N 307 
THR C   OXT  sing N N 308 
THR CB  OG1  sing N N 309 
THR CB  CG2  sing N N 310 
THR CB  HB   sing N N 311 
THR OG1 HG1  sing N N 312 
THR CG2 HG21 sing N N 313 
THR CG2 HG22 sing N N 314 
THR CG2 HG23 sing N N 315 
THR OXT HXT  sing N N 316 
TRP N   CA   sing N N 317 
TRP N   H    sing N N 318 
TRP N   H2   sing N N 319 
TRP CA  C    sing N N 320 
TRP CA  CB   sing N N 321 
TRP CA  HA   sing N N 322 
TRP C   O    doub N N 323 
TRP C   OXT  sing N N 324 
TRP CB  CG   sing N N 325 
TRP CB  HB2  sing N N 326 
TRP CB  HB3  sing N N 327 
TRP CG  CD1  doub Y N 328 
TRP CG  CD2  sing Y N 329 
TRP CD1 NE1  sing Y N 330 
TRP CD1 HD1  sing N N 331 
TRP CD2 CE2  doub Y N 332 
TRP CD2 CE3  sing Y N 333 
TRP NE1 CE2  sing Y N 334 
TRP NE1 HE1  sing N N 335 
TRP CE2 CZ2  sing Y N 336 
TRP CE3 CZ3  doub Y N 337 
TRP CE3 HE3  sing N N 338 
TRP CZ2 CH2  doub Y N 339 
TRP CZ2 HZ2  sing N N 340 
TRP CZ3 CH2  sing Y N 341 
TRP CZ3 HZ3  sing N N 342 
TRP CH2 HH2  sing N N 343 
TRP OXT HXT  sing N N 344 
TYR N   CA   sing N N 345 
TYR N   H    sing N N 346 
TYR N   H2   sing N N 347 
TYR CA  C    sing N N 348 
TYR CA  CB   sing N N 349 
TYR CA  HA   sing N N 350 
TYR C   O    doub N N 351 
TYR C   OXT  sing N N 352 
TYR CB  CG   sing N N 353 
TYR CB  HB2  sing N N 354 
TYR CB  HB3  sing N N 355 
TYR CG  CD1  doub Y N 356 
TYR CG  CD2  sing Y N 357 
TYR CD1 CE1  sing Y N 358 
TYR CD1 HD1  sing N N 359 
TYR CD2 CE2  doub Y N 360 
TYR CD2 HD2  sing N N 361 
TYR CE1 CZ   doub Y N 362 
TYR CE1 HE1  sing N N 363 
TYR CE2 CZ   sing Y N 364 
TYR CE2 HE2  sing N N 365 
TYR CZ  OH   sing N N 366 
TYR OH  HH   sing N N 367 
TYR OXT HXT  sing N N 368 
VAL N   CA   sing N N 369 
VAL N   H    sing N N 370 
VAL N   H2   sing N N 371 
VAL CA  C    sing N N 372 
VAL CA  CB   sing N N 373 
VAL CA  HA   sing N N 374 
VAL C   O    doub N N 375 
VAL C   OXT  sing N N 376 
VAL CB  CG1  sing N N 377 
VAL CB  CG2  sing N N 378 
VAL CB  HB   sing N N 379 
VAL CG1 HG11 sing N N 380 
VAL CG1 HG12 sing N N 381 
VAL CG1 HG13 sing N N 382 
VAL CG2 HG21 sing N N 383 
VAL CG2 HG22 sing N N 384 
VAL CG2 HG23 sing N N 385 
VAL OXT HXT  sing N N 386 
# 
loop_
_pdbx_audit_support.funding_organization 
_pdbx_audit_support.country 
_pdbx_audit_support.grant_number 
_pdbx_audit_support.ordinal 
'Novo Nordisk Foundation'                         Denmark NF17SA0027704            1 
'The Carlsberg Foundation'                        Denmark 'CF16-0673 & CF17-0533'  2 
'European Communitys Seventh Framework Programme' France  'grant agreement 609398' 3 
# 
_pdbx_initial_refinement_model.id               1 
_pdbx_initial_refinement_model.entity_id_list   ? 
_pdbx_initial_refinement_model.type             'experimental model' 
_pdbx_initial_refinement_model.source_name      PDB 
_pdbx_initial_refinement_model.accession_code   6IBI 
_pdbx_initial_refinement_model.details          ? 
# 
_atom_sites.entry_id                    6IBJ 
_atom_sites.fract_transf_matrix[1][1]   0.01269252 
_atom_sites.fract_transf_matrix[1][2]   -0.00107127 
_atom_sites.fract_transf_matrix[1][3]   0.00399015 
_atom_sites.fract_transf_matrix[2][1]   -0.00382880 
_atom_sites.fract_transf_matrix[2][2]   0.00179323 
_atom_sites.fract_transf_matrix[2][3]   0.01266071 
_atom_sites.fract_transf_matrix[3][1]   -0.00180590 
_atom_sites.fract_transf_matrix[3][2]   -0.01533866 
_atom_sites.fract_transf_matrix[3][3]   0.00162640 
_atom_sites.fract_transf_vector[1]      0.266172 
_atom_sites.fract_transf_vector[2]      -0.118216 
_atom_sites.fract_transf_vector[3]      -0.008133 
# 
loop_
_atom_type.symbol 
C  
CU 
N  
O  
S  
# 
loop_
_atom_site.group_PDB 
_atom_site.id 
_atom_site.type_symbol 
_atom_site.label_atom_id 
_atom_site.label_alt_id 
_atom_site.label_comp_id 
_atom_site.label_asym_id 
_atom_site.label_entity_id 
_atom_site.label_seq_id 
_atom_site.pdbx_PDB_ins_code 
_atom_site.Cartn_x 
_atom_site.Cartn_y 
_atom_site.Cartn_z 
_atom_site.occupancy 
_atom_site.B_iso_or_equiv 
_atom_site.pdbx_formal_charge 
_atom_site.auth_seq_id 
_atom_site.auth_comp_id 
_atom_site.auth_asym_id 
_atom_site.auth_atom_id 
_atom_site.pdbx_PDB_model_num 
ATOM   1    N  N   . HIS A 1 1   ? -12.592 -7.795  -4.290  1.00 61.28  ? 1   HIS A N   1 
ATOM   2    C  CA  . HIS A 1 1   ? -11.905 -6.509  -4.726  1.00 56.80  ? 1   HIS A CA  1 
ATOM   3    C  C   . HIS A 1 1   ? -11.700 -5.576  -3.519  1.00 53.93  ? 1   HIS A C   1 
ATOM   4    O  O   . HIS A 1 1   ? -12.351 -5.752  -2.478  1.00 47.70  ? 1   HIS A O   1 
ATOM   5    C  CB  . HIS A 1 1   ? -12.701 -5.887  -5.884  1.00 51.79  ? 1   HIS A CB  1 
ATOM   6    C  CG  . HIS A 1 1   ? -12.545 -6.676  -7.138  1.00 52.08  ? 1   HIS A CG  1 
ATOM   7    N  ND1 . HIS A 1 1   ? -12.781 -8.055  -7.191  1.00 60.35  ? 1   HIS A ND1 1 
ATOM   8    C  CD2 . HIS A 1 1   ? -12.107 -6.313  -8.361  1.00 51.75  ? 1   HIS A CD2 1 
ATOM   9    C  CE1 . HIS A 1 1   ? -12.513 -8.480  -8.415  1.00 57.67  ? 1   HIS A CE1 1 
ATOM   10   N  NE2 . HIS A 1 1   ? -12.110 -7.429  -9.150  1.00 52.59  ? 1   HIS A NE2 1 
ATOM   11   N  N   . PHE A 1 2   ? -10.790 -4.600  -3.650  1.00 48.37  ? 2   PHE A N   1 
ATOM   12   C  CA  . PHE A 1 2   ? -10.492 -3.702  -2.535  1.00 46.06  ? 2   PHE A CA  1 
ATOM   13   C  C   . PHE A 1 2   ? -10.179 -2.273  -3.014  1.00 43.07  ? 2   PHE A C   1 
ATOM   14   O  O   . PHE A 1 2   ? -9.761  -2.016  -4.134  1.00 45.46  ? 2   PHE A O   1 
ATOM   15   C  CB  . PHE A 1 2   ? -9.326  -4.260  -1.718  1.00 42.41  ? 2   PHE A CB  1 
ATOM   16   C  CG  . PHE A 1 2   ? -7.979  -4.056  -2.373  1.00 44.86  ? 2   PHE A CG  1 
ATOM   17   C  CD1 . PHE A 1 2   ? -7.568  -4.862  -3.432  1.00 43.87  ? 2   PHE A CD1 1 
ATOM   18   C  CD2 . PHE A 1 2   ? -7.128  -3.040  -1.951  1.00 42.14  ? 2   PHE A CD2 1 
ATOM   19   C  CE1 . PHE A 1 2   ? -6.325  -4.669  -4.022  1.00 44.84  ? 2   PHE A CE1 1 
ATOM   20   C  CE2 . PHE A 1 2   ? -5.889  -2.837  -2.549  1.00 42.92  ? 2   PHE A CE2 1 
ATOM   21   C  CZ  . PHE A 1 2   ? -5.497  -3.641  -3.596  1.00 45.45  ? 2   PHE A CZ  1 
ATOM   22   N  N   . GLN A 1 3   ? -10.347 -1.323  -2.102  1.00 44.41  ? 3   GLN A N   1 
ATOM   23   C  CA  . GLN A 1 3   ? -9.980  0.065   -2.313  1.00 47.74  ? 3   GLN A CA  1 
ATOM   24   C  C   . GLN A 1 3   ? -9.080  0.476   -1.142  1.00 47.22  ? 3   GLN A C   1 
ATOM   25   O  O   . GLN A 1 3   ? -9.321  0.126   0.004   1.00 47.81  ? 3   GLN A O   1 
ATOM   26   C  CB  . GLN A 1 3   ? -11.225 0.950   -2.432  1.00 49.08  ? 3   GLN A CB  1 
ATOM   27   C  CG  . GLN A 1 3   ? -12.312 0.396   -3.361  1.00 65.36  ? 3   GLN A CG  1 
ATOM   28   C  CD  . GLN A 1 3   ? -13.430 -0.373  -2.675  1.00 83.78  ? 3   GLN A CD  1 
ATOM   29   O  OE1 . GLN A 1 3   ? -14.105 0.145   -1.781  1.00 101.93 ? 3   GLN A OE1 1 
ATOM   30   N  NE2 . GLN A 1 3   ? -13.672 -1.608  -3.113  1.00 77.61  ? 3   GLN A NE2 1 
ATOM   31   N  N   . LEU A 1 4   ? -8.016  1.205   -1.445  1.00 44.97  ? 4   LEU A N   1 
ATOM   32   C  CA  . LEU A 1 4   ? -7.274  1.898   -0.442  1.00 48.18  ? 4   LEU A CA  1 
ATOM   33   C  C   . LEU A 1 4   ? -8.181  2.956   0.213   1.00 49.25  ? 4   LEU A C   1 
ATOM   34   O  O   . LEU A 1 4   ? -8.821  3.723   -0.475  1.00 47.08  ? 4   LEU A O   1 
ATOM   35   C  CB  . LEU A 1 4   ? -6.075  2.549   -1.123  1.00 48.40  ? 4   LEU A CB  1 
ATOM   36   C  CG  . LEU A 1 4   ? -4.844  1.674   -1.260  1.00 50.98  ? 4   LEU A CG  1 
ATOM   37   C  CD1 . LEU A 1 4   ? -3.861  2.270   -2.264  1.00 47.55  ? 4   LEU A CD1 1 
ATOM   38   C  CD2 . LEU A 1 4   ? -4.182  1.532   0.098   1.00 57.64  ? 4   LEU A CD2 1 
ATOM   39   N  N   . GLN A 1 5   ? -8.241  2.966   1.547   1.00 51.63  ? 5   GLN A N   1 
ATOM   40   C  CA  . GLN A 1 5   ? -8.849  4.045   2.296   1.00 48.22  ? 5   GLN A CA  1 
ATOM   41   C  C   . GLN A 1 5   ? -7.795  5.118   2.549   1.00 50.55  ? 5   GLN A C   1 
ATOM   42   O  O   . GLN A 1 5   ? -8.038  6.268   2.319   1.00 48.37  ? 5   GLN A O   1 
ATOM   43   C  CB  . GLN A 1 5   ? -9.384  3.595   3.651   1.00 52.34  ? 5   GLN A CB  1 
ATOM   44   C  CG  . GLN A 1 5   ? -10.377 2.451   3.598   1.00 57.19  ? 5   GLN A CG  1 
ATOM   45   C  CD  . GLN A 1 5   ? -11.612 2.802   2.817   1.00 62.12  ? 5   GLN A CD  1 
ATOM   46   O  OE1 . GLN A 1 5   ? -11.676 2.588   1.611   1.00 71.87  ? 5   GLN A OE1 1 
ATOM   47   N  NE2 . GLN A 1 5   ? -12.618 3.301   3.517   1.00 65.35  ? 5   GLN A NE2 1 
ATOM   48   N  N   . TRP A 1 6   ? -6.618  4.705   3.023   1.00 48.99  ? 6   TRP A N   1 
ATOM   49   C  CA  . TRP A 1 6   ? -5.548  5.619   3.299   1.00 49.69  ? 6   TRP A CA  1 
ATOM   50   C  C   . TRP A 1 6   ? -4.251  4.832   3.471   1.00 47.19  ? 6   TRP A C   1 
ATOM   51   O  O   . TRP A 1 6   ? -4.243  3.772   4.088   1.00 50.20  ? 6   TRP A O   1 
ATOM   52   C  CB  . TRP A 1 6   ? -5.863  6.464   4.552   1.00 49.72  ? 6   TRP A CB  1 
ATOM   53   C  CG  . TRP A 1 6   ? -4.929  7.623   4.730   1.00 48.89  ? 6   TRP A CG  1 
ATOM   54   C  CD1 . TRP A 1 6   ? -5.135  8.913   4.313   1.00 45.84  ? 6   TRP A CD1 1 
ATOM   55   C  CD2 . TRP A 1 6   ? -3.598  7.589   5.288   1.00 45.75  ? 6   TRP A CD2 1 
ATOM   56   N  NE1 . TRP A 1 6   ? -4.028  9.676   4.572   1.00 47.89  ? 6   TRP A NE1 1 
ATOM   57   C  CE2 . TRP A 1 6   ? -3.078  8.901   5.187   1.00 43.70  ? 6   TRP A CE2 1 
ATOM   58   C  CE3 . TRP A 1 6   ? -2.804  6.591   5.864   1.00 49.69  ? 6   TRP A CE3 1 
ATOM   59   C  CZ2 . TRP A 1 6   ? -1.817  9.239   5.661   1.00 44.56  ? 6   TRP A CZ2 1 
ATOM   60   C  CZ3 . TRP A 1 6   ? -1.544  6.919   6.316   1.00 45.88  ? 6   TRP A CZ3 1 
ATOM   61   C  CH2 . TRP A 1 6   ? -1.068  8.226   6.222   1.00 47.99  ? 6   TRP A CH2 1 
ATOM   62   N  N   . PRO A 1 7   ? -3.144  5.359   2.955   1.00 46.03  ? 7   PRO A N   1 
ATOM   63   C  CA  . PRO A 1 7   ? -3.087  6.495   2.040   1.00 44.99  ? 7   PRO A CA  1 
ATOM   64   C  C   . PRO A 1 7   ? -3.797  6.219   0.704   1.00 44.23  ? 7   PRO A C   1 
ATOM   65   O  O   . PRO A 1 7   ? -3.924  5.049   0.304   1.00 45.68  ? 7   PRO A O   1 
ATOM   66   C  CB  . PRO A 1 7   ? -1.574  6.643   1.830   1.00 45.99  ? 7   PRO A CB  1 
ATOM   67   C  CG  . PRO A 1 7   ? -1.066  5.216   1.874   1.00 47.25  ? 7   PRO A CG  1 
ATOM   68   C  CD  . PRO A 1 7   ? -1.889  4.577   2.977   1.00 46.27  ? 7   PRO A CD  1 
ATOM   69   N  N   . GLY A 1 8   ? -4.267  7.280   0.033   1.00 41.17  ? 8   GLY A N   1 
ATOM   70   C  CA  . GLY A 1 8   ? -5.150  7.153   -1.129  1.00 40.74  ? 8   GLY A CA  1 
ATOM   71   C  C   . GLY A 1 8   ? -4.406  6.665   -2.368  1.00 43.79  ? 8   GLY A C   1 
ATOM   72   O  O   . GLY A 1 8   ? -3.188  6.920   -2.559  1.00 42.39  ? 8   GLY A O   1 
ATOM   73   N  N   . ALA A 1 9   ? -5.154  5.950   -3.214  1.00 41.63  ? 9   ALA A N   1 
ATOM   74   C  CA  . ALA A 1 9   ? -4.662  5.381   -4.446  1.00 43.93  ? 9   ALA A CA  1 
ATOM   75   C  C   . ALA A 1 9   ? -4.213  6.475   -5.435  1.00 41.95  ? 9   ALA A C   1 
ATOM   76   O  O   . ALA A 1 9   ? -4.585  7.638   -5.321  1.00 43.58  ? 9   ALA A O   1 
ATOM   77   C  CB  . ALA A 1 9   ? -5.767  4.542   -5.024  1.00 45.44  ? 9   ALA A CB  1 
ATOM   78   N  N   . ARG A 1 10  ? -3.451  6.061   -6.448  1.00 43.12  ? 10  ARG A N   1 
ATOM   79   C  CA  . ARG A 1 10  ? -2.904  6.942   -7.519  1.00 44.92  ? 10  ARG A CA  1 
ATOM   80   C  C   . ARG A 1 10  ? -4.020  7.582   -8.349  1.00 45.94  ? 10  ARG A C   1 
ATOM   81   O  O   . ARG A 1 10  ? -3.816  8.657   -8.939  1.00 51.09  ? 10  ARG A O   1 
ATOM   82   C  CB  . ARG A 1 10  ? -2.087  6.156   -8.546  1.00 43.67  ? 10  ARG A CB  1 
ATOM   83   C  CG  . ARG A 1 10  ? -0.689  5.796   -8.078  1.00 48.93  ? 10  ARG A CG  1 
ATOM   84   C  CD  . ARG A 1 10  ? 0.117   5.118   -9.174  1.00 43.90  ? 10  ARG A CD  1 
ATOM   85   N  NE  . ARG A 1 10  ? 1.466   4.925   -8.683  1.00 42.62  ? 10  ARG A NE  1 
ATOM   86   C  CZ  . ARG A 1 10  ? 2.489   4.488   -9.395  1.00 41.36  ? 10  ARG A CZ  1 
ATOM   87   N  NH1 . ARG A 1 10  ? 2.307   4.031   -10.628 1.00 36.27  ? 10  ARG A NH1 1 
ATOM   88   N  NH2 . ARG A 1 10  ? 3.695   4.555   -8.858  1.00 44.39  ? 10  ARG A NH2 1 
ATOM   89   N  N   . GLY A 1 11  ? -5.136  6.858   -8.457  1.00 42.36  ? 11  GLY A N   1 
ATOM   90   C  CA  . GLY A 1 11  ? -6.219  7.154   -9.363  1.00 47.24  ? 11  GLY A CA  1 
ATOM   91   C  C   . GLY A 1 11  ? -7.496  6.515   -8.875  1.00 47.09  ? 11  GLY A C   1 
ATOM   92   O  O   . GLY A 1 11  ? -7.494  5.836   -7.837  1.00 51.49  ? 11  GLY A O   1 
ATOM   93   N  N   . ALA A 1 12  ? -8.579  6.726   -9.627  1.00 48.83  ? 12  ALA A N   1 
ATOM   94   C  CA  . ALA A 1 12  ? -9.886  6.167   -9.291  1.00 52.90  ? 12  ALA A CA  1 
ATOM   95   C  C   . ALA A 1 12  ? -9.815  4.635   -9.316  1.00 54.32  ? 12  ALA A C   1 
ATOM   96   O  O   . ALA A 1 12  ? -9.099  4.031   -10.138 1.00 57.53  ? 12  ALA A O   1 
ATOM   97   C  CB  . ALA A 1 12  ? -10.938 6.672   -10.249 1.00 55.65  ? 12  ALA A CB  1 
ATOM   98   N  N   . PHE A 1 13  ? -10.548 4.032   -8.377  1.00 55.19  ? 13  PHE A N   1 
ATOM   99   C  CA  . PHE A 1 13  ? -10.818 2.601   -8.334  1.00 55.81  ? 13  PHE A CA  1 
ATOM   100  C  C   . PHE A 1 13  ? -11.697 2.192   -9.523  1.00 56.99  ? 13  PHE A C   1 
ATOM   101  O  O   . PHE A 1 13  ? -12.818 2.643   -9.619  1.00 64.73  ? 13  PHE A O   1 
ATOM   102  C  CB  . PHE A 1 13  ? -11.502 2.250   -7.018  1.00 50.65  ? 13  PHE A CB  1 
ATOM   103  C  CG  . PHE A 1 13  ? -12.137 0.884   -7.002  1.00 59.03  ? 13  PHE A CG  1 
ATOM   104  C  CD1 . PHE A 1 13  ? -11.384 -0.250  -6.723  1.00 54.39  ? 13  PHE A CD1 1 
ATOM   105  C  CD2 . PHE A 1 13  ? -13.491 0.732   -7.258  1.00 58.33  ? 13  PHE A CD2 1 
ATOM   106  C  CE1 . PHE A 1 13  ? -11.976 -1.504  -6.697  1.00 57.30  ? 13  PHE A CE1 1 
ATOM   107  C  CE2 . PHE A 1 13  ? -14.075 -0.529  -7.266  1.00 58.26  ? 13  PHE A CE2 1 
ATOM   108  C  CZ  . PHE A 1 13  ? -13.318 -1.645  -6.980  1.00 60.05  ? 13  PHE A CZ  1 
ATOM   109  N  N   . VAL A 1 14  ? -11.149 1.356   -10.418 1.00 62.06  ? 14  VAL A N   1 
ATOM   110  C  CA  . VAL A 1 14  ? -11.908 0.593   -11.422 1.00 58.92  ? 14  VAL A CA  1 
ATOM   111  C  C   . VAL A 1 14  ? -11.684 -0.912  -11.153 1.00 59.15  ? 14  VAL A C   1 
ATOM   112  O  O   . VAL A 1 14  ? -10.572 -1.447  -11.303 1.00 49.40  ? 14  VAL A O   1 
ATOM   113  C  CB  . VAL A 1 14  ? -11.503 1.001   -12.853 1.00 62.59  ? 14  VAL A CB  1 
ATOM   114  C  CG1 . VAL A 1 14  ? -12.250 0.230   -13.930 1.00 60.61  ? 14  VAL A CG1 1 
ATOM   115  C  CG2 . VAL A 1 14  ? -11.680 2.492   -13.070 1.00 65.36  ? 14  VAL A CG2 1 
ATOM   116  N  N   . ALA A 1 15  ? -12.761 -1.585  -10.737 1.00 50.50  ? 15  ALA A N   1 
ATOM   117  C  CA  . ALA A 1 15  ? -12.766 -2.985  -10.330 1.00 49.92  ? 15  ALA A CA  1 
ATOM   118  C  C   . ALA A 1 15  ? -12.036 -3.876  -11.359 1.00 59.51  ? 15  ALA A C   1 
ATOM   119  O  O   . ALA A 1 15  ? -11.111 -4.598  -10.986 1.00 58.46  ? 15  ALA A O   1 
ATOM   120  C  CB  . ALA A 1 15  ? -14.197 -3.410  -10.083 1.00 48.83  ? 15  ALA A CB  1 
ATOM   121  N  N   . ASN A 1 16  ? -12.402 -3.788  -12.651 1.00 56.55  ? 16  ASN A N   1 
ATOM   122  C  CA  . ASN A 1 16  ? -11.817 -4.619  -13.706 1.00 55.00  ? 16  ASN A CA  1 
ATOM   123  C  C   . ASN A 1 16  ? -10.348 -4.258  -13.994 1.00 55.98  ? 16  ASN A C   1 
ATOM   124  O  O   . ASN A 1 16  ? -9.659  -5.024  -14.652 1.00 62.51  ? 16  ASN A O   1 
ATOM   125  C  CB  . ASN A 1 16  ? -12.635 -4.543  -14.997 1.00 62.81  ? 16  ASN A CB  1 
ATOM   126  C  CG  . ASN A 1 16  ? -13.943 -5.304  -14.910 1.00 77.00  ? 16  ASN A CG  1 
ATOM   127  O  OD1 . ASN A 1 16  ? -14.107 -6.209  -14.076 1.00 74.65  ? 16  ASN A OD1 1 
ATOM   128  N  ND2 . ASN A 1 16  ? -14.880 -4.946  -15.777 1.00 74.80  ? 16  ASN A ND2 1 
ATOM   129  N  N   . ASP A 1 17  ? -9.857  -3.113  -13.515 1.00 50.60  ? 17  ASP A N   1 
ATOM   130  C  CA  . ASP A 1 17  ? -8.484  -2.690  -13.785 1.00 52.30  ? 17  ASP A CA  1 
ATOM   131  C  C   . ASP A 1 17  ? -7.513  -3.123  -12.679 1.00 45.83  ? 17  ASP A C   1 
ATOM   132  O  O   . ASP A 1 17  ? -6.317  -2.906  -12.843 1.00 46.39  ? 17  ASP A O   1 
ATOM   133  C  CB  . ASP A 1 17  ? -8.360  -1.166  -13.917 1.00 56.47  ? 17  ASP A CB  1 
ATOM   134  C  CG  . ASP A 1 17  ? -8.859  -0.594  -15.232 1.00 62.11  ? 17  ASP A CG  1 
ATOM   135  O  OD1 . ASP A 1 17  ? -8.974  -1.363  -16.207 1.00 61.37  ? 17  ASP A OD1 1 
ATOM   136  O  OD2 . ASP A 1 17  ? -9.138  0.615   -15.261 1.00 62.74  ? 17  ASP A OD2 1 
ATOM   137  N  N   . GLU A 1 18  ? -8.008  -3.720  -11.582 1.00 44.52  ? 18  GLU A N   1 
ATOM   138  C  CA  . GLU A 1 18  ? -7.160  -4.122  -10.436 1.00 48.07  ? 18  GLU A CA  1 
ATOM   139  C  C   . GLU A 1 18  ? -6.261  -5.323  -10.781 1.00 45.63  ? 18  GLU A C   1 
ATOM   140  O  O   . GLU A 1 18  ? -5.261  -5.563  -10.100 1.00 43.51  ? 18  GLU A O   1 
ATOM   141  C  CB  . GLU A 1 18  ? -7.997  -4.430  -9.194  1.00 46.05  ? 18  GLU A CB  1 
ATOM   142  C  CG  . GLU A 1 18  ? -8.542  -3.184  -8.545  1.00 44.93  ? 18  GLU A CG  1 
ATOM   143  C  CD  . GLU A 1 18  ? -9.051  -3.342  -7.121  1.00 46.03  ? 18  GLU A CD  1 
ATOM   144  O  OE1 . GLU A 1 18  ? -9.559  -4.434  -6.757  1.00 45.44  ? 18  GLU A OE1 1 
ATOM   145  O  OE2 . GLU A 1 18  ? -8.935  -2.356  -6.376  1.00 48.34  ? 18  GLU A OE2 1 
ATOM   146  N  N   . VAL A 1 19  ? -6.562  -6.029  -11.875 1.00 45.97  ? 19  VAL A N   1 
ATOM   147  C  CA  . VAL A 1 19  ? -5.694  -7.116  -12.351 1.00 49.88  ? 19  VAL A CA  1 
ATOM   148  C  C   . VAL A 1 19  ? -4.395  -6.564  -12.962 1.00 49.13  ? 19  VAL A C   1 
ATOM   149  O  O   . VAL A 1 19  ? -3.459  -7.344  -13.154 1.00 47.00  ? 19  VAL A O   1 
ATOM   150  C  CB  . VAL A 1 19  ? -6.411  -8.048  -13.341 1.00 52.77  ? 19  VAL A CB  1 
ATOM   151  C  CG1 . VAL A 1 19  ? -7.566  -8.755  -12.666 1.00 51.87  ? 19  VAL A CG1 1 
ATOM   152  C  CG2 . VAL A 1 19  ? -6.845  -7.324  -14.617 1.00 53.36  ? 19  VAL A CG2 1 
ATOM   153  N  N   . TYR A 1 20  ? -4.331  -5.257  -13.263 1.00 46.48  ? 20  TYR A N   1 
ATOM   154  C  CA  . TYR A 1 20  ? -3.135  -4.672  -13.877 1.00 49.69  ? 20  TYR A CA  1 
ATOM   155  C  C   . TYR A 1 20  ? -2.222  -4.080  -12.804 1.00 47.13  ? 20  TYR A C   1 
ATOM   156  O  O   . TYR A 1 20  ? -2.690  -3.711  -11.729 1.00 45.56  ? 20  TYR A O   1 
ATOM   157  C  CB  . TYR A 1 20  ? -3.518  -3.612  -14.914 1.00 53.79  ? 20  TYR A CB  1 
ATOM   158  C  CG  . TYR A 1 20  ? -4.295  -4.174  -16.077 1.00 52.46  ? 20  TYR A CG  1 
ATOM   159  C  CD1 . TYR A 1 20  ? -3.677  -4.946  -17.053 1.00 53.40  ? 20  TYR A CD1 1 
ATOM   160  C  CD2 . TYR A 1 20  ? -5.660  -3.993  -16.164 1.00 51.78  ? 20  TYR A CD2 1 
ATOM   161  C  CE1 . TYR A 1 20  ? -4.390  -5.485  -18.114 1.00 54.10  ? 20  TYR A CE1 1 
ATOM   162  C  CE2 . TYR A 1 20  ? -6.393  -4.534  -17.208 1.00 60.09  ? 20  TYR A CE2 1 
ATOM   163  C  CZ  . TYR A 1 20  ? -5.756  -5.283  -18.184 1.00 58.04  ? 20  TYR A CZ  1 
ATOM   164  O  OH  . TYR A 1 20  ? -6.504  -5.820  -19.187 1.00 65.04  ? 20  TYR A OH  1 
ATOM   165  N  N   . PHE A 1 21  ? -0.932  -3.968  -13.141 1.00 45.43  ? 21  PHE A N   1 
ATOM   166  C  CA  . PHE A 1 21  ? 0.038   -3.167  -12.387 1.00 46.25  ? 21  PHE A CA  1 
ATOM   167  C  C   . PHE A 1 21  ? -0.582  -1.840  -11.902 1.00 45.38  ? 21  PHE A C   1 
ATOM   168  O  O   . PHE A 1 21  ? -1.122  -1.049  -12.673 1.00 44.12  ? 21  PHE A O   1 
ATOM   169  C  CB  . PHE A 1 21  ? 1.268   -2.891  -13.249 1.00 46.22  ? 21  PHE A CB  1 
ATOM   170  C  CG  . PHE A 1 21  ? 2.279   -1.987  -12.590 1.00 51.08  ? 21  PHE A CG  1 
ATOM   171  C  CD1 . PHE A 1 21  ? 3.165   -2.480  -11.637 1.00 49.82  ? 21  PHE A CD1 1 
ATOM   172  C  CD2 . PHE A 1 21  ? 2.324   -0.632  -12.897 1.00 48.80  ? 21  PHE A CD2 1 
ATOM   173  C  CE1 . PHE A 1 21  ? 4.099   -1.645  -11.032 1.00 49.91  ? 21  PHE A CE1 1 
ATOM   174  C  CE2 . PHE A 1 21  ? 3.264   0.196   -12.298 1.00 48.48  ? 21  PHE A CE2 1 
ATOM   175  C  CZ  . PHE A 1 21  ? 4.147   -0.307  -11.367 1.00 49.42  ? 21  PHE A CZ  1 
ATOM   176  N  N   . CYS A 1 22  ? -0.528  -1.616  -10.588 1.00 44.63  ? 22  CYS A N   1 
ATOM   177  C  CA  . CYS A 1 22  ? -0.999  -0.366  -9.937  1.00 45.72  ? 22  CYS A CA  1 
ATOM   178  C  C   . CYS A 1 22  ? -2.443  -0.010  -10.330 1.00 42.20  ? 22  CYS A C   1 
ATOM   179  O  O   . CYS A 1 22  ? -2.825  1.164   -10.343 1.00 42.74  ? 22  CYS A O   1 
ATOM   180  C  CB  . CYS A 1 22  ? -0.064  0.803   -10.229 1.00 43.82  ? 22  CYS A CB  1 
ATOM   181  S  SG  . CYS A 1 22  ? 1.501   0.718   -9.314  1.00 47.00  ? 22  CYS A SG  1 
ATOM   182  N  N   . GLY A 1 23  ? -3.252  -1.028  -10.596 1.00 45.27  ? 23  GLY A N   1 
ATOM   183  C  CA  . GLY A 1 23  ? -4.660  -0.834  -10.887 1.00 46.78  ? 23  GLY A CA  1 
ATOM   184  C  C   . GLY A 1 23  ? -4.855  -0.130  -12.224 1.00 50.32  ? 23  GLY A C   1 
ATOM   185  O  O   . GLY A 1 23  ? -5.876  0.523   -12.408 1.00 46.68  ? 23  GLY A O   1 
ATOM   186  N  N   . ALA A 1 24  ? -3.882  -0.325  -13.141 1.00 45.18  ? 24  ALA A N   1 
ATOM   187  C  CA  . ALA A 1 24  ? -3.818  0.267   -14.477 1.00 46.57  ? 24  ALA A CA  1 
ATOM   188  C  C   . ALA A 1 24  ? -3.420  1.754   -14.410 1.00 48.95  ? 24  ALA A C   1 
ATOM   189  O  O   . ALA A 1 24  ? -3.460  2.441   -15.420 1.00 52.30  ? 24  ALA A O   1 
ATOM   190  C  CB  . ALA A 1 24  ? -5.119  0.078   -15.213 1.00 45.52  ? 24  ALA A CB  1 
ATOM   191  N  N   . HIS A 1 25  ? -3.024  2.252   -13.233 1.00 47.36  ? 25  HIS A N   1 
ATOM   192  C  CA  . HIS A 1 25  ? -2.394  3.572   -13.085 1.00 45.43  ? 25  HIS A CA  1 
ATOM   193  C  C   . HIS A 1 25  ? -0.877  3.375   -12.995 1.00 47.39  ? 25  HIS A C   1 
ATOM   194  O  O   . HIS A 1 25  ? -0.252  3.465   -11.916 1.00 46.07  ? 25  HIS A O   1 
ATOM   195  C  CB  . HIS A 1 25  ? -2.965  4.326   -11.878 1.00 47.23  ? 25  HIS A CB  1 
ATOM   196  C  CG  . HIS A 1 25  ? -4.444  4.508   -11.903 1.00 51.09  ? 25  HIS A CG  1 
ATOM   197  N  ND1 . HIS A 1 25  ? -5.070  5.397   -12.736 1.00 51.52  ? 25  HIS A ND1 1 
ATOM   198  C  CD2 . HIS A 1 25  ? -5.419  3.947   -11.154 1.00 57.28  ? 25  HIS A CD2 1 
ATOM   199  C  CE1 . HIS A 1 25  ? -6.363  5.363   -12.514 1.00 54.46  ? 25  HIS A CE1 1 
ATOM   200  N  NE2 . HIS A 1 25  ? -6.605  4.485   -11.544 1.00 52.70  ? 25  HIS A NE2 1 
ATOM   201  N  N   . ASN A 1 26  ? -0.279  3.105   -14.156 1.00 46.67  ? 26  ASN A N   1 
ATOM   202  C  CA  . ASN A 1 26  ? 1.106   2.660   -14.243 1.00 51.51  ? 26  ASN A CA  1 
ATOM   203  C  C   . ASN A 1 26  ? 2.099   3.808   -13.997 1.00 51.92  ? 26  ASN A C   1 
ATOM   204  O  O   . ASN A 1 26  ? 3.233   3.558   -13.564 1.00 49.28  ? 26  ASN A O   1 
ATOM   205  C  CB  . ASN A 1 26  ? 1.357   1.955   -15.577 1.00 56.39  ? 26  ASN A CB  1 
ATOM   206  C  CG  . ASN A 1 26  ? 1.071   2.861   -16.747 1.00 59.62  ? 26  ASN A CG  1 
ATOM   207  O  OD1 . ASN A 1 26  ? -0.031  3.398   -16.877 1.00 63.66  ? 26  ASN A OD1 1 
ATOM   208  N  ND2 . ASN A 1 26  ? 2.070   3.062   -17.585 1.00 63.79  ? 26  ASN A ND2 1 
ATOM   209  N  N   . ASN A 1 27  ? 1.695   5.051   -14.301 1.00 51.53  ? 27  ASN A N   1 
ATOM   210  C  CA  . ASN A 1 27  ? 2.550   6.214   -14.125 1.00 52.69  ? 27  ASN A CA  1 
ATOM   211  C  C   . ASN A 1 27  ? 2.414   6.749   -12.685 1.00 52.84  ? 27  ASN A C   1 
ATOM   212  O  O   . ASN A 1 27  ? 1.312   6.852   -12.089 1.00 43.63  ? 27  ASN A O   1 
ATOM   213  C  CB  . ASN A 1 27  ? 2.268   7.263   -15.207 1.00 56.18  ? 27  ASN A CB  1 
ATOM   214  C  CG  . ASN A 1 27  ? 2.661   6.816   -16.614 1.00 65.09  ? 27  ASN A CG  1 
ATOM   215  O  OD1 . ASN A 1 27  ? 1.899   7.010   -17.557 1.00 66.76  ? 27  ASN A OD1 1 
ATOM   216  N  ND2 . ASN A 1 27  ? 3.843   6.230   -16.793 1.00 59.70  ? 27  ASN A ND2 1 
ATOM   217  N  N   . VAL A 1 28  ? 3.564   7.111   -12.121 1.00 45.96  ? 28  VAL A N   1 
ATOM   218  C  CA  . VAL A 1 28  ? 3.635   7.719   -10.806 1.00 47.36  ? 28  VAL A CA  1 
ATOM   219  C  C   . VAL A 1 28  ? 3.006   9.122   -10.861 1.00 47.24  ? 28  VAL A C   1 
ATOM   220  O  O   . VAL A 1 28  ? 3.016   9.784   -11.909 1.00 42.67  ? 28  VAL A O   1 
ATOM   221  C  CB  . VAL A 1 28  ? 5.094   7.760   -10.308 1.00 44.51  ? 28  VAL A CB  1 
ATOM   222  C  CG1 . VAL A 1 28  ? 5.883   8.883   -10.966 1.00 43.57  ? 28  VAL A CG1 1 
ATOM   223  C  CG2 . VAL A 1 28  ? 5.159   7.862   -8.783  1.00 43.72  ? 28  VAL A CG2 1 
ATOM   224  N  N   . THR A 1 29  ? 2.454   9.542   -9.714  1.00 47.46  ? 29  THR A N   1 
ATOM   225  C  CA  . THR A 1 29  ? 1.750   10.786  -9.535  1.00 44.77  ? 29  THR A CA  1 
ATOM   226  C  C   . THR A 1 29  ? 2.573   11.694  -8.625  1.00 48.64  ? 29  THR A C   1 
ATOM   227  O  O   . THR A 1 29  ? 3.413   11.182  -7.882  1.00 41.09  ? 29  THR A O   1 
ATOM   228  C  CB  . THR A 1 29  ? 0.367   10.605  -8.902  1.00 46.63  ? 29  THR A CB  1 
ATOM   229  O  OG1 . THR A 1 29  ? 0.576   10.159  -7.566  1.00 43.23  ? 29  THR A OG1 1 
ATOM   230  C  CG2 . THR A 1 29  ? -0.536  9.654   -9.656  1.00 44.13  ? 29  THR A CG2 1 
ATOM   231  N  N   . THR A 1 30  ? 2.298   13.019  -8.712  1.00 44.65  ? 30  THR A N   1 
ATOM   232  C  CA  . THR A 1 30  ? 2.976   14.033  -7.937  1.00 42.84  ? 30  THR A CA  1 
ATOM   233  C  C   . THR A 1 30  ? 2.161   14.386  -6.694  1.00 46.23  ? 30  THR A C   1 
ATOM   234  O  O   . THR A 1 30  ? 2.745   14.960  -5.773  1.00 46.93  ? 30  THR A O   1 
ATOM   235  C  CB  . THR A 1 30  ? 3.269   15.309  -8.746  1.00 44.08  ? 30  THR A CB  1 
ATOM   236  O  OG1 . THR A 1 30  ? 2.056   15.777  -9.341  1.00 44.24  ? 30  THR A OG1 1 
ATOM   237  C  CG2 . THR A 1 30  ? 4.311   15.110  -9.821  1.00 40.90  ? 30  THR A CG2 1 
ATOM   238  N  N   . ASN A 1 31  ? 0.844   14.087  -6.684  1.00 42.61  ? 31  ASN A N   1 
ATOM   239  C  CA  . ASN A 1 31  ? -0.002  14.383  -5.516  1.00 42.98  ? 31  ASN A CA  1 
ATOM   240  C  C   . ASN A 1 31  ? 0.172   13.290  -4.442  1.00 43.96  ? 31  ASN A C   1 
ATOM   241  O  O   . ASN A 1 31  ? -0.711  12.505  -4.209  1.00 43.60  ? 31  ASN A O   1 
ATOM   242  C  CB  . ASN A 1 31  ? -1.470  14.611  -5.893  1.00 41.37  ? 31  ASN A CB  1 
ATOM   243  C  CG  . ASN A 1 31  ? -2.103  13.514  -6.718  1.00 43.71  ? 31  ASN A CG  1 
ATOM   244  O  OD1 . ASN A 1 31  ? -1.469  12.934  -7.594  1.00 41.79  ? 31  ASN A OD1 1 
ATOM   245  N  ND2 . ASN A 1 31  ? -3.365  13.235  -6.438  1.00 41.22  ? 31  ASN A ND2 1 
ATOM   246  N  N   . ARG A 1 32  ? 1.349   13.281  -3.802  1.00 43.59  ? 32  ARG A N   1 
ATOM   247  C  CA  . ARG A 1 32  ? 1.775   12.264  -2.846  1.00 44.62  ? 32  ARG A CA  1 
ATOM   248  C  C   . ARG A 1 32  ? 1.112   12.526  -1.483  1.00 46.70  ? 32  ARG A C   1 
ATOM   249  O  O   . ARG A 1 32  ? 0.808   13.671  -1.147  1.00 48.67  ? 32  ARG A O   1 
ATOM   250  C  CB  . ARG A 1 32  ? 3.307   12.274  -2.781  1.00 41.06  ? 32  ARG A CB  1 
ATOM   251  C  CG  . ARG A 1 32  ? 3.988   11.812  -4.062  1.00 43.26  ? 32  ARG A CG  1 
ATOM   252  C  CD  . ARG A 1 32  ? 5.495   11.746  -3.925  1.00 44.38  ? 32  ARG A CD  1 
ATOM   253  N  NE  . ARG A 1 32  ? 6.181   11.176  -5.083  1.00 41.92  ? 32  ARG A NE  1 
ATOM   254  C  CZ  . ARG A 1 32  ? 6.438   9.878   -5.271  1.00 46.27  ? 32  ARG A CZ  1 
ATOM   255  N  NH1 . ARG A 1 32  ? 6.064   8.966   -4.380  1.00 39.83  ? 32  ARG A NH1 1 
ATOM   256  N  NH2 . ARG A 1 32  ? 7.049   9.499   -6.382  1.00 41.87  ? 32  ARG A NH2 1 
ATOM   257  N  N   . THR A 1 33  ? 0.841   11.464  -0.715  1.00 47.96  ? 33  THR A N   1 
ATOM   258  C  CA  . THR A 1 33  ? 0.381   11.607  0.685   1.00 48.99  ? 33  THR A CA  1 
ATOM   259  C  C   . THR A 1 33  ? 1.617   11.645  1.596   1.00 51.97  ? 33  THR A C   1 
ATOM   260  O  O   . THR A 1 33  ? 2.531   10.832  1.444   1.00 51.65  ? 33  THR A O   1 
ATOM   261  C  CB  . THR A 1 33  ? -0.575  10.475  1.087   1.00 48.69  ? 33  THR A CB  1 
ATOM   262  O  OG1 . THR A 1 33  ? -1.695  10.424  0.206   1.00 45.95  ? 33  THR A OG1 1 
ATOM   263  C  CG2 . THR A 1 33  ? -1.125  10.611  2.496   1.00 49.60  ? 33  THR A CG2 1 
ATOM   264  N  N   . ASP A 1 34  ? 1.640   12.576  2.562   1.00 58.08  ? 34  ASP A N   1 
ATOM   265  C  CA  . ASP A 1 34  ? 2.673   12.558  3.616   1.00 55.33  ? 34  ASP A CA  1 
ATOM   266  C  C   . ASP A 1 34  ? 2.417   11.357  4.539   1.00 49.62  ? 34  ASP A C   1 
ATOM   267  O  O   . ASP A 1 34  ? 1.295   11.091  4.953   1.00 52.45  ? 34  ASP A O   1 
ATOM   268  C  CB  . ASP A 1 34  ? 2.735   13.865  4.408   1.00 57.43  ? 34  ASP A CB  1 
ATOM   269  C  CG  . ASP A 1 34  ? 3.331   15.048  3.660   1.00 59.65  ? 34  ASP A CG  1 
ATOM   270  O  OD1 . ASP A 1 34  ? 4.294   14.869  2.863   1.00 55.39  ? 34  ASP A OD1 1 
ATOM   271  O  OD2 . ASP A 1 34  ? 2.833   16.147  3.890   1.00 65.16  ? 34  ASP A OD2 1 
ATOM   272  N  N   . PHE A 1 35  ? 3.480   10.606  4.824   1.00 52.67  ? 35  PHE A N   1 
ATOM   273  C  CA  . PHE A 1 35  ? 3.366   9.336   5.543   1.00 54.00  ? 35  PHE A CA  1 
ATOM   274  C  C   . PHE A 1 35  ? 4.374   9.322   6.694   1.00 55.13  ? 35  PHE A C   1 
ATOM   275  O  O   . PHE A 1 35  ? 5.572   9.459   6.465   1.00 51.99  ? 35  PHE A O   1 
ATOM   276  C  CB  . PHE A 1 35  ? 3.586   8.155   4.596   1.00 55.56  ? 35  PHE A CB  1 
ATOM   277  C  CG  . PHE A 1 35  ? 3.128   6.824   5.147   1.00 54.22  ? 35  PHE A CG  1 
ATOM   278  C  CD1 . PHE A 1 35  ? 3.921   6.110   6.029   1.00 53.05  ? 35  PHE A CD1 1 
ATOM   279  C  CD2 . PHE A 1 35  ? 1.896   6.301   4.799   1.00 49.43  ? 35  PHE A CD2 1 
ATOM   280  C  CE1 . PHE A 1 35  ? 3.474   4.919   6.566   1.00 51.35  ? 35  PHE A CE1 1 
ATOM   281  C  CE2 . PHE A 1 35  ? 1.461   5.098   5.316   1.00 52.59  ? 35  PHE A CE2 1 
ATOM   282  C  CZ  . PHE A 1 35  ? 2.251   4.410   6.203   1.00 57.03  ? 35  PHE A CZ  1 
ATOM   283  N  N   . PRO A 1 36  ? 3.925   9.158   7.959   1.00 58.14  ? 36  PRO A N   1 
ATOM   284  C  CA  . PRO A 1 36  ? 4.801   9.328   9.116   1.00 59.40  ? 36  PRO A CA  1 
ATOM   285  C  C   . PRO A 1 36  ? 5.719   8.126   9.375   1.00 63.44  ? 36  PRO A C   1 
ATOM   286  O  O   . PRO A 1 36  ? 5.323   6.958   9.160   1.00 65.26  ? 36  PRO A O   1 
ATOM   287  C  CB  . PRO A 1 36  ? 3.812   9.502   10.267  1.00 62.60  ? 36  PRO A CB  1 
ATOM   288  C  CG  . PRO A 1 36  ? 2.622   8.665   9.850   1.00 64.99  ? 36  PRO A CG  1 
ATOM   289  C  CD  . PRO A 1 36  ? 2.554   8.781   8.342   1.00 63.04  ? 36  PRO A CD  1 
ATOM   290  N  N   . LEU A 1 37  ? 6.945   8.442   9.814   1.00 73.49  ? 37  LEU A N   1 
ATOM   291  C  CA  . LEU A 1 37  ? 7.974   7.463   10.175  1.00 75.00  ? 37  LEU A CA  1 
ATOM   292  C  C   . LEU A 1 37  ? 7.915   7.132   11.677  1.00 79.73  ? 37  LEU A C   1 
ATOM   293  O  O   . LEU A 1 37  ? 8.437   6.091   12.097  1.00 80.56  ? 37  LEU A O   1 
ATOM   294  C  CB  . LEU A 1 37  ? 9.338   8.038   9.793   1.00 68.19  ? 37  LEU A CB  1 
ATOM   295  C  CG  . LEU A 1 37  ? 9.608   8.129   8.294   1.00 72.06  ? 37  LEU A CG  1 
ATOM   296  C  CD1 . LEU A 1 37  ? 10.920  8.848   8.034   1.00 61.91  ? 37  LEU A CD1 1 
ATOM   297  C  CD2 . LEU A 1 37  ? 9.610   6.746   7.650   1.00 70.29  ? 37  LEU A CD2 1 
ATOM   298  N  N   . ASP A 1 38  ? 7.223   7.976   12.457  1.00 77.48  ? 38  ASP A N   1 
ATOM   299  C  CA  . ASP A 1 38  ? 7.256   7.950   13.925  1.00 73.92  ? 38  ASP A CA  1 
ATOM   300  C  C   . ASP A 1 38  ? 6.411   6.808   14.508  1.00 71.76  ? 38  ASP A C   1 
ATOM   301  O  O   . ASP A 1 38  ? 6.209   6.769   15.703  1.00 85.40  ? 38  ASP A O   1 
ATOM   302  C  CB  . ASP A 1 38  ? 6.775   9.285   14.500  1.00 74.93  ? 38  ASP A CB  1 
ATOM   303  C  CG  . ASP A 1 38  ? 5.305   9.599   14.268  1.00 80.23  ? 38  ASP A CG  1 
ATOM   304  O  OD1 . ASP A 1 38  ? 4.582   8.728   13.740  1.00 78.92  ? 38  ASP A OD1 1 
ATOM   305  O  OD2 . ASP A 1 38  ? 4.894   10.726  14.604  1.00 84.47  ? 38  ASP A OD2 1 
ATOM   306  N  N   . GLY A 1 39  ? 5.879   5.917   13.670  1.00 72.86  ? 39  GLY A N   1 
ATOM   307  C  CA  . GLY A 1 39  ? 5.140   4.745   14.129  1.00 64.25  ? 39  GLY A CA  1 
ATOM   308  C  C   . GLY A 1 39  ? 3.631   4.928   14.056  1.00 63.64  ? 39  GLY A C   1 
ATOM   309  O  O   . GLY A 1 39  ? 2.902   3.966   14.220  1.00 58.09  ? 39  GLY A O   1 
ATOM   310  N  N   . SER A 1 40  ? 3.158   6.153   13.779  1.00 64.91  ? 40  SER A N   1 
ATOM   311  C  CA  . SER A 1 40  ? 1.719   6.418   13.659  1.00 61.35  ? 40  SER A CA  1 
ATOM   312  C  C   . SER A 1 40  ? 1.178   6.015   12.278  1.00 64.13  ? 40  SER A C   1 
ATOM   313  O  O   . SER A 1 40  ? 0.008   6.208   12.009  1.00 67.50  ? 40  SER A O   1 
ATOM   314  C  CB  . SER A 1 40  ? 1.395   7.865   13.968  1.00 61.51  ? 40  SER A CB  1 
ATOM   315  O  OG  . SER A 1 40  ? 2.203   8.769   13.230  1.00 63.48  ? 40  SER A OG  1 
ATOM   316  N  N   . GLY A 1 41  ? 2.035   5.482   11.397  1.00 71.66  ? 41  GLY A N   1 
ATOM   317  C  CA  . GLY A 1 41  ? 1.641   5.113   10.043  1.00 63.38  ? 41  GLY A CA  1 
ATOM   318  C  C   . GLY A 1 41  ? 0.755   3.877   10.014  1.00 63.81  ? 41  GLY A C   1 
ATOM   319  O  O   . GLY A 1 41  ? 0.898   2.970   10.812  1.00 61.93  ? 41  GLY A O   1 
ATOM   320  N  N   . PHE A 1 42  ? -0.148  3.822   9.034   1.00 63.68  ? 42  PHE A N   1 
ATOM   321  C  CA  . PHE A 1 42  ? -0.953  2.650   8.781   1.00 57.86  ? 42  PHE A CA  1 
ATOM   322  C  C   . PHE A 1 42  ? -1.311  2.575   7.297   1.00 57.55  ? 42  PHE A C   1 
ATOM   323  O  O   . PHE A 1 42  ? -1.014  3.491   6.532   1.00 57.58  ? 42  PHE A O   1 
ATOM   324  C  CB  . PHE A 1 42  ? -2.220  2.673   9.633   1.00 58.73  ? 42  PHE A CB  1 
ATOM   325  C  CG  . PHE A 1 42  ? -3.142  3.839   9.386   1.00 60.30  ? 42  PHE A CG  1 
ATOM   326  C  CD1 . PHE A 1 42  ? -3.001  5.020   10.104  1.00 63.35  ? 42  PHE A CD1 1 
ATOM   327  C  CD2 . PHE A 1 42  ? -4.184  3.738   8.472   1.00 55.19  ? 42  PHE A CD2 1 
ATOM   328  C  CE1 . PHE A 1 42  ? -3.872  6.079   9.900   1.00 61.87  ? 42  PHE A CE1 1 
ATOM   329  C  CE2 . PHE A 1 42  ? -5.053  4.797   8.272   1.00 55.13  ? 42  PHE A CE2 1 
ATOM   330  C  CZ  . PHE A 1 42  ? -4.896  5.963   8.988   1.00 56.71  ? 42  PHE A CZ  1 
ATOM   331  N  N   . VAL A 1 43  ? -1.923  1.444   6.932   1.00 50.69  ? 43  VAL A N   1 
ATOM   332  C  CA  . VAL A 1 43  ? -2.532  1.228   5.646   1.00 54.22  ? 43  VAL A CA  1 
ATOM   333  C  C   . VAL A 1 43  ? -3.901  0.575   5.862   1.00 50.79  ? 43  VAL A C   1 
ATOM   334  O  O   . VAL A 1 43  ? -3.991  -0.527  6.372   1.00 49.02  ? 43  VAL A O   1 
ATOM   335  C  CB  . VAL A 1 43  ? -1.644  0.371   4.721   1.00 51.31  ? 43  VAL A CB  1 
ATOM   336  C  CG1 . VAL A 1 43  ? -2.389  0.051   3.441   1.00 49.66  ? 43  VAL A CG1 1 
ATOM   337  C  CG2 . VAL A 1 43  ? -0.299  1.038   4.438   1.00 49.18  ? 43  VAL A CG2 1 
ATOM   338  N  N   . SER A 1 44  ? -4.949  1.283   5.442   1.00 48.95  ? 44  SER A N   1 
ATOM   339  C  CA  . SER A 1 44  ? -6.318  0.882   5.579   1.00 45.06  ? 44  SER A CA  1 
ATOM   340  C  C   . SER A 1 44  ? -6.850  0.604   4.171   1.00 46.29  ? 44  SER A C   1 
ATOM   341  O  O   . SER A 1 44  ? -6.600  1.382   3.284   1.00 46.86  ? 44  SER A O   1 
ATOM   342  C  CB  . SER A 1 44  ? -7.119  1.947   6.282   1.00 44.84  ? 44  SER A CB  1 
ATOM   343  O  OG  . SER A 1 44  ? -8.511  1.717   6.146   1.00 49.81  ? 44  SER A OG  1 
ATOM   344  N  N   . ILE A 1 45  ? -7.535  -0.533  4.011   1.00 43.20  ? 45  ILE A N   1 
ATOM   345  C  CA  . ILE A 1 45  ? -8.201  -0.933  2.805   1.00 49.15  ? 45  ILE A CA  1 
ATOM   346  C  C   . ILE A 1 45  ? -9.630  -1.334  3.158   1.00 50.00  ? 45  ILE A C   1 
ATOM   347  O  O   . ILE A 1 45  ? -9.953  -1.500  4.328   1.00 48.06  ? 45  ILE A O   1 
ATOM   348  C  CB  . ILE A 1 45  ? -7.468  -2.089  2.086   1.00 50.06  ? 45  ILE A CB  1 
ATOM   349  C  CG1 . ILE A 1 45  ? -7.521  -3.405  2.869   1.00 48.48  ? 45  ILE A CG1 1 
ATOM   350  C  CG2 . ILE A 1 45  ? -6.038  -1.676  1.757   1.00 50.73  ? 45  ILE A CG2 1 
ATOM   351  C  CD1 . ILE A 1 45  ? -7.167  -4.622  2.040   1.00 46.14  ? 45  ILE A CD1 1 
ATOM   352  N  N   . LYS A 1 46  ? -10.451 -1.469  2.114   1.00 47.46  ? 46  LYS A N   1 
ATOM   353  C  CA  . LYS A 1 46  ? -11.788 -1.930  2.223   1.00 53.52  ? 46  LYS A CA  1 
ATOM   354  C  C   . LYS A 1 46  ? -11.928 -3.075  1.236   1.00 47.32  ? 46  LYS A C   1 
ATOM   355  O  O   . LYS A 1 46  ? -11.589 -2.877  0.091   1.00 46.67  ? 46  LYS A O   1 
ATOM   356  C  CB  . LYS A 1 46  ? -12.760 -0.792  1.908   1.00 62.43  ? 46  LYS A CB  1 
ATOM   357  C  CG  . LYS A 1 46  ? -14.041 -0.809  2.726   1.00 73.53  ? 46  LYS A CG  1 
ATOM   358  C  CD  . LYS A 1 46  ? -15.230 -0.200  2.009   1.00 83.49  ? 46  LYS A CD  1 
ATOM   359  C  CE  . LYS A 1 46  ? -16.564 -0.623  2.597   1.00 93.99  ? 46  LYS A CE  1 
ATOM   360  N  NZ  . LYS A 1 46  ? -17.702 0.086   1.955   1.00 91.70  ? 46  LYS A NZ  1 
ATOM   361  N  N   . SER A 1 47  ? -12.385 -4.249  1.697   1.00 49.21  ? 47  SER A N   1 
ATOM   362  C  CA  . SER A 1 47  ? -12.630 -5.432  0.800   1.00 49.72  ? 47  SER A CA  1 
ATOM   363  C  C   . SER A 1 47  ? -14.122 -5.784  0.748   1.00 47.61  ? 47  SER A C   1 
ATOM   364  O  O   . SER A 1 47  ? -14.774 -5.791  1.755   1.00 51.84  ? 47  SER A O   1 
ATOM   365  C  CB  . SER A 1 47  ? -11.851 -6.638  1.253   1.00 49.47  ? 47  SER A CB  1 
ATOM   366  O  OG  . SER A 1 47  ? -12.120 -7.738  0.401   1.00 45.79  ? 47  SER A OG  1 
ATOM   367  N  N   . GLY A 1 48  ? -14.631 -6.121  -0.432  1.00 46.76  ? 48  GLY A N   1 
ATOM   368  C  CA  . GLY A 1 48  ? -16.012 -6.494  -0.582  1.00 52.05  ? 48  GLY A CA  1 
ATOM   369  C  C   . GLY A 1 48  ? -16.293 -7.943  -0.192  1.00 55.88  ? 48  GLY A C   1 
ATOM   370  O  O   . GLY A 1 48  ? -17.447 -8.336  -0.089  1.00 58.52  ? 48  GLY A O   1 
ATOM   371  N  N   . HIS A 1 49  ? -15.252 -8.755  0.011   1.00 55.84  ? 49  HIS A N   1 
ATOM   372  C  CA  . HIS A 1 49  ? -15.451 -10.162 0.386   1.00 54.01  ? 49  HIS A CA  1 
ATOM   373  C  C   . HIS A 1 49  ? -14.233 -10.707 1.127   1.00 55.25  ? 49  HIS A C   1 
ATOM   374  O  O   . HIS A 1 49  ? -13.146 -10.134 1.061   1.00 54.53  ? 49  HIS A O   1 
ATOM   375  C  CB  . HIS A 1 49  ? -15.769 -11.025 -0.834  1.00 52.46  ? 49  HIS A CB  1 
ATOM   376  C  CG  . HIS A 1 49  ? -14.885 -10.796 -2.017  1.00 57.39  ? 49  HIS A CG  1 
ATOM   377  N  ND1 . HIS A 1 49  ? -13.717 -11.511 -2.209  1.00 51.66  ? 49  HIS A ND1 1 
ATOM   378  C  CD2 . HIS A 1 49  ? -15.011 -9.966  -3.083  1.00 57.25  ? 49  HIS A CD2 1 
ATOM   379  C  CE1 . HIS A 1 49  ? -13.174 -11.155 -3.368  1.00 59.14  ? 49  HIS A CE1 1 
ATOM   380  N  NE2 . HIS A 1 49  ? -13.936 -10.182 -3.919  1.00 57.90  ? 49  HIS A NE2 1 
ATOM   381  N  N   . ALA A 1 50  ? -14.470 -11.812 1.844   1.00 51.46  ? 50  ALA A N   1 
ATOM   382  C  CA  . ALA A 1 50  ? -13.473 -12.537 2.597   1.00 54.63  ? 50  ALA A CA  1 
ATOM   383  C  C   . ALA A 1 50  ? -13.794 -14.027 2.508   1.00 53.75  ? 50  ALA A C   1 
ATOM   384  O  O   . ALA A 1 50  ? -14.948 -14.393 2.323   1.00 53.67  ? 50  ALA A O   1 
ATOM   385  C  CB  . ALA A 1 50  ? -13.453 -12.058 4.024   1.00 56.98  ? 50  ALA A CB  1 
ATOM   386  N  N   . PRO A 1 51  ? -12.802 -14.932 2.649   1.00 47.74  ? 51  PRO A N   1 
ATOM   387  C  CA  . PRO A 1 51  ? -11.438 -14.548 3.000   1.00 48.00  ? 51  PRO A CA  1 
ATOM   388  C  C   . PRO A 1 51  ? -10.615 -14.024 1.815   1.00 47.07  ? 51  PRO A C   1 
ATOM   389  O  O   . PRO A 1 51  ? -10.990 -14.178 0.629   1.00 44.35  ? 51  PRO A O   1 
ATOM   390  C  CB  . PRO A 1 51  ? -10.862 -15.875 3.515   1.00 50.53  ? 51  PRO A CB  1 
ATOM   391  C  CG  . PRO A 1 51  ? -11.533 -16.895 2.633   1.00 48.38  ? 51  PRO A CG  1 
ATOM   392  C  CD  . PRO A 1 51  ? -12.955 -16.386 2.506   1.00 51.45  ? 51  PRO A CD  1 
ATOM   393  N  N   . TYR A 1 52  ? -9.473  -13.434 2.153   1.00 42.82  ? 52  TYR A N   1 
ATOM   394  C  CA  . TYR A 1 52  ? -8.519  -13.060 1.161   1.00 42.85  ? 52  TYR A CA  1 
ATOM   395  C  C   . TYR A 1 52  ? -7.137  -13.009 1.795   1.00 39.76  ? 52  TYR A C   1 
ATOM   396  O  O   . TYR A 1 52  ? -6.993  -12.911 3.016   1.00 45.70  ? 52  TYR A O   1 
ATOM   397  C  CB  . TYR A 1 52  ? -8.910  -11.715 0.539   1.00 45.54  ? 52  TYR A CB  1 
ATOM   398  C  CG  . TYR A 1 52  ? -8.925  -10.541 1.494   1.00 44.41  ? 52  TYR A CG  1 
ATOM   399  C  CD1 . TYR A 1 52  ? -7.788  -9.782  1.710   1.00 45.08  ? 52  TYR A CD1 1 
ATOM   400  C  CD2 . TYR A 1 52  ? -10.092 -10.142 2.133   1.00 47.47  ? 52  TYR A CD2 1 
ATOM   401  C  CE1 . TYR A 1 52  ? -7.798  -8.679  2.546   1.00 45.54  ? 52  TYR A CE1 1 
ATOM   402  C  CE2 . TYR A 1 52  ? -10.122 -9.046  2.981   1.00 47.71  ? 52  TYR A CE2 1 
ATOM   403  C  CZ  . TYR A 1 52  ? -8.968  -8.309  3.188   1.00 49.34  ? 52  TYR A CZ  1 
ATOM   404  O  OH  . TYR A 1 52  ? -8.983  -7.223  4.012   1.00 47.95  ? 52  TYR A OH  1 
ATOM   405  N  N   . THR A 1 53  ? -6.130  -13.016 0.932   1.00 38.29  ? 53  THR A N   1 
ATOM   406  C  CA  . THR A 1 53  ? -4.746  -12.828 1.347   1.00 40.74  ? 53  THR A CA  1 
ATOM   407  C  C   . THR A 1 53  ? -4.287  -11.469 0.814   1.00 41.55  ? 53  THR A C   1 
ATOM   408  O  O   . THR A 1 53  ? -4.593  -11.104 -0.347  1.00 43.33  ? 53  THR A O   1 
ATOM   409  C  CB  . THR A 1 53  ? -3.867  -13.990 0.854   1.00 45.17  ? 53  THR A CB  1 
ATOM   410  O  OG1 . THR A 1 53  ? -4.493  -15.192 1.308   1.00 43.55  ? 53  THR A OG1 1 
ATOM   411  C  CG2 . THR A 1 53  ? -2.440  -13.907 1.359   1.00 44.61  ? 53  THR A CG2 1 
ATOM   412  N  N   . VAL A 1 54  ? -3.543  -10.744 1.646   1.00 40.87  ? 54  VAL A N   1 
ATOM   413  C  CA  . VAL A 1 54  ? -3.141  -9.405  1.321   1.00 44.80  ? 54  VAL A CA  1 
ATOM   414  C  C   . VAL A 1 54  ? -1.765  -9.159  1.933   1.00 45.62  ? 54  VAL A C   1 
ATOM   415  O  O   . VAL A 1 54  ? -1.470  -9.604  3.052   1.00 47.58  ? 54  VAL A O   1 
ATOM   416  C  CB  . VAL A 1 54  ? -4.160  -8.338  1.771   1.00 45.51  ? 54  VAL A CB  1 
ATOM   417  C  CG1 . VAL A 1 54  ? -4.255  -8.241  3.287   1.00 48.80  ? 54  VAL A CG1 1 
ATOM   418  C  CG2 . VAL A 1 54  ? -3.814  -6.974  1.183   1.00 47.58  ? 54  VAL A CG2 1 
ATOM   419  N  N   . GLY A 1 55  ? -0.932  -8.461  1.155   1.00 41.67  ? 55  GLY A N   1 
ATOM   420  C  CA  . GLY A 1 55  ? 0.300   -7.886  1.621   1.00 42.26  ? 55  GLY A CA  1 
ATOM   421  C  C   . GLY A 1 55  ? 0.626   -6.640  0.830   1.00 43.77  ? 55  GLY A C   1 
ATOM   422  O  O   . GLY A 1 55  ? -0.245  -6.109  0.105   1.00 44.24  ? 55  GLY A O   1 
ATOM   423  N  N   . ALA A 1 56  ? 1.871   -6.173  0.944   1.00 45.70  ? 56  ALA A N   1 
ATOM   424  C  CA  . ALA A 1 56  ? 2.298   -4.969  0.214   1.00 50.46  ? 56  ALA A CA  1 
ATOM   425  C  C   . ALA A 1 56  ? 3.797   -5.017  -0.103  1.00 48.11  ? 56  ALA A C   1 
ATOM   426  O  O   . ALA A 1 56  ? 4.609   -5.342  0.752   1.00 47.49  ? 56  ALA A O   1 
ATOM   427  C  CB  . ALA A 1 56  ? 1.956   -3.721  0.994   1.00 46.47  ? 56  ALA A CB  1 
ATOM   428  N  N   . ILE A 1 57  ? 4.111   -4.611  -1.336  1.00 46.87  ? 57  ILE A N   1 
ATOM   429  C  CA  . ILE A 1 57  ? 5.459   -4.376  -1.808  1.00 45.14  ? 57  ILE A CA  1 
ATOM   430  C  C   . ILE A 1 57  ? 5.678   -2.870  -1.951  1.00 47.03  ? 57  ILE A C   1 
ATOM   431  O  O   . ILE A 1 57  ? 4.724   -2.085  -1.996  1.00 46.02  ? 57  ILE A O   1 
ATOM   432  C  CB  . ILE A 1 57  ? 5.696   -5.138  -3.116  1.00 43.77  ? 57  ILE A CB  1 
ATOM   433  C  CG1 . ILE A 1 57  ? 4.755   -4.688  -4.236  1.00 43.92  ? 57  ILE A CG1 1 
ATOM   434  C  CG2 . ILE A 1 57  ? 5.553   -6.625  -2.846  1.00 48.68  ? 57  ILE A CG2 1 
ATOM   435  C  CD1 . ILE A 1 57  ? 5.066   -5.322  -5.580  1.00 40.34  ? 57  ILE A CD1 1 
ATOM   436  N  N   . ILE A 1 58  ? 6.948   -2.477  -2.009  1.00 44.46  ? 58  ILE A N   1 
ATOM   437  C  CA  . ILE A 1 58  ? 7.305   -1.085  -1.950  1.00 48.14  ? 58  ILE A CA  1 
ATOM   438  C  C   . ILE A 1 58  ? 8.422   -0.753  -2.957  1.00 50.31  ? 58  ILE A C   1 
ATOM   439  O  O   . ILE A 1 58  ? 9.315   -1.562  -3.251  1.00 47.31  ? 58  ILE A O   1 
ATOM   440  C  CB  . ILE A 1 58  ? 7.703   -0.692  -0.516  1.00 49.02  ? 58  ILE A CB  1 
ATOM   441  C  CG1 . ILE A 1 58  ? 7.725   0.828   -0.350  1.00 53.81  ? 58  ILE A CG1 1 
ATOM   442  C  CG2 . ILE A 1 58  ? 9.035   -1.318  -0.133  1.00 49.37  ? 58  ILE A CG2 1 
ATOM   443  C  CD1 . ILE A 1 58  ? 7.843   1.302   1.095   1.00 56.21  ? 58  ILE A CD1 1 
ATOM   444  N  N   . SER A 1 59  ? 8.369   0.483   -3.469  1.00 52.31  ? 59  SER A N   1 
ATOM   445  C  CA  . SER A 1 59  ? 9.433   1.055   -4.291  1.00 48.53  ? 59  SER A CA  1 
ATOM   446  C  C   . SER A 1 59  ? 9.880   2.374   -3.664  1.00 45.22  ? 59  SER A C   1 
ATOM   447  O  O   . SER A 1 59  ? 9.060   3.153   -3.194  1.00 49.31  ? 59  SER A O   1 
ATOM   448  C  CB  . SER A 1 59  ? 8.996   1.239   -5.734  1.00 49.14  ? 59  SER A CB  1 
ATOM   449  O  OG  . SER A 1 59  ? 10.061  1.783   -6.506  1.00 51.18  ? 59  SER A OG  1 
ATOM   450  N  N   . LEU A 1 60  ? 11.196  2.587   -3.655  1.00 52.50  ? 60  LEU A N   1 
ATOM   451  C  CA  . LEU A 1 60  ? 11.830  3.862   -3.271  1.00 50.48  ? 60  LEU A CA  1 
ATOM   452  C  C   . LEU A 1 60  ? 12.245  4.661   -4.514  1.00 50.48  ? 60  LEU A C   1 
ATOM   453  O  O   . LEU A 1 60  ? 12.977  5.626   -4.392  1.00 50.96  ? 60  LEU A O   1 
ATOM   454  C  CB  . LEU A 1 60  ? 13.045  3.555   -2.400  1.00 51.08  ? 60  LEU A CB  1 
ATOM   455  C  CG  . LEU A 1 60  ? 12.701  3.237   -0.953  1.00 54.31  ? 60  LEU A CG  1 
ATOM   456  C  CD1 . LEU A 1 60  ? 11.862  4.343   -0.334  1.00 55.40  ? 60  LEU A CD1 1 
ATOM   457  C  CD2 . LEU A 1 60  ? 11.975  1.909   -0.862  1.00 68.87  ? 60  LEU A CD2 1 
ATOM   458  N  N   . GLU A 1 61  ? 11.774  4.225   -5.689  1.00 49.35  ? 61  GLU A N   1 
ATOM   459  C  CA  . GLU A 1 61  ? 11.913  4.951   -6.926  1.00 49.86  ? 61  GLU A CA  1 
ATOM   460  C  C   . GLU A 1 61  ? 10.857  6.056   -6.969  1.00 51.82  ? 61  GLU A C   1 
ATOM   461  O  O   . GLU A 1 61  ? 9.662   5.827   -6.624  1.00 48.99  ? 61  GLU A O   1 
ATOM   462  C  CB  . GLU A 1 61  ? 11.751  3.998   -8.112  1.00 56.43  ? 61  GLU A CB  1 
ATOM   463  C  CG  . GLU A 1 61  ? 12.750  2.848   -8.108  1.00 60.79  ? 61  GLU A CG  1 
ATOM   464  C  CD  . GLU A 1 61  ? 14.156  3.279   -8.489  1.00 67.18  ? 61  GLU A CD  1 
ATOM   465  O  OE1 . GLU A 1 61  ? 14.371  4.496   -8.671  1.00 68.56  ? 61  GLU A OE1 1 
ATOM   466  O  OE2 . GLU A 1 61  ? 15.019  2.403   -8.645  1.00 65.72  ? 61  GLU A OE2 1 
ATOM   467  N  N   . THR A 1 62  ? 11.306  7.261   -7.355  1.00 50.94  ? 62  THR A N   1 
ATOM   468  C  CA  . THR A 1 62  ? 10.428  8.396   -7.493  1.00 53.37  ? 62  THR A CA  1 
ATOM   469  C  C   . THR A 1 62  ? 9.481   8.110   -8.649  1.00 55.05  ? 62  THR A C   1 
ATOM   470  O  O   . THR A 1 62  ? 8.287   8.453   -8.565  1.00 55.21  ? 62  THR A O   1 
ATOM   471  C  CB  . THR A 1 62  ? 11.146  9.731   -7.747  1.00 53.07  ? 62  THR A CB  1 
ATOM   472  O  OG1 . THR A 1 62  ? 11.581  10.252  -6.495  1.00 52.84  ? 62  THR A OG1 1 
ATOM   473  C  CG2 . THR A 1 62  ? 10.232  10.760  -8.376  1.00 50.57  ? 62  THR A CG2 1 
ATOM   474  N  N   . ASP A 1 63  ? 10.056  7.509   -9.697  1.00 48.66  ? 63  ASP A N   1 
ATOM   475  C  CA  . ASP A 1 63  ? 9.350   7.153   -10.915 1.00 57.07  ? 63  ASP A CA  1 
ATOM   476  C  C   . ASP A 1 63  ? 9.078   5.637   -10.939 1.00 54.23  ? 63  ASP A C   1 
ATOM   477  O  O   . ASP A 1 63  ? 9.652   4.904   -11.758 1.00 53.87  ? 63  ASP A O   1 
ATOM   478  C  CB  . ASP A 1 63  ? 10.144  7.636   -12.132 1.00 62.36  ? 63  ASP A CB  1 
ATOM   479  C  CG  . ASP A 1 63  ? 9.336   7.593   -13.419 1.00 78.32  ? 63  ASP A CG  1 
ATOM   480  O  OD1 . ASP A 1 63  ? 8.067   7.606   -13.349 1.00 74.93  ? 63  ASP A OD1 1 
ATOM   481  O  OD2 . ASP A 1 63  ? 9.973   7.540   -14.487 1.00 97.62  ? 63  ASP A OD2 1 
ATOM   482  N  N   . ALA A 1 64  ? 8.202   5.185   -10.031 1.00 49.22  ? 64  ALA A N   1 
ATOM   483  C  CA  . ALA A 1 64  ? 7.807   3.777   -9.874  1.00 50.10  ? 64  ALA A CA  1 
ATOM   484  C  C   . ALA A 1 64  ? 6.706   3.425   -10.884 1.00 51.06  ? 64  ALA A C   1 
ATOM   485  O  O   . ALA A 1 64  ? 5.493   3.661   -10.639 1.00 51.36  ? 64  ALA A O   1 
ATOM   486  C  CB  . ALA A 1 64  ? 7.343   3.525   -8.453  1.00 53.17  ? 64  ALA A CB  1 
ATOM   487  N  N   . ASP A 1 65  ? 7.109   2.842   -12.020 1.00 46.25  ? 65  ASP A N   1 
ATOM   488  C  CA  . ASP A 1 65  ? 6.147   2.574   -13.078 1.00 47.85  ? 65  ASP A CA  1 
ATOM   489  C  C   . ASP A 1 65  ? 6.397   1.213   -13.730 1.00 46.91  ? 65  ASP A C   1 
ATOM   490  O  O   . ASP A 1 65  ? 5.984   0.991   -14.833 1.00 54.70  ? 65  ASP A O   1 
ATOM   491  C  CB  . ASP A 1 65  ? 6.143   3.727   -14.077 1.00 50.47  ? 65  ASP A CB  1 
ATOM   492  C  CG  . ASP A 1 65  ? 7.523   4.075   -14.585 1.00 57.69  ? 65  ASP A CG  1 
ATOM   493  O  OD1 . ASP A 1 65  ? 8.436   3.201   -14.513 1.00 51.43  ? 65  ASP A OD1 1 
ATOM   494  O  OD2 . ASP A 1 65  ? 7.681   5.228   -15.014 1.00 64.76  ? 65  ASP A OD2 1 
ATOM   495  N  N   . ALA A 1 66  ? 7.028   0.290   -13.004 1.00 47.57  ? 66  ALA A N   1 
ATOM   496  C  CA  . ALA A 1 66  ? 7.223   -1.050  -13.491 1.00 52.59  ? 66  ALA A CA  1 
ATOM   497  C  C   . ALA A 1 66  ? 7.451   -1.976  -12.296 1.00 50.88  ? 66  ALA A C   1 
ATOM   498  O  O   . ALA A 1 66  ? 7.858   -1.494  -11.222 1.00 49.85  ? 66  ALA A O   1 
ATOM   499  C  CB  . ALA A 1 66  ? 8.388   -1.083  -14.468 1.00 54.84  ? 66  ALA A CB  1 
ATOM   500  N  N   . TRP A 1 67  ? 7.216   -3.282  -12.512 1.00 46.18  ? 67  TRP A N   1 
ATOM   501  C  CA  . TRP A 1 67  ? 7.349   -4.293  -11.487 1.00 49.16  ? 67  TRP A CA  1 
ATOM   502  C  C   . TRP A 1 67  ? 8.762   -4.255  -10.915 1.00 49.00  ? 67  TRP A C   1 
ATOM   503  O  O   . TRP A 1 67  ? 8.949   -4.377  -9.695  1.00 50.02  ? 67  TRP A O   1 
ATOM   504  C  CB  . TRP A 1 67  ? 7.028   -5.703  -12.018 1.00 54.86  ? 67  TRP A CB  1 
ATOM   505  C  CG  . TRP A 1 67  ? 5.585   -5.919  -12.328 1.00 51.17  ? 67  TRP A CG  1 
ATOM   506  C  CD1 . TRP A 1 67  ? 5.046   -6.203  -13.547 1.00 48.60  ? 67  TRP A CD1 1 
ATOM   507  C  CD2 . TRP A 1 67  ? 4.487   -5.874  -11.400 1.00 45.60  ? 67  TRP A CD2 1 
ATOM   508  N  NE1 . TRP A 1 67  ? 3.688   -6.322  -13.438 1.00 48.28  ? 67  TRP A NE1 1 
ATOM   509  C  CE2 . TRP A 1 67  ? 3.315   -6.123  -12.140 1.00 47.03  ? 67  TRP A CE2 1 
ATOM   510  C  CE3 . TRP A 1 67  ? 4.381   -5.636  -10.029 1.00 46.70  ? 67  TRP A CE3 1 
ATOM   511  C  CZ2 . TRP A 1 67  ? 2.051   -6.144  -11.558 1.00 49.50  ? 67  TRP A CZ2 1 
ATOM   512  C  CZ3 . TRP A 1 67  ? 3.129   -5.629  -9.456  1.00 51.45  ? 67  TRP A CZ3 1 
ATOM   513  C  CH2 . TRP A 1 67  ? 1.985   -5.901  -10.204 1.00 48.46  ? 67  TRP A CH2 1 
ATOM   514  N  N   . GLU A 1 68  ? 9.737   -4.041  -11.797 1.00 47.80  ? 68  GLU A N   1 
ATOM   515  C  CA  . GLU A 1 68  ? 11.168  -4.145  -11.450 1.00 52.35  ? 68  GLU A CA  1 
ATOM   516  C  C   . GLU A 1 68  ? 11.534  -3.088  -10.400 1.00 49.57  ? 68  GLU A C   1 
ATOM   517  O  O   . GLU A 1 68  ? 12.369  -3.332  -9.584  1.00 51.04  ? 68  GLU A O   1 
ATOM   518  C  CB  . GLU A 1 68  ? 12.038  -4.025  -12.704 1.00 62.45  ? 68  GLU A CB  1 
ATOM   519  C  CG  . GLU A 1 68  ? 11.551  -4.904  -13.861 1.00 76.53  ? 68  GLU A CG  1 
ATOM   520  C  CD  . GLU A 1 68  ? 10.478  -4.299  -14.771 1.00 87.83  ? 68  GLU A CD  1 
ATOM   521  O  OE1 . GLU A 1 68  ? 10.820  -3.388  -15.574 1.00 109.12 ? 68  GLU A OE1 1 
ATOM   522  O  OE2 . GLU A 1 68  ? 9.294   -4.726  -14.686 1.00 65.72  ? 68  GLU A OE2 1 
ATOM   523  N  N   . ASP A 1 69  ? 10.823  -1.960  -10.371 1.00 46.91  ? 69  ASP A N   1 
ATOM   524  C  CA  . ASP A 1 69  ? 11.029  -0.893  -9.364  1.00 48.20  ? 69  ASP A CA  1 
ATOM   525  C  C   . ASP A 1 69  ? 10.689  -1.356  -7.932  1.00 51.48  ? 69  ASP A C   1 
ATOM   526  O  O   . ASP A 1 69  ? 10.980  -0.651  -6.950  1.00 45.99  ? 69  ASP A O   1 
ATOM   527  C  CB  . ASP A 1 69  ? 10.205  0.337   -9.758  1.00 52.60  ? 69  ASP A CB  1 
ATOM   528  C  CG  . ASP A 1 69  ? 10.580  0.905   -11.127 1.00 59.41  ? 69  ASP A CG  1 
ATOM   529  O  OD1 . ASP A 1 69  ? 11.783  0.900   -11.465 1.00 57.12  ? 69  ASP A OD1 1 
ATOM   530  O  OD2 . ASP A 1 69  ? 9.671   1.334   -11.858 1.00 57.60  ? 69  ASP A OD2 1 
ATOM   531  N  N   . PHE A 1 70  ? 10.038  -2.517  -7.806  1.00 55.01  ? 70  PHE A N   1 
ATOM   532  C  CA  . PHE A 1 70  ? 9.561   -3.049  -6.521  1.00 60.81  ? 70  PHE A CA  1 
ATOM   533  C  C   . PHE A 1 70  ? 10.386  -4.278  -6.131  1.00 56.60  ? 70  PHE A C   1 
ATOM   534  O  O   . PHE A 1 70  ? 10.005  -4.972  -5.221  1.00 61.49  ? 70  PHE A O   1 
ATOM   535  C  CB  . PHE A 1 70  ? 8.068   -3.410  -6.580  1.00 54.05  ? 70  PHE A CB  1 
ATOM   536  C  CG  . PHE A 1 70  ? 7.142   -2.229  -6.760  1.00 54.03  ? 70  PHE A CG  1 
ATOM   537  C  CD1 . PHE A 1 70  ? 6.885   -1.713  -8.024  1.00 47.92  ? 70  PHE A CD1 1 
ATOM   538  C  CD2 . PHE A 1 70  ? 6.521   -1.630  -5.667  1.00 50.00  ? 70  PHE A CD2 1 
ATOM   539  C  CE1 . PHE A 1 70  ? 6.047   -0.618  -8.190  1.00 47.59  ? 70  PHE A CE1 1 
ATOM   540  C  CE2 . PHE A 1 70  ? 5.684   -0.533  -5.834  1.00 48.99  ? 70  PHE A CE2 1 
ATOM   541  C  CZ  . PHE A 1 70  ? 5.452   -0.026  -7.092  1.00 50.02  ? 70  PHE A CZ  1 
ATOM   542  N  N   . LYS A 1 71  ? 11.519  -4.512  -6.808  1.00 58.36  ? 71  LYS A N   1 
ATOM   543  C  CA  . LYS A 1 71  ? 12.410  -5.628  -6.466  1.00 59.41  ? 71  LYS A CA  1 
ATOM   544  C  C   . LYS A 1 71  ? 13.606  -5.108  -5.672  1.00 60.67  ? 71  LYS A C   1 
ATOM   545  O  O   . LYS A 1 71  ? 13.997  -3.955  -5.783  1.00 61.13  ? 71  LYS A O   1 
ATOM   546  C  CB  . LYS A 1 71  ? 12.940  -6.351  -7.701  1.00 59.43  ? 71  LYS A CB  1 
ATOM   547  C  CG  . LYS A 1 71  ? 11.884  -6.728  -8.724  1.00 62.92  ? 71  LYS A CG  1 
ATOM   548  C  CD  . LYS A 1 71  ? 11.397  -8.145  -8.602  1.00 64.19  ? 71  LYS A CD  1 
ATOM   549  C  CE  . LYS A 1 71  ? 10.245  -8.440  -9.534  1.00 64.78  ? 71  LYS A CE  1 
ATOM   550  N  NZ  . LYS A 1 71  ? 9.436   -9.570  -9.028  1.00 78.61  ? 71  LYS A NZ  1 
ATOM   551  N  N   . ASN A 1 72  ? 14.182  -5.985  -4.858  1.00 63.07  ? 72  ASN A N   1 
ATOM   552  C  CA  . ASN A 1 72  ? 15.370  -5.641  -4.143  1.00 62.01  ? 72  ASN A CA  1 
ATOM   553  C  C   . ASN A 1 72  ? 16.545  -6.115  -4.991  1.00 62.08  ? 72  ASN A C   1 
ATOM   554  O  O   . ASN A 1 72  ? 16.349  -6.693  -6.082  1.00 58.07  ? 72  ASN A O   1 
ATOM   555  C  CB  . ASN A 1 72  ? 15.377  -6.203  -2.725  1.00 66.83  ? 72  ASN A CB  1 
ATOM   556  C  CG  . ASN A 1 72  ? 15.220  -7.703  -2.684  1.00 69.96  ? 72  ASN A CG  1 
ATOM   557  O  OD1 . ASN A 1 72  ? 15.443  -8.410  -3.678  1.00 65.88  ? 72  ASN A OD1 1 
ATOM   558  N  ND2 . ASN A 1 72  ? 14.812  -8.178  -1.526  1.00 77.17  ? 72  ASN A ND2 1 
ATOM   559  N  N   . SER A 1 73  ? 17.746  -5.840  -4.483  1.00 62.52  ? 73  SER A N   1 
ATOM   560  C  CA  . SER A 1 73  ? 18.986  -6.016  -5.217  1.00 66.11  ? 73  SER A CA  1 
ATOM   561  C  C   . SER A 1 73  ? 19.262  -7.505  -5.499  1.00 66.71  ? 73  SER A C   1 
ATOM   562  O  O   . SER A 1 73  ? 19.974  -7.819  -6.438  1.00 67.74  ? 73  SER A O   1 
ATOM   563  C  CB  . SER A 1 73  ? 20.123  -5.337  -4.483  1.00 68.38  ? 73  SER A CB  1 
ATOM   564  O  OG  . SER A 1 73  ? 20.082  -5.628  -3.090  1.00 66.32  ? 73  SER A OG  1 
ATOM   565  N  N   . SER A 1 74  ? 18.674  -8.416  -4.706  1.00 74.56  ? 74  SER A N   1 
ATOM   566  C  CA  . SER A 1 74  ? 18.744  -9.862  -4.957  1.00 67.88  ? 74  SER A CA  1 
ATOM   567  C  C   . SER A 1 74  ? 17.626  -10.338 -5.896  1.00 69.14  ? 74  SER A C   1 
ATOM   568  O  O   . SER A 1 74  ? 17.591  -11.512 -6.239  1.00 75.23  ? 74  SER A O   1 
ATOM   569  C  CB  . SER A 1 74  ? 18.766  -10.658 -3.662  1.00 74.39  ? 74  SER A CB  1 
ATOM   570  O  OG  . SER A 1 74  ? 17.668  -10.352 -2.807  1.00 75.76  ? 74  SER A OG  1 
ATOM   571  N  N   . GLY A 1 75  ? 16.701  -9.457  -6.304  1.00 73.81  ? 75  GLY A N   1 
ATOM   572  C  CA  . GLY A 1 75  ? 15.726  -9.778  -7.386  1.00 71.01  ? 75  GLY A CA  1 
ATOM   573  C  C   . GLY A 1 75  ? 14.361  -10.271 -6.889  1.00 69.81  ? 75  GLY A C   1 
ATOM   574  O  O   . GLY A 1 75  ? 13.477  -10.566 -7.684  1.00 64.29  ? 75  GLY A O   1 
ATOM   575  N  N   . GLY A 1 76  ? 14.177  -10.368 -5.571  1.00 66.85  ? 76  GLY A N   1 
ATOM   576  C  CA  . GLY A 1 76  ? 12.870  -10.671 -5.013  1.00 66.72  ? 76  GLY A CA  1 
ATOM   577  C  C   . GLY A 1 76  ? 12.099  -9.386  -4.783  1.00 68.10  ? 76  GLY A C   1 
ATOM   578  O  O   . GLY A 1 76  ? 12.661  -8.304  -4.928  1.00 65.69  ? 76  GLY A O   1 
ATOM   579  N  N   . ASP A 1 77  ? 10.823  -9.509  -4.408  1.00 60.96  ? 77  ASP A N   1 
ATOM   580  C  CA  . ASP A 1 77  ? 9.995   -8.356  -4.124  1.00 57.42  ? 77  ASP A CA  1 
ATOM   581  C  C   . ASP A 1 77  ? 10.423  -7.733  -2.793  1.00 54.55  ? 77  ASP A C   1 
ATOM   582  O  O   . ASP A 1 77  ? 10.748  -8.432  -1.839  1.00 53.77  ? 77  ASP A O   1 
ATOM   583  C  CB  . ASP A 1 77  ? 8.517   -8.723  -4.089  1.00 58.19  ? 77  ASP A CB  1 
ATOM   584  C  CG  . ASP A 1 77  ? 7.871   -8.949  -5.449  1.00 64.11  ? 77  ASP A CG  1 
ATOM   585  O  OD1 . ASP A 1 77  ? 8.451   -8.534  -6.482  1.00 69.14  ? 77  ASP A OD1 1 
ATOM   586  O  OD2 . ASP A 1 77  ? 6.776   -9.519  -5.462  1.00 62.56  ? 77  ASP A OD2 1 
ATOM   587  N  N   . GLN A 1 78  ? 10.416  -6.398  -2.760  1.00 54.50  ? 78  GLN A N   1 
ATOM   588  C  CA  . GLN A 1 78  ? 10.587  -5.615  -1.548  1.00 58.29  ? 78  GLN A CA  1 
ATOM   589  C  C   . GLN A 1 78  ? 9.271   -5.614  -0.764  1.00 56.81  ? 78  GLN A C   1 
ATOM   590  O  O   . GLN A 1 78  ? 8.393   -4.785  -1.028  1.00 53.28  ? 78  GLN A O   1 
ATOM   591  C  CB  . GLN A 1 78  ? 10.997  -4.178  -1.885  1.00 59.33  ? 78  GLN A CB  1 
ATOM   592  C  CG  . GLN A 1 78  ? 12.500  -3.975  -1.894  1.00 61.49  ? 78  GLN A CG  1 
ATOM   593  C  CD  . GLN A 1 78  ? 12.982  -2.685  -2.516  1.00 61.72  ? 78  GLN A CD  1 
ATOM   594  O  OE1 . GLN A 1 78  ? 12.217  -1.857  -3.021  1.00 54.29  ? 78  GLN A OE1 1 
ATOM   595  N  NE2 . GLN A 1 78  ? 14.293  -2.525  -2.507  1.00 58.49  ? 78  GLN A NE2 1 
ATOM   596  N  N   . ILE A 1 79  ? 9.160   -6.526  0.208   1.00 55.03  ? 79  ILE A N   1 
ATOM   597  C  CA  . ILE A 1 79  ? 7.918   -6.713  0.966   1.00 57.29  ? 79  ILE A CA  1 
ATOM   598  C  C   . ILE A 1 79  ? 7.926   -5.707  2.107   1.00 54.61  ? 79  ILE A C   1 
ATOM   599  O  O   . ILE A 1 79  ? 8.784   -5.761  2.951   1.00 58.35  ? 79  ILE A O   1 
ATOM   600  C  CB  . ILE A 1 79  ? 7.757   -8.163  1.455   1.00 54.76  ? 79  ILE A CB  1 
ATOM   601  C  CG1 . ILE A 1 79  ? 7.592   -9.101  0.267   1.00 56.95  ? 79  ILE A CG1 1 
ATOM   602  C  CG2 . ILE A 1 79  ? 6.603   -8.294  2.430   1.00 60.57  ? 79  ILE A CG2 1 
ATOM   603  C  CD1 . ILE A 1 79  ? 7.483   -10.546 0.652   1.00 65.59  ? 79  ILE A CD1 1 
ATOM   604  N  N   . ALA A 1 80  ? 6.972   -4.775  2.068   1.00 54.36  ? 80  ALA A N   1 
ATOM   605  C  CA  . ALA A 1 80  ? 6.789   -3.774  3.085   1.00 53.67  ? 80  ALA A CA  1 
ATOM   606  C  C   . ALA A 1 80  ? 5.847   -4.311  4.161   1.00 52.95  ? 80  ALA A C   1 
ATOM   607  O  O   . ALA A 1 80  ? 5.952   -3.923  5.358   1.00 51.82  ? 80  ALA A O   1 
ATOM   608  C  CB  . ALA A 1 80  ? 6.212   -2.528  2.465   1.00 56.63  ? 80  ALA A CB  1 
ATOM   609  N  N   . ILE A 1 81  ? 4.879   -5.124  3.716   1.00 48.99  ? 81  ILE A N   1 
ATOM   610  C  CA  . ILE A 1 81  ? 3.850   -5.696  4.610   1.00 51.40  ? 81  ILE A CA  1 
ATOM   611  C  C   . ILE A 1 81  ? 3.701   -7.175  4.281   1.00 50.41  ? 81  ILE A C   1 
ATOM   612  O  O   . ILE A 1 81  ? 3.264   -7.524  3.177   1.00 53.11  ? 81  ILE A O   1 
ATOM   613  C  CB  . ILE A 1 81  ? 2.501   -4.967  4.487   1.00 56.16  ? 81  ILE A CB  1 
ATOM   614  C  CG1 . ILE A 1 81  ? 2.579   -3.517  4.983   1.00 61.80  ? 81  ILE A CG1 1 
ATOM   615  C  CG2 . ILE A 1 81  ? 1.392   -5.744  5.186   1.00 56.39  ? 81  ILE A CG2 1 
ATOM   616  C  CD1 . ILE A 1 81  ? 1.374   -2.667  4.595   1.00 62.12  ? 81  ILE A CD1 1 
ATOM   617  N  N   . ALA A 1 82  ? 4.032   -8.020  5.269   1.00 49.20  ? 82  ALA A N   1 
ATOM   618  C  CA  . ALA A 1 82  ? 3.964   -9.478  5.170   1.00 49.56  ? 82  ALA A CA  1 
ATOM   619  C  C   . ALA A 1 82  ? 2.550   -9.913  4.777   1.00 43.50  ? 82  ALA A C   1 
ATOM   620  O  O   . ALA A 1 82  ? 1.591   -9.373  5.301   1.00 47.66  ? 82  ALA A O   1 
ATOM   621  C  CB  . ALA A 1 82  ? 4.362   -10.083 6.494   1.00 47.57  ? 82  ALA A CB  1 
ATOM   622  N  N   . TYR A 1 83  ? 2.455   -10.888 3.863   1.00 43.28  ? 83  TYR A N   1 
ATOM   623  C  CA  . TYR A 1 83  ? 1.190   -11.511 3.484   1.00 48.03  ? 83  TYR A CA  1 
ATOM   624  C  C   . TYR A 1 83  ? 0.521   -12.183 4.690   1.00 51.18  ? 83  TYR A C   1 
ATOM   625  O  O   . TYR A 1 83  ? 1.172   -12.776 5.532   1.00 57.49  ? 83  TYR A O   1 
ATOM   626  C  CB  . TYR A 1 83  ? 1.410   -12.530 2.369   1.00 46.75  ? 83  TYR A CB  1 
ATOM   627  C  CG  . TYR A 1 83  ? 1.834   -11.877 1.082   1.00 54.89  ? 83  TYR A CG  1 
ATOM   628  C  CD1 . TYR A 1 83  ? 0.915   -11.232 0.270   1.00 55.75  ? 83  TYR A CD1 1 
ATOM   629  C  CD2 . TYR A 1 83  ? 3.161   -11.848 0.702   1.00 57.57  ? 83  TYR A CD2 1 
ATOM   630  C  CE1 . TYR A 1 83  ? 1.298   -10.611 -0.906  1.00 57.10  ? 83  TYR A CE1 1 
ATOM   631  C  CE2 . TYR A 1 83  ? 3.561   -11.234 -0.473  1.00 61.59  ? 83  TYR A CE2 1 
ATOM   632  C  CZ  . TYR A 1 83  ? 2.628   -10.612 -1.278  1.00 60.10  ? 83  TYR A CZ  1 
ATOM   633  O  OH  . TYR A 1 83  ? 3.026   -9.995  -2.424  1.00 59.07  ? 83  TYR A OH  1 
ATOM   634  N  N   . ARG A 1 84  ? -0.802  -12.065 4.753   1.00 50.07  ? 84  ARG A N   1 
ATOM   635  C  CA  . ARG A 1 84  ? -1.603  -12.735 5.743   1.00 49.46  ? 84  ARG A CA  1 
ATOM   636  C  C   . ARG A 1 84  ? -3.006  -12.898 5.164   1.00 50.12  ? 84  ARG A C   1 
ATOM   637  O  O   . ARG A 1 84  ? -3.381  -12.200 4.225   1.00 51.04  ? 84  ARG A O   1 
ATOM   638  C  CB  . ARG A 1 84  ? -1.566  -11.980 7.076   1.00 50.85  ? 84  ARG A CB  1 
ATOM   639  C  CG  . ARG A 1 84  ? -2.628  -10.900 7.258   1.00 49.58  ? 84  ARG A CG  1 
ATOM   640  C  CD  . ARG A 1 84  ? -2.391  -9.684  6.373   1.00 50.08  ? 84  ARG A CD  1 
ATOM   641  N  NE  . ARG A 1 84  ? -1.037  -9.170  6.476   1.00 41.68  ? 84  ARG A NE  1 
ATOM   642  C  CZ  . ARG A 1 84  ? -0.566  -8.494  7.514   1.00 48.87  ? 84  ARG A CZ  1 
ATOM   643  N  NH1 . ARG A 1 84  ? -1.407  -8.076  8.443   1.00 47.16  ? 84  ARG A NH1 1 
ATOM   644  N  NH2 . ARG A 1 84  ? 0.742   -8.263  7.631   1.00 48.47  ? 84  ARG A NH2 1 
ATOM   645  N  N   . GLN A 1 85  ? -3.749  -13.852 5.729   1.00 51.37  ? 85  GLN A N   1 
ATOM   646  C  CA  . GLN A 1 85  ? -5.107  -14.150 5.353   1.00 52.66  ? 85  GLN A CA  1 
ATOM   647  C  C   . GLN A 1 85  ? -6.048  -13.323 6.232   1.00 51.46  ? 85  GLN A C   1 
ATOM   648  O  O   . GLN A 1 85  ? -5.854  -13.229 7.422   1.00 50.54  ? 85  GLN A O   1 
ATOM   649  C  CB  . GLN A 1 85  ? -5.368  -15.644 5.499   1.00 52.30  ? 85  GLN A CB  1 
ATOM   650  C  CG  . GLN A 1 85  ? -6.781  -16.052 5.131   1.00 56.02  ? 85  GLN A CG  1 
ATOM   651  C  CD  . GLN A 1 85  ? -7.009  -17.531 5.309   1.00 53.82  ? 85  GLN A CD  1 
ATOM   652  O  OE1 . GLN A 1 85  ? -6.140  -18.344 5.017   1.00 53.09  ? 85  GLN A OE1 1 
ATOM   653  N  NE2 . GLN A 1 85  ? -8.212  -17.882 5.730   1.00 48.13  ? 85  GLN A NE2 1 
ATOM   654  N  N   . VAL A 1 86  ? -7.064  -12.730 5.611   1.00 46.86  ? 86  VAL A N   1 
ATOM   655  C  CA  . VAL A 1 86  ? -8.042  -11.937 6.319   1.00 48.80  ? 86  VAL A CA  1 
ATOM   656  C  C   . VAL A 1 86  ? -9.411  -12.603 6.138   1.00 48.86  ? 86  VAL A C   1 
ATOM   657  O  O   . VAL A 1 86  ? -9.807  -12.952 5.008   1.00 46.88  ? 86  VAL A O   1 
ATOM   658  C  CB  . VAL A 1 86  ? -8.023  -10.483 5.803   1.00 47.33  ? 86  VAL A CB  1 
ATOM   659  C  CG1 . VAL A 1 86  ? -9.075  -9.608  6.483   1.00 47.75  ? 86  VAL A CG1 1 
ATOM   660  C  CG2 . VAL A 1 86  ? -6.644  -9.882  5.935   1.00 46.99  ? 86  VAL A CG2 1 
ATOM   661  N  N   . ASP A 1 87  ? -10.142 -12.770 7.248   1.00 51.29  ? 87  ASP A N   1 
ATOM   662  C  CA  . ASP A 1 87  ? -11.352 -13.598 7.241   1.00 57.48  ? 87  ASP A CA  1 
ATOM   663  C  C   . ASP A 1 87  ? -12.620 -12.750 7.286   1.00 55.37  ? 87  ASP A C   1 
ATOM   664  O  O   . ASP A 1 87  ? -13.677 -13.304 7.047   1.00 59.61  ? 87  ASP A O   1 
ATOM   665  C  CB  . ASP A 1 87  ? -11.351 -14.638 8.364   1.00 58.08  ? 87  ASP A CB  1 
ATOM   666  C  CG  . ASP A 1 87  ? -10.392 -15.786 8.098   1.00 63.50  ? 87  ASP A CG  1 
ATOM   667  O  OD1 . ASP A 1 87  ? -9.995  -15.988 6.924   1.00 59.96  ? 87  ASP A OD1 1 
ATOM   668  O  OD2 . ASP A 1 87  ? -10.020 -16.446 9.072   1.00 75.88  ? 87  ASP A OD2 1 
ATOM   669  N  N   . ASN A 1 88  ? -12.501 -11.438 7.534   1.00 56.89  ? 88  ASN A N   1 
ATOM   670  C  CA  . ASN A 1 88  ? -13.645 -10.494 7.555   1.00 54.90  ? 88  ASN A CA  1 
ATOM   671  C  C   . ASN A 1 88  ? -13.608 -9.535  6.346   1.00 55.10  ? 88  ASN A C   1 
ATOM   672  O  O   . ASN A 1 88  ? -12.561 -8.983  5.999   1.00 56.85  ? 88  ASN A O   1 
ATOM   673  C  CB  . ASN A 1 88  ? -13.631 -9.688  8.850   1.00 54.33  ? 88  ASN A CB  1 
ATOM   674  C  CG  . ASN A 1 88  ? -13.731 -10.574 10.071  1.00 59.35  ? 88  ASN A CG  1 
ATOM   675  O  OD1 . ASN A 1 88  ? -14.799 -11.097 10.359  1.00 67.33  ? 88  ASN A OD1 1 
ATOM   676  N  ND2 . ASN A 1 88  ? -12.639 -10.725 10.804  1.00 55.68  ? 88  ASN A ND2 1 
ATOM   677  N  N   . SER A 1 89  ? -14.767 -9.315  5.715   1.00 55.20  ? 89  SER A N   1 
ATOM   678  C  CA  . SER A 1 89  ? -14.917 -8.281  4.691   1.00 56.70  ? 89  SER A CA  1 
ATOM   679  C  C   . SER A 1 89  ? -15.098 -6.913  5.364   1.00 59.75  ? 89  SER A C   1 
ATOM   680  O  O   . SER A 1 89  ? -15.086 -6.801  6.605   1.00 61.53  ? 89  SER A O   1 
ATOM   681  C  CB  . SER A 1 89  ? -16.033 -8.592  3.751   1.00 59.79  ? 89  SER A CB  1 
ATOM   682  O  OG  . SER A 1 89  ? -17.283 -8.475  4.402   1.00 68.50  ? 89  SER A OG  1 
ATOM   683  N  N   . GLY A 1 90  ? -15.204 -5.868  4.538   1.00 57.28  ? 90  GLY A N   1 
ATOM   684  C  CA  . GLY A 1 90  ? -15.120 -4.493  5.005   1.00 53.65  ? 90  GLY A CA  1 
ATOM   685  C  C   . GLY A 1 90  ? -13.688 -4.055  5.311   1.00 56.03  ? 90  GLY A C   1 
ATOM   686  O  O   . GLY A 1 90  ? -12.721 -4.387  4.600   1.00 50.53  ? 90  GLY A O   1 
ATOM   687  N  N   . THR A 1 91  ? -13.540 -3.267  6.378   1.00 50.68  ? 91  THR A N   1 
ATOM   688  C  CA  . THR A 1 91  ? -12.321 -2.541  6.577   1.00 54.21  ? 91  THR A CA  1 
ATOM   689  C  C   . THR A 1 91  ? -11.288 -3.448  7.237   1.00 53.61  ? 91  THR A C   1 
ATOM   690  O  O   . THR A 1 91  ? -11.629 -4.253  8.111   1.00 61.29  ? 91  THR A O   1 
ATOM   691  C  CB  . THR A 1 91  ? -12.543 -1.260  7.386   1.00 51.98  ? 91  THR A CB  1 
ATOM   692  O  OG1 . THR A 1 91  ? -13.512 -0.480  6.678   1.00 55.31  ? 91  THR A OG1 1 
ATOM   693  C  CG2 . THR A 1 91  ? -11.261 -0.475  7.572   1.00 51.88  ? 91  THR A CG2 1 
ATOM   694  N  N   . TYR A 1 92  ? -10.035 -3.264  6.802   1.00 52.66  ? 92  TYR A N   1 
ATOM   695  C  CA  . TYR A 1 92  ? -8.867  -3.929  7.324   1.00 49.57  ? 92  TYR A CA  1 
ATOM   696  C  C   . TYR A 1 92  ? -7.702  -2.945  7.264   1.00 51.04  ? 92  TYR A C   1 
ATOM   697  O  O   . TYR A 1 92  ? -7.401  -2.384  6.206   1.00 52.22  ? 92  TYR A O   1 
ATOM   698  C  CB  . TYR A 1 92  ? -8.563  -5.224  6.561   1.00 51.77  ? 92  TYR A CB  1 
ATOM   699  C  CG  . TYR A 1 92  ? -7.394  -5.985  7.135   1.00 56.96  ? 92  TYR A CG  1 
ATOM   700  C  CD1 . TYR A 1 92  ? -7.501  -6.683  8.328   1.00 54.74  ? 92  TYR A CD1 1 
ATOM   701  C  CD2 . TYR A 1 92  ? -6.155  -5.975  6.502   1.00 58.00  ? 92  TYR A CD2 1 
ATOM   702  C  CE1 . TYR A 1 92  ? -6.413  -7.354  8.869   1.00 56.48  ? 92  TYR A CE1 1 
ATOM   703  C  CE2 . TYR A 1 92  ? -5.064  -6.649  7.028   1.00 57.64  ? 92  TYR A CE2 1 
ATOM   704  C  CZ  . TYR A 1 92  ? -5.191  -7.345  8.216   1.00 57.02  ? 92  TYR A CZ  1 
ATOM   705  O  OH  . TYR A 1 92  ? -4.106  -8.008  8.717   1.00 53.29  ? 92  TYR A OH  1 
ATOM   706  N  N   . CYS A 1 93  ? -7.051  -2.773  8.414   1.00 48.79  ? 93  CYS A N   1 
ATOM   707  C  CA  . CYS A 1 93  ? -6.036  -1.801  8.628   1.00 53.54  ? 93  CYS A CA  1 
ATOM   708  C  C   . CYS A 1 93  ? -4.864  -2.404  9.414   1.00 52.93  ? 93  CYS A C   1 
ATOM   709  O  O   . CYS A 1 93  ? -5.075  -2.973  10.470  1.00 55.00  ? 93  CYS A O   1 
ATOM   710  C  CB  . CYS A 1 93  ? -6.589  -0.632  9.428   1.00 53.02  ? 93  CYS A CB  1 
ATOM   711  S  SG  . CYS A 1 93  ? -5.345  0.665   9.582   1.00 62.04  ? 93  CYS A SG  1 
ATOM   712  N  N   . VAL A 1 94  ? -3.639  -2.168  8.933   1.00 52.50  ? 94  VAL A N   1 
ATOM   713  C  CA  . VAL A 1 94  ? -2.403  -2.669  9.530   1.00 54.36  ? 94  VAL A CA  1 
ATOM   714  C  C   . VAL A 1 94  ? -1.487  -1.489  9.824   1.00 55.42  ? 94  VAL A C   1 
ATOM   715  O  O   . VAL A 1 94  ? -1.346  -0.568  9.022   1.00 53.56  ? 94  VAL A O   1 
ATOM   716  C  CB  . VAL A 1 94  ? -1.695  -3.696  8.629   1.00 56.41  ? 94  VAL A CB  1 
ATOM   717  C  CG1 . VAL A 1 94  ? -2.601  -4.856  8.248   1.00 59.85  ? 94  VAL A CG1 1 
ATOM   718  C  CG2 . VAL A 1 94  ? -1.121  -3.059  7.379   1.00 60.44  ? 94  VAL A CG2 1 
ATOM   719  N  N   . PRO A 1 95  ? -0.886  -1.438  11.029  1.00 60.44  ? 95  PRO A N   1 
ATOM   720  C  CA  . PRO A 1 95  ? 0.116   -0.421  11.333  1.00 57.55  ? 95  PRO A CA  1 
ATOM   721  C  C   . PRO A 1 95  ? 1.291   -0.597  10.371  1.00 54.74  ? 95  PRO A C   1 
ATOM   722  O  O   . PRO A 1 95  ? 1.590   -1.714  10.026  1.00 48.74  ? 95  PRO A O   1 
ATOM   723  C  CB  . PRO A 1 95  ? 0.531   -0.728  12.780  1.00 63.92  ? 95  PRO A CB  1 
ATOM   724  C  CG  . PRO A 1 95  ? -0.637  -1.516  13.349  1.00 63.65  ? 95  PRO A CG  1 
ATOM   725  C  CD  . PRO A 1 95  ? -1.198  -2.297  12.180  1.00 61.92  ? 95  PRO A CD  1 
ATOM   726  N  N   . PHE A 1 96  ? 1.937   0.491   9.941   1.00 53.29  ? 96  PHE A N   1 
ATOM   727  C  CA  . PHE A 1 96  ? 3.087   0.330   9.067   1.00 57.19  ? 96  PHE A CA  1 
ATOM   728  C  C   . PHE A 1 96  ? 4.157   1.330   9.488   1.00 58.92  ? 96  PHE A C   1 
ATOM   729  O  O   . PHE A 1 96  ? 3.920   2.550   9.507   1.00 59.16  ? 96  PHE A O   1 
ATOM   730  C  CB  . PHE A 1 96  ? 2.683   0.430   7.590   1.00 59.59  ? 96  PHE A CB  1 
ATOM   731  C  CG  . PHE A 1 96  ? 3.834   0.409   6.610   1.00 59.21  ? 96  PHE A CG  1 
ATOM   732  C  CD1 . PHE A 1 96  ? 4.849   -0.527  6.726   1.00 60.73  ? 96  PHE A CD1 1 
ATOM   733  C  CD2 . PHE A 1 96  ? 3.903   1.328   5.574   1.00 59.57  ? 96  PHE A CD2 1 
ATOM   734  C  CE1 . PHE A 1 96  ? 5.911   -0.539  5.842   1.00 59.59  ? 96  PHE A CE1 1 
ATOM   735  C  CE2 . PHE A 1 96  ? 4.961   1.315   4.681   1.00 58.24  ? 96  PHE A CE2 1 
ATOM   736  C  CZ  . PHE A 1 96  ? 5.962   0.378   4.817   1.00 66.35  ? 96  PHE A CZ  1 
ATOM   737  N  N   . ASN A 1 97  ? 5.323   0.784   9.839   1.00 63.94  ? 97  ASN A N   1 
ATOM   738  C  CA  . ASN A 1 97  ? 6.455   1.588   10.276  1.00 72.58  ? 97  ASN A CA  1 
ATOM   739  C  C   . ASN A 1 97  ? 7.577   1.411   9.263   1.00 67.69  ? 97  ASN A C   1 
ATOM   740  O  O   . ASN A 1 97  ? 8.372   0.479   9.372   1.00 64.25  ? 97  ASN A O   1 
ATOM   741  C  CB  . ASN A 1 97  ? 6.904   1.242   11.695  1.00 76.42  ? 97  ASN A CB  1 
ATOM   742  C  CG  . ASN A 1 97  ? 7.689   2.364   12.336  1.00 91.12  ? 97  ASN A CG  1 
ATOM   743  O  OD1 . ASN A 1 97  ? 8.055   3.343   11.679  1.00 93.13  ? 97  ASN A OD1 1 
ATOM   744  N  ND2 . ASN A 1 97  ? 7.944   2.232   13.626  1.00 95.32  ? 97  ASN A ND2 1 
ATOM   745  N  N   . PRO A 1 98  ? 7.666   2.293   8.241   1.00 64.30  ? 98  PRO A N   1 
ATOM   746  C  CA  . PRO A 1 98  ? 8.608   2.096   7.144   1.00 66.12  ? 98  PRO A CA  1 
ATOM   747  C  C   . PRO A 1 98  ? 10.026  1.962   7.715   1.00 66.02  ? 98  PRO A C   1 
ATOM   748  O  O   . PRO A 1 98  ? 10.837  1.247   7.155   1.00 60.04  ? 98  PRO A O   1 
ATOM   749  C  CB  . PRO A 1 98  ? 8.434   3.346   6.274   1.00 65.33  ? 98  PRO A CB  1 
ATOM   750  C  CG  . PRO A 1 98  ? 7.060   3.854   6.622   1.00 63.66  ? 98  PRO A CG  1 
ATOM   751  C  CD  . PRO A 1 98  ? 6.869   3.512   8.081   1.00 62.66  ? 98  PRO A CD  1 
ATOM   752  N  N   . SER A 1 99  ? 10.272  2.635   8.847   1.00 70.32  ? 99  SER A N   1 
ATOM   753  C  CA  . SER A 1 99  ? 11.564  2.580   9.559   1.00 77.11  ? 99  SER A CA  1 
ATOM   754  C  C   . SER A 1 99  ? 12.016  1.136   9.831   1.00 70.75  ? 99  SER A C   1 
ATOM   755  O  O   . SER A 1 99  ? 13.203  0.861   9.752   1.00 69.87  ? 99  SER A O   1 
ATOM   756  C  CB  . SER A 1 99  ? 11.522  3.391   10.825  1.00 75.18  ? 99  SER A CB  1 
ATOM   757  O  OG  . SER A 1 99  ? 11.632  4.768   10.520  1.00 78.41  ? 99  SER A OG  1 
ATOM   758  N  N   . SER A 1 100 ? 11.075  0.222   10.096  1.00 66.19  ? 100 SER A N   1 
ATOM   759  C  CA  . SER A 1 100 ? 11.381  -1.177  10.465  1.00 64.69  ? 100 SER A CA  1 
ATOM   760  C  C   . SER A 1 100 ? 11.971  -1.978  9.300   1.00 66.41  ? 100 SER A C   1 
ATOM   761  O  O   . SER A 1 100 ? 12.405  -3.096  9.513   1.00 67.11  ? 100 SER A O   1 
ATOM   762  C  CB  . SER A 1 100 ? 10.154  -1.898  10.976  1.00 70.13  ? 100 SER A CB  1 
ATOM   763  O  OG  . SER A 1 100 ? 9.504   -1.157  11.994  1.00 80.92  ? 100 SER A OG  1 
ATOM   764  N  N   . LEU A 1 101 ? 11.908  -1.470  8.065   1.00 61.07  ? 101 LEU A N   1 
ATOM   765  C  CA  . LEU A 1 101 ? 12.267  -2.297  6.919   1.00 61.60  ? 101 LEU A CA  1 
ATOM   766  C  C   . LEU A 1 101 ? 13.782  -2.222  6.738   1.00 64.67  ? 101 LEU A C   1 
ATOM   767  O  O   . LEU A 1 101 ? 14.420  -1.259  7.179   1.00 67.42  ? 101 LEU A O   1 
ATOM   768  C  CB  . LEU A 1 101 ? 11.517  -1.813  5.673   1.00 62.79  ? 101 LEU A CB  1 
ATOM   769  C  CG  . LEU A 1 101 ? 9.989   -1.856  5.769   1.00 59.70  ? 101 LEU A CG  1 
ATOM   770  C  CD1 . LEU A 1 101 ? 9.371   -1.214  4.542   1.00 65.63  ? 101 LEU A CD1 1 
ATOM   771  C  CD2 . LEU A 1 101 ? 9.490   -3.282  5.930   1.00 58.32  ? 101 LEU A CD2 1 
ATOM   772  N  N   . ASN A 1 102 ? 14.345  -3.243  6.096   1.00 61.85  ? 102 ASN A N   1 
ATOM   773  C  CA  . ASN A 1 102 ? 15.778  -3.377  5.977   1.00 80.32  ? 102 ASN A CA  1 
ATOM   774  C  C   . ASN A 1 102 ? 16.197  -2.768  4.631   1.00 89.48  ? 102 ASN A C   1 
ATOM   775  O  O   . ASN A 1 102 ? 16.754  -3.484  3.784   1.00 96.43  ? 102 ASN A O   1 
ATOM   776  C  CB  . ASN A 1 102 ? 16.174  -4.851  6.154   1.00 89.84  ? 102 ASN A CB  1 
ATOM   777  C  CG  . ASN A 1 102 ? 17.667  -5.091  6.157   1.00 89.65  ? 102 ASN A CG  1 
ATOM   778  O  OD1 . ASN A 1 102 ? 18.447  -4.190  6.459   1.00 97.07  ? 102 ASN A OD1 1 
ATOM   779  N  ND2 . ASN A 1 102 ? 18.071  -6.300  5.807   1.00 89.64  ? 102 ASN A ND2 1 
ATOM   780  N  N   . ILE A 1 103 ? 15.893  -1.469  4.433   1.00 85.24  ? 103 ILE A N   1 
ATOM   781  C  CA  . ILE A 1 103 ? 16.057  -0.797  3.122   1.00 78.73  ? 103 ILE A CA  1 
ATOM   782  C  C   . ILE A 1 103 ? 16.606  0.621   3.320   1.00 76.96  ? 103 ILE A C   1 
ATOM   783  O  O   . ILE A 1 103 ? 15.970  1.475   3.947   1.00 66.28  ? 103 ILE A O   1 
ATOM   784  C  CB  . ILE A 1 103 ? 14.756  -0.757  2.294   1.00 80.40  ? 103 ILE A CB  1 
ATOM   785  C  CG1 . ILE A 1 103 ? 13.990  -2.086  2.336   1.00 78.32  ? 103 ILE A CG1 1 
ATOM   786  C  CG2 . ILE A 1 103 ? 15.070  -0.322  0.866   1.00 79.04  ? 103 ILE A CG2 1 
ATOM   787  C  CD1 . ILE A 1 103 ? 12.830  -2.180  1.370   1.00 74.16  ? 103 ILE A CD1 1 
ATOM   788  N  N   . ALA A 1 104 ? 17.788  0.858   2.741   1.00 81.46  ? 104 ALA A N   1 
ATOM   789  C  CA  . ALA A 1 104 ? 18.356  2.196   2.612   1.00 81.14  ? 104 ALA A CA  1 
ATOM   790  C  C   . ALA A 1 104 ? 17.515  2.975   1.592   1.00 81.97  ? 104 ALA A C   1 
ATOM   791  O  O   . ALA A 1 104 ? 17.113  2.439   0.551   1.00 87.50  ? 104 ALA A O   1 
ATOM   792  C  CB  . ALA A 1 104 ? 19.803  2.112   2.207   1.00 78.77  ? 104 ALA A CB  1 
ATOM   793  N  N   . GLY A 1 105 ? 17.217  4.230   1.921   1.00 70.27  ? 105 GLY A N   1 
ATOM   794  C  CA  . GLY A 1 105 ? 16.323  5.043   1.119   1.00 76.02  ? 105 GLY A CA  1 
ATOM   795  C  C   . GLY A 1 105 ? 15.158  5.562   1.936   1.00 71.17  ? 105 GLY A C   1 
ATOM   796  O  O   . GLY A 1 105 ? 14.514  6.535   1.545   1.00 73.68  ? 105 GLY A O   1 
ATOM   797  N  N   . ILE A 1 106 ? 14.884  4.912   3.075   1.00 72.20  ? 106 ILE A N   1 
ATOM   798  C  CA  . ILE A 1 106 ? 13.725  5.273   3.901   1.00 69.01  ? 106 ILE A CA  1 
ATOM   799  C  C   . ILE A 1 106 ? 14.159  6.289   4.961   1.00 63.54  ? 106 ILE A C   1 
ATOM   800  O  O   . ILE A 1 106 ? 14.720  5.944   5.965   1.00 67.08  ? 106 ILE A O   1 
ATOM   801  C  CB  . ILE A 1 106 ? 13.037  4.028   4.492   1.00 62.61  ? 106 ILE A CB  1 
ATOM   802  C  CG1 . ILE A 1 106 ? 12.681  3.042   3.377   1.00 63.23  ? 106 ILE A CG1 1 
ATOM   803  C  CG2 . ILE A 1 106 ? 11.825  4.434   5.324   1.00 64.78  ? 106 ILE A CG2 1 
ATOM   804  C  CD1 . ILE A 1 106 ? 11.827  1.879   3.805   1.00 71.34  ? 106 ILE A CD1 1 
ATOM   805  N  N   . GLN A 1 107 ? 13.829  7.553   4.705   1.00 66.72  ? 107 GLN A N   1 
ATOM   806  C  CA  . GLN A 1 107 ? 14.191  8.680   5.534   1.00 71.06  ? 107 GLN A CA  1 
ATOM   807  C  C   . GLN A 1 107 ? 13.146  9.782   5.323   1.00 67.33  ? 107 GLN A C   1 
ATOM   808  O  O   . GLN A 1 107 ? 12.303  9.687   4.426   1.00 76.63  ? 107 GLN A O   1 
ATOM   809  C  CB  . GLN A 1 107 ? 15.590  9.161   5.133   1.00 77.97  ? 107 GLN A CB  1 
ATOM   810  C  CG  . GLN A 1 107 ? 15.678  9.505   3.651   1.00 84.39  ? 107 GLN A CG  1 
ATOM   811  C  CD  . GLN A 1 107 ? 17.068  9.861   3.197   1.00 87.89  ? 107 GLN A CD  1 
ATOM   812  O  OE1 . GLN A 1 107 ? 17.333  10.975  2.740   1.00 85.15  ? 107 GLN A OE1 1 
ATOM   813  N  NE2 . GLN A 1 107 ? 17.964  8.898   3.320   1.00 85.49  ? 107 GLN A NE2 1 
ATOM   814  N  N   . ASP A 1 108 ? 13.234  10.845  6.127   1.00 66.80  ? 108 ASP A N   1 
ATOM   815  C  CA  . ASP A 1 108 ? 12.322  11.966  6.035   1.00 65.32  ? 108 ASP A CA  1 
ATOM   816  C  C   . ASP A 1 108 ? 12.564  12.652  4.688   1.00 65.54  ? 108 ASP A C   1 
ATOM   817  O  O   . ASP A 1 108 ? 13.701  12.794  4.279   1.00 62.06  ? 108 ASP A O   1 
ATOM   818  C  CB  . ASP A 1 108 ? 12.484  12.923  7.216   1.00 61.47  ? 108 ASP A CB  1 
ATOM   819  C  CG  . ASP A 1 108 ? 11.811  14.269  7.015   1.00 67.04  ? 108 ASP A CG  1 
ATOM   820  O  OD1 . ASP A 1 108 ? 10.563  14.346  7.075   1.00 74.89  ? 108 ASP A OD1 1 
ATOM   821  O  OD2 . ASP A 1 108 ? 12.543  15.231  6.788   1.00 78.93  ? 108 ASP A OD2 1 
ATOM   822  N  N   . GLY A 1 109 ? 11.471  12.993  3.995   1.00 59.75  ? 109 GLY A N   1 
ATOM   823  C  CA  . GLY A 1 109 ? 11.508  13.595  2.674   1.00 60.66  ? 109 GLY A CA  1 
ATOM   824  C  C   . GLY A 1 109 ? 11.575  12.580  1.541   1.00 63.32  ? 109 GLY A C   1 
ATOM   825  O  O   . GLY A 1 109 ? 11.544  12.964  0.400   1.00 64.01  ? 109 GLY A O   1 
ATOM   826  N  N   . ALA A 1 110 ? 11.650  11.282  1.853   1.00 65.13  ? 110 ALA A N   1 
ATOM   827  C  CA  . ALA A 1 110 ? 11.848  10.254  0.831   1.00 61.48  ? 110 ALA A CA  1 
ATOM   828  C  C   . ALA A 1 110 ? 10.508  9.905   0.163   1.00 53.13  ? 110 ALA A C   1 
ATOM   829  O  O   . ALA A 1 110 ? 9.475   9.840   0.814   1.00 49.85  ? 110 ALA A O   1 
ATOM   830  C  CB  . ALA A 1 110 ? 12.509  9.040   1.449   1.00 64.31  ? 110 ALA A CB  1 
ATOM   831  N  N   . ASN A 1 111 ? 10.563  9.680   -1.151  1.00 54.31  ? 111 ASN A N   1 
ATOM   832  C  CA  . ASN A 1 111 ? 9.422   9.306   -1.988  1.00 52.50  ? 111 ASN A CA  1 
ATOM   833  C  C   . ASN A 1 111 ? 9.295   7.777   -2.050  1.00 50.36  ? 111 ASN A C   1 
ATOM   834  O  O   . ASN A 1 111 ? 10.299  7.072   -2.092  1.00 49.17  ? 111 ASN A O   1 
ATOM   835  C  CB  . ASN A 1 111 ? 9.576   9.864   -3.404  1.00 52.24  ? 111 ASN A CB  1 
ATOM   836  C  CG  . ASN A 1 111 ? 9.270   11.343  -3.534  1.00 46.81  ? 111 ASN A CG  1 
ATOM   837  O  OD1 . ASN A 1 111 ? 8.534   11.926  -2.744  1.00 47.38  ? 111 ASN A OD1 1 
ATOM   838  N  ND2 . ASN A 1 111 ? 9.821   11.955  -4.563  1.00 56.46  ? 111 ASN A ND2 1 
ATOM   839  N  N   . ALA A 1 112 ? 8.054   7.270   -2.060  1.00 48.40  ? 112 ALA A N   1 
ATOM   840  C  CA  . ALA A 1 112 ? 7.831   5.839   -2.234  1.00 46.48  ? 112 ALA A CA  1 
ATOM   841  C  C   . ALA A 1 112 ? 6.452   5.551   -2.829  1.00 44.30  ? 112 ALA A C   1 
ATOM   842  O  O   . ALA A 1 112 ? 5.546   6.358   -2.776  1.00 45.43  ? 112 ALA A O   1 
ATOM   843  C  CB  . ALA A 1 112 ? 7.979   5.136   -0.920  1.00 45.36  ? 112 ALA A CB  1 
ATOM   844  N  N   . THR A 1 113 ? 6.326   4.336   -3.351  1.00 42.08  ? 113 THR A N   1 
ATOM   845  C  CA  . THR A 1 113 ? 5.095   3.779   -3.804  1.00 42.46  ? 113 THR A CA  1 
ATOM   846  C  C   . THR A 1 113 ? 4.876   2.477   -3.034  1.00 39.69  ? 113 THR A C   1 
ATOM   847  O  O   . THR A 1 113 ? 5.720   1.603   -3.038  1.00 43.87  ? 113 THR A O   1 
ATOM   848  C  CB  . THR A 1 113 ? 5.115   3.533   -5.323  1.00 44.82  ? 113 THR A CB  1 
ATOM   849  O  OG1 . THR A 1 113 ? 5.392   4.753   -6.016  1.00 44.04  ? 113 THR A OG1 1 
ATOM   850  C  CG2 . THR A 1 113 ? 3.807   2.957   -5.819  1.00 46.48  ? 113 THR A CG2 1 
ATOM   851  N  N   . ILE A 1 114 ? 3.729   2.383   -2.371  1.00 40.88  ? 114 ILE A N   1 
ATOM   852  C  CA  . ILE A 1 114 ? 3.248   1.191   -1.700  1.00 42.55  ? 114 ILE A CA  1 
ATOM   853  C  C   . ILE A 1 114 ? 2.214   0.550   -2.629  1.00 42.34  ? 114 ILE A C   1 
ATOM   854  O  O   . ILE A 1 114 ? 1.188   1.197   -2.959  1.00 39.04  ? 114 ILE A O   1 
ATOM   855  C  CB  . ILE A 1 114 ? 2.609   1.568   -0.340  1.00 45.41  ? 114 ILE A CB  1 
ATOM   856  C  CG1 . ILE A 1 114 ? 3.603   2.285   0.571   1.00 48.38  ? 114 ILE A CG1 1 
ATOM   857  C  CG2 . ILE A 1 114 ? 1.989   0.355   0.337   1.00 50.24  ? 114 ILE A CG2 1 
ATOM   858  C  CD1 . ILE A 1 114 ? 2.936   3.158   1.611   1.00 54.74  ? 114 ILE A CD1 1 
ATOM   859  N  N   . GLN A 1 115 ? 2.478   -0.691  -3.047  1.00 43.24  ? 115 GLN A N   1 
ATOM   860  C  CA  . GLN A 1 115 ? 1.560   -1.434  -3.882  1.00 42.76  ? 115 GLN A CA  1 
ATOM   861  C  C   . GLN A 1 115 ? 1.009   -2.597  -3.058  1.00 43.68  ? 115 GLN A C   1 
ATOM   862  O  O   . GLN A 1 115 ? 1.733   -3.493  -2.702  1.00 43.51  ? 115 GLN A O   1 
ATOM   863  C  CB  . GLN A 1 115 ? 2.229   -1.933  -5.157  1.00 38.55  ? 115 GLN A CB  1 
ATOM   864  C  CG  . GLN A 1 115 ? 1.260   -2.689  -6.058  1.00 41.54  ? 115 GLN A CG  1 
ATOM   865  C  CD  . GLN A 1 115 ? 1.701   -2.738  -7.501  1.00 43.27  ? 115 GLN A CD  1 
ATOM   866  O  OE1 . GLN A 1 115 ? 0.892   -2.991  -8.387  1.00 44.38  ? 115 GLN A OE1 1 
ATOM   867  N  NE2 . GLN A 1 115 ? 2.994   -2.527  -7.740  1.00 43.49  ? 115 GLN A NE2 1 
ATOM   868  N  N   . VAL A 1 116 ? -0.288  -2.529  -2.769  1.00 41.69  ? 116 VAL A N   1 
ATOM   869  C  CA  . VAL A 1 116 ? -1.014  -3.560  -2.077  1.00 42.89  ? 116 VAL A CA  1 
ATOM   870  C  C   . VAL A 1 116 ? -1.314  -4.683  -3.071  1.00 45.18  ? 116 VAL A C   1 
ATOM   871  O  O   . VAL A 1 116 ? -1.766  -4.425  -4.185  1.00 44.51  ? 116 VAL A O   1 
ATOM   872  C  CB  . VAL A 1 116 ? -2.304  -2.996  -1.465  1.00 41.04  ? 116 VAL A CB  1 
ATOM   873  C  CG1 . VAL A 1 116 ? -3.176  -4.083  -0.882  1.00 41.25  ? 116 VAL A CG1 1 
ATOM   874  C  CG2 . VAL A 1 116 ? -1.990  -1.915  -0.445  1.00 43.38  ? 116 VAL A CG2 1 
ATOM   875  N  N   . VAL A 1 117 ? -1.070  -5.921  -2.620  1.00 43.27  ? 117 VAL A N   1 
ATOM   876  C  CA  . VAL A 1 117 ? -1.195  -7.125  -3.397  1.00 43.00  ? 117 VAL A CA  1 
ATOM   877  C  C   . VAL A 1 117 ? -2.247  -7.990  -2.697  1.00 43.74  ? 117 VAL A C   1 
ATOM   878  O  O   . VAL A 1 117 ? -2.091  -8.316  -1.519  1.00 45.39  ? 117 VAL A O   1 
ATOM   879  C  CB  . VAL A 1 117 ? 0.165   -7.837  -3.511  1.00 42.30  ? 117 VAL A CB  1 
ATOM   880  C  CG1 . VAL A 1 117 ? 0.062   -9.153  -4.255  1.00 43.77  ? 117 VAL A CG1 1 
ATOM   881  C  CG2 . VAL A 1 117 ? 1.217   -6.947  -4.152  1.00 45.92  ? 117 VAL A CG2 1 
ATOM   882  N  N   . TYR A 1 118 ? -3.294  -8.353  -3.438  1.00 41.80  ? 118 TYR A N   1 
ATOM   883  C  CA  . TYR A 1 118 ? -4.503  -8.938  -2.909  1.00 42.58  ? 118 TYR A CA  1 
ATOM   884  C  C   . TYR A 1 118 ? -4.888  -10.134 -3.778  1.00 43.15  ? 118 TYR A C   1 
ATOM   885  O  O   . TYR A 1 118 ? -4.822  -10.072 -5.003  1.00 47.04  ? 118 TYR A O   1 
ATOM   886  C  CB  . TYR A 1 118 ? -5.586  -7.863  -2.854  1.00 45.23  ? 118 TYR A CB  1 
ATOM   887  C  CG  . TYR A 1 118 ? -7.015  -8.255  -2.527  1.00 42.71  ? 118 TYR A CG  1 
ATOM   888  C  CD1 . TYR A 1 118 ? -7.809  -8.926  -3.443  1.00 40.43  ? 118 TYR A CD1 1 
ATOM   889  C  CD2 . TYR A 1 118 ? -7.620  -7.817  -1.355  1.00 42.03  ? 118 TYR A CD2 1 
ATOM   890  C  CE1 . TYR A 1 118 ? -9.144  -9.204  -3.192  1.00 43.13  ? 118 TYR A CE1 1 
ATOM   891  C  CE2 . TYR A 1 118 ? -8.948  -8.102  -1.077  1.00 44.42  ? 118 TYR A CE2 1 
ATOM   892  C  CZ  . TYR A 1 118 ? -9.723  -8.771  -2.013  1.00 43.92  ? 118 TYR A CZ  1 
ATOM   893  O  OH  . TYR A 1 118 ? -11.038 -9.032  -1.776  1.00 47.01  ? 118 TYR A OH  1 
ATOM   894  N  N   . THR A 1 119 ? -5.298  -11.218 -3.119  1.00 43.86  ? 119 THR A N   1 
ATOM   895  C  CA  . THR A 1 119 ? -5.962  -12.320 -3.803  1.00 47.58  ? 119 THR A CA  1 
ATOM   896  C  C   . THR A 1 119 ? -7.086  -12.853 -2.909  1.00 46.06  ? 119 THR A C   1 
ATOM   897  O  O   . THR A 1 119 ? -6.833  -13.295 -1.787  1.00 48.85  ? 119 THR A O   1 
ATOM   898  C  CB  . THR A 1 119 ? -4.937  -13.347 -4.283  1.00 46.81  ? 119 THR A CB  1 
ATOM   899  O  OG1 . THR A 1 119 ? -5.691  -14.242 -5.087  1.00 54.46  ? 119 THR A OG1 1 
ATOM   900  C  CG2 . THR A 1 119 ? -4.224  -14.092 -3.188  1.00 46.26  ? 119 THR A CG2 1 
ATOM   901  N  N   . GLY A 1 120 ? -8.326  -12.739 -3.406  1.00 49.30  ? 120 GLY A N   1 
ATOM   902  C  CA  . GLY A 1 120 ? -9.551  -13.137 -2.681  1.00 48.68  ? 120 GLY A CA  1 
ATOM   903  C  C   . GLY A 1 120 ? -10.461 -14.042 -3.504  1.00 51.58  ? 120 GLY A C   1 
ATOM   904  O  O   . GLY A 1 120 ? -11.656 -14.116 -3.253  1.00 54.49  ? 120 GLY A O   1 
ATOM   905  N  N   . GLY A 1 121 ? -9.893  -14.738 -4.498  1.00 51.17  ? 121 GLY A N   1 
ATOM   906  C  CA  . GLY A 1 121 ? -10.610 -15.741 -5.287  1.00 49.20  ? 121 GLY A CA  1 
ATOM   907  C  C   . GLY A 1 121 ? -11.018 -15.260 -6.672  1.00 48.85  ? 121 GLY A C   1 
ATOM   908  O  O   . GLY A 1 121 ? -11.525 -16.070 -7.490  1.00 48.92  ? 121 GLY A O   1 
ATOM   909  N  N   . ASP A 1 122 ? -10.779 -13.975 -6.967  1.00 47.75  ? 122 ASP A N   1 
ATOM   910  C  CA  . ASP A 1 122 ? -11.204 -13.352 -8.269  1.00 52.67  ? 122 ASP A CA  1 
ATOM   911  C  C   . ASP A 1 122 ? -10.044 -12.543 -8.868  1.00 52.33  ? 122 ASP A C   1 
ATOM   912  O  O   . ASP A 1 122 ? -10.206 -11.382 -9.226  1.00 55.96  ? 122 ASP A O   1 
ATOM   913  C  CB  . ASP A 1 122 ? -12.477 -12.503 -8.099  1.00 52.96  ? 122 ASP A CB  1 
ATOM   914  C  CG  . ASP A 1 122 ? -12.431 -11.458 -6.987  1.00 54.15  ? 122 ASP A CG  1 
ATOM   915  O  OD1 . ASP A 1 122 ? -11.451 -11.443 -6.211  1.00 54.08  ? 122 ASP A OD1 1 
ATOM   916  O  OD2 . ASP A 1 122 ? -13.367 -10.637 -6.921  1.00 57.37  ? 122 ASP A OD2 1 
ATOM   917  N  N   . GLY A 1 123 ? -8.874  -13.175 -8.955  1.00 43.59  ? 123 GLY A N   1 
ATOM   918  C  CA  . GLY A 1 123 ? -7.718  -12.586 -9.532  1.00 44.55  ? 123 GLY A CA  1 
ATOM   919  C  C   . GLY A 1 123 ? -6.686  -12.181 -8.489  1.00 47.79  ? 123 GLY A C   1 
ATOM   920  O  O   . GLY A 1 123 ? -6.985  -12.071 -7.262  1.00 41.20  ? 123 GLY A O   1 
ATOM   921  N  N   . ASN A 1 124 ? -5.473  -11.934 -9.002  1.00 43.39  ? 124 ASN A N   1 
ATOM   922  C  CA  . ASN A 1 124 ? -4.440  -11.185 -8.326  1.00 47.86  ? 124 ASN A CA  1 
ATOM   923  C  C   . ASN A 1 124 ? -4.637  -9.697  -8.630  1.00 48.81  ? 124 ASN A C   1 
ATOM   924  O  O   . ASN A 1 124 ? -4.510  -9.277  -9.776  1.00 49.05  ? 124 ASN A O   1 
ATOM   925  C  CB  . ASN A 1 124 ? -3.052  -11.651 -8.767  1.00 51.01  ? 124 ASN A CB  1 
ATOM   926  C  CG  . ASN A 1 124 ? -2.841  -13.118 -8.473  1.00 54.91  ? 124 ASN A CG  1 
ATOM   927  O  OD1 . ASN A 1 124 ? -2.421  -13.868 -9.341  1.00 61.78  ? 124 ASN A OD1 1 
ATOM   928  N  ND2 . ASN A 1 124 ? -3.155  -13.539 -7.261  1.00 51.32  ? 124 ASN A ND2 1 
ATOM   929  N  N   . LEU A 1 125 ? -4.913  -8.919  -7.579  1.00 47.96  ? 125 LEU A N   1 
ATOM   930  C  CA  . LEU A 1 125 ? -5.382  -7.542  -7.671  1.00 45.18  ? 125 LEU A CA  1 
ATOM   931  C  C   . LEU A 1 125 ? -4.384  -6.589  -7.011  1.00 45.04  ? 125 LEU A C   1 
ATOM   932  O  O   . LEU A 1 125 ? -3.719  -6.942  -6.035  1.00 46.13  ? 125 LEU A O   1 
ATOM   933  C  CB  . LEU A 1 125 ? -6.749  -7.458  -6.998  1.00 40.24  ? 125 LEU A CB  1 
ATOM   934  C  CG  . LEU A 1 125 ? -7.760  -8.480  -7.510  1.00 44.59  ? 125 LEU A CG  1 
ATOM   935  C  CD1 . LEU A 1 125 ? -9.106  -8.292  -6.833  1.00 42.18  ? 125 LEU A CD1 1 
ATOM   936  C  CD2 . LEU A 1 125 ? -7.906  -8.419  -9.028  1.00 44.29  ? 125 LEU A CD2 1 
ATOM   937  N  N   . TYR A 1 126 ? -4.309  -5.370  -7.551  1.00 44.80  ? 126 TYR A N   1 
ATOM   938  C  CA  . TYR A 1 126 ? -3.279  -4.398  -7.194  1.00 48.62  ? 126 TYR A CA  1 
ATOM   939  C  C   . TYR A 1 126 ? -3.884  -2.991  -7.089  1.00 46.22  ? 126 TYR A C   1 
ATOM   940  O  O   . TYR A 1 126 ? -4.694  -2.631  -7.903  1.00 46.11  ? 126 TYR A O   1 
ATOM   941  C  CB  . TYR A 1 126 ? -2.169  -4.423  -8.254  1.00 48.59  ? 126 TYR A CB  1 
ATOM   942  C  CG  . TYR A 1 126 ? -1.596  -5.794  -8.524  1.00 45.33  ? 126 TYR A CG  1 
ATOM   943  C  CD1 . TYR A 1 126 ? -0.671  -6.372  -7.671  1.00 47.97  ? 126 TYR A CD1 1 
ATOM   944  C  CD2 . TYR A 1 126 ? -1.987  -6.524  -9.631  1.00 46.61  ? 126 TYR A CD2 1 
ATOM   945  C  CE1 . TYR A 1 126 ? -0.152  -7.636  -7.911  1.00 51.52  ? 126 TYR A CE1 1 
ATOM   946  C  CE2 . TYR A 1 126 ? -1.465  -7.780  -9.894  1.00 50.41  ? 126 TYR A CE2 1 
ATOM   947  C  CZ  . TYR A 1 126 ? -0.544  -8.345  -9.031  1.00 49.91  ? 126 TYR A CZ  1 
ATOM   948  O  OH  . TYR A 1 126 ? -0.049  -9.595  -9.282  1.00 47.36  ? 126 TYR A OH  1 
ATOM   949  N  N   . GLN A 1 127 ? -3.458  -2.216  -6.083  1.00 45.36  ? 127 GLN A N   1 
ATOM   950  C  CA  . GLN A 1 127 ? -3.604  -0.739  -6.048  1.00 44.87  ? 127 GLN A CA  1 
ATOM   951  C  C   . GLN A 1 127 ? -2.324  -0.158  -5.460  1.00 45.65  ? 127 GLN A C   1 
ATOM   952  O  O   . GLN A 1 127 ? -1.701  -0.821  -4.642  1.00 46.25  ? 127 GLN A O   1 
ATOM   953  C  CB  . GLN A 1 127 ? -4.754  -0.255  -5.161  1.00 41.85  ? 127 GLN A CB  1 
ATOM   954  C  CG  . GLN A 1 127 ? -6.136  -0.742  -5.576  1.00 47.97  ? 127 GLN A CG  1 
ATOM   955  C  CD  . GLN A 1 127 ? -6.751  0.120   -6.649  1.00 50.08  ? 127 GLN A CD  1 
ATOM   956  O  OE1 . GLN A 1 127 ? -7.434  1.116   -6.356  1.00 47.61  ? 127 GLN A OE1 1 
ATOM   957  N  NE2 . GLN A 1 127 ? -6.488  -0.266  -7.899  1.00 40.94  ? 127 GLN A NE2 1 
ATOM   958  N  N   . CYS A 1 128 ? -1.993  1.076   -5.860  1.00 47.15  ? 128 CYS A N   1 
ATOM   959  C  CA  . CYS A 1 128 ? -0.746  1.794   -5.502  1.00 48.31  ? 128 CYS A CA  1 
ATOM   960  C  C   . CYS A 1 128 ? -1.065  3.144   -4.847  1.00 46.06  ? 128 CYS A C   1 
ATOM   961  O  O   . CYS A 1 128 ? -2.031  3.834   -5.208  1.00 47.89  ? 128 CYS A O   1 
ATOM   962  C  CB  . CYS A 1 128 ? 0.146   2.016   -6.722  1.00 47.49  ? 128 CYS A CB  1 
ATOM   963  S  SG  . CYS A 1 128 ? 0.885   0.469   -7.314  1.00 50.55  ? 128 CYS A SG  1 
ATOM   964  N  N   . ALA A 1 129 ? -0.244  3.487   -3.850  1.00 42.07  ? 129 ALA A N   1 
ATOM   965  C  CA  . ALA A 1 129 ? -0.282  4.773   -3.148  1.00 40.50  ? 129 ALA A CA  1 
ATOM   966  C  C   . ALA A 1 129 ? 1.112   5.393   -3.222  1.00 41.45  ? 129 ALA A C   1 
ATOM   967  O  O   . ALA A 1 129 ? 2.109   4.756   -2.855  1.00 43.61  ? 129 ALA A O   1 
ATOM   968  C  CB  . ALA A 1 129 ? -0.722  4.597   -1.718  1.00 41.61  ? 129 ALA A CB  1 
ATOM   969  N  N   . ASP A 1 130 ? 1.165   6.618   -3.749  1.00 42.14  ? 130 ASP A N   1 
ATOM   970  C  CA  . ASP A 1 130 ? 2.345   7.397   -3.808  1.00 44.81  ? 130 ASP A CA  1 
ATOM   971  C  C   . ASP A 1 130 ? 2.402   8.246   -2.532  1.00 46.80  ? 130 ASP A C   1 
ATOM   972  O  O   . ASP A 1 130 ? 1.411   8.919   -2.165  1.00 43.36  ? 130 ASP A O   1 
ATOM   973  C  CB  . ASP A 1 130 ? 2.346   8.235   -5.080  1.00 45.72  ? 130 ASP A CB  1 
ATOM   974  C  CG  . ASP A 1 130 ? 2.341   7.415   -6.349  1.00 47.29  ? 130 ASP A CG  1 
ATOM   975  O  OD1 . ASP A 1 130 ? 2.939   6.310   -6.349  1.00 46.28  ? 130 ASP A OD1 1 
ATOM   976  O  OD2 . ASP A 1 130 ? 1.758   7.909   -7.347  1.00 45.61  ? 130 ASP A OD2 1 
ATOM   977  N  N   . VAL A 1 131 ? 3.537   8.149   -1.832  1.00 49.60  ? 131 VAL A N   1 
ATOM   978  C  CA  . VAL A 1 131 ? 3.731   8.805   -0.540  1.00 48.00  ? 131 VAL A CA  1 
ATOM   979  C  C   . VAL A 1 131 ? 5.065   9.551   -0.557  1.00 46.25  ? 131 VAL A C   1 
ATOM   980  O  O   . VAL A 1 131 ? 5.903   9.326   -1.430  1.00 47.28  ? 131 VAL A O   1 
ATOM   981  C  CB  . VAL A 1 131 ? 3.677   7.792   0.626   1.00 50.23  ? 131 VAL A CB  1 
ATOM   982  C  CG1 . VAL A 1 131 ? 2.348   7.057   0.657   1.00 51.72  ? 131 VAL A CG1 1 
ATOM   983  C  CG2 . VAL A 1 131 ? 4.831   6.800   0.591   1.00 46.20  ? 131 VAL A CG2 1 
ATOM   984  N  N   . THR A 1 132 ? 5.212   10.452  0.422   1.00 49.83  ? 132 THR A N   1 
ATOM   985  C  CA  . THR A 1 132 ? 6.477   11.018  0.858   1.00 48.02  ? 132 THR A CA  1 
ATOM   986  C  C   . THR A 1 132 ? 6.568   10.774  2.370   1.00 48.46  ? 132 THR A C   1 
ATOM   987  O  O   . THR A 1 132 ? 5.686   11.170  3.114   1.00 46.45  ? 132 THR A O   1 
ATOM   988  C  CB  . THR A 1 132 ? 6.590   12.514  0.510   1.00 51.76  ? 132 THR A CB  1 
ATOM   989  O  OG1 . THR A 1 132 ? 6.368   12.695  -0.890  1.00 55.76  ? 132 THR A OG1 1 
ATOM   990  C  CG2 . THR A 1 132 ? 7.936   13.105  0.878   1.00 50.06  ? 132 THR A CG2 1 
ATOM   991  N  N   . PHE A 1 133 ? 7.622   10.081  2.798   1.00 56.11  ? 133 PHE A N   1 
ATOM   992  C  CA  . PHE A 1 133 ? 7.868   9.796   4.202   1.00 57.03  ? 133 PHE A CA  1 
ATOM   993  C  C   . PHE A 1 133 ? 8.301   11.090  4.899   1.00 60.56  ? 133 PHE A C   1 
ATOM   994  O  O   . PHE A 1 133 ? 9.166   11.806  4.399   1.00 57.14  ? 133 PHE A O   1 
ATOM   995  C  CB  . PHE A 1 133 ? 8.919   8.697   4.375   1.00 55.89  ? 133 PHE A CB  1 
ATOM   996  C  CG  . PHE A 1 133 ? 8.489   7.336   3.894   1.00 53.38  ? 133 PHE A CG  1 
ATOM   997  C  CD1 . PHE A 1 133 ? 7.304   6.770   4.336   1.00 54.84  ? 133 PHE A CD1 1 
ATOM   998  C  CD2 . PHE A 1 133 ? 9.258   6.631   2.986   1.00 53.21  ? 133 PHE A CD2 1 
ATOM   999  C  CE1 . PHE A 1 133 ? 6.895   5.531   3.869   1.00 51.62  ? 133 PHE A CE1 1 
ATOM   1000 C  CE2 . PHE A 1 133 ? 8.847   5.393   2.518   1.00 49.71  ? 133 PHE A CE2 1 
ATOM   1001 C  CZ  . PHE A 1 133 ? 7.672   4.842   2.969   1.00 51.23  ? 133 PHE A CZ  1 
ATOM   1002 N  N   . ARG A 1 134 ? 7.647   11.376  6.033   1.00 65.89  ? 134 ARG A N   1 
ATOM   1003 C  CA  . ARG A 1 134 ? 7.957   12.504  6.915   1.00 68.17  ? 134 ARG A CA  1 
ATOM   1004 C  C   . ARG A 1 134 ? 8.228   11.992  8.332   1.00 71.98  ? 134 ARG A C   1 
ATOM   1005 O  O   . ARG A 1 134 ? 7.692   10.952  8.734   1.00 65.76  ? 134 ARG A O   1 
ATOM   1006 C  CB  . ARG A 1 134 ? 6.787   13.483  6.974   1.00 67.57  ? 134 ARG A CB  1 
ATOM   1007 C  CG  . ARG A 1 134 ? 6.418   14.058  5.620   1.00 69.40  ? 134 ARG A CG  1 
ATOM   1008 C  CD  . ARG A 1 134 ? 7.530   14.902  5.039   1.00 68.82  ? 134 ARG A CD  1 
ATOM   1009 N  NE  . ARG A 1 134 ? 6.979   15.615  3.900   1.00 73.05  ? 134 ARG A NE  1 
ATOM   1010 C  CZ  . ARG A 1 134 ? 7.686   16.182  2.943   1.00 67.12  ? 134 ARG A CZ  1 
ATOM   1011 N  NH1 . ARG A 1 134 ? 7.093   16.493  1.803   1.00 66.86  ? 134 ARG A NH1 1 
ATOM   1012 N  NH2 . ARG A 1 134 ? 8.976   16.406  3.117   1.00 74.08  ? 134 ARG A NH2 1 
ATOM   1013 N  N   . THR A 1 135 ? 9.044   12.753  9.071   1.00 77.27  ? 135 THR A N   1 
ATOM   1014 C  CA  . THR A 1 135 ? 9.363   12.486  10.474  1.00 77.38  ? 135 THR A CA  1 
ATOM   1015 C  C   . THR A 1 135 ? 8.068   12.276  11.256  1.00 73.09  ? 135 THR A C   1 
ATOM   1016 O  O   . THR A 1 135 ? 7.835   11.219  11.858  1.00 72.73  ? 135 THR A O   1 
ATOM   1017 C  CB  . THR A 1 135 ? 10.175  13.642  11.070  1.00 83.32  ? 135 THR A CB  1 
ATOM   1018 O  OG1 . THR A 1 135 ? 11.394  13.726  10.325  1.00 82.65  ? 135 THR A OG1 1 
ATOM   1019 C  CG2 . THR A 1 135 ? 10.460  13.466  12.547  1.00 80.49  ? 135 THR A CG2 1 
ATOM   1020 N  N   . THR A 1 136 ? 7.218   13.300  11.212  1.00 77.06  ? 136 THR A N   1 
ATOM   1021 C  CA  . THR A 1 136 ? 5.884   13.236  11.781  1.00 79.04  ? 136 THR A CA  1 
ATOM   1022 C  C   . THR A 1 136 ? 4.899   13.837  10.772  1.00 71.74  ? 136 THR A C   1 
ATOM   1023 O  O   . THR A 1 136 ? 5.285   14.598  9.874   1.00 64.30  ? 136 THR A O   1 
ATOM   1024 C  CB  . THR A 1 136 ? 5.803   13.936  13.152  1.00 77.57  ? 136 THR A CB  1 
ATOM   1025 O  OG1 . THR A 1 136 ? 5.797   15.355  12.972  1.00 68.74  ? 136 THR A OG1 1 
ATOM   1026 C  CG2 . THR A 1 136 ? 6.930   13.545  14.086  1.00 76.67  ? 136 THR A CG2 1 
ATOM   1027 N  N   . VAL A 1 137 ? 3.627   13.470  10.948  1.00 68.34  ? 137 VAL A N   1 
ATOM   1028 C  CA  . VAL A 1 137 ? 2.523   14.063  10.244  1.00 71.58  ? 137 VAL A CA  1 
ATOM   1029 C  C   . VAL A 1 137 ? 1.457   14.367  11.301  1.00 76.43  ? 137 VAL A C   1 
ATOM   1030 O  O   . VAL A 1 137 ? 0.969   13.458  11.962  1.00 85.72  ? 137 VAL A O   1 
ATOM   1031 C  CB  . VAL A 1 137 ? 2.012   13.119  9.131   1.00 68.91  ? 137 VAL A CB  1 
ATOM   1032 C  CG1 . VAL A 1 137 ? 0.703   13.596  8.527   1.00 71.65  ? 137 VAL A CG1 1 
ATOM   1033 C  CG2 . VAL A 1 137 ? 3.052   12.906  8.037   1.00 62.93  ? 137 VAL A CG2 1 
ATOM   1034 N  N   . ALA A 1 138 ? 1.154   15.653  11.495  1.00 84.10  ? 138 ALA A N   1 
ATOM   1035 C  CA  . ALA A 1 138 ? 0.121   16.076  12.436  1.00 94.62  ? 138 ALA A CA  1 
ATOM   1036 C  C   . ALA A 1 138 ? -1.235  16.031  11.717  1.00 98.87  ? 138 ALA A C   1 
ATOM   1037 O  O   . ALA A 1 138 ? -1.292  16.060  10.487  1.00 99.90  ? 138 ALA A O   1 
ATOM   1038 C  CB  . ALA A 1 138 ? 0.442   17.449  12.985  1.00 93.38  ? 138 ALA A CB  1 
ATOM   1039 N  N   . ASN A 1 139 ? -2.314  15.915  12.497  1.00 102.20 ? 139 ASN A N   1 
ATOM   1040 C  CA  . ASN A 1 139 ? -3.691  15.826  11.978  1.00 109.59 ? 139 ASN A CA  1 
ATOM   1041 C  C   . ASN A 1 139 ? -3.852  14.561  11.120  1.00 106.03 ? 139 ASN A C   1 
ATOM   1042 O  O   . ASN A 1 139 ? -4.759  14.477  10.289  1.00 98.52  ? 139 ASN A O   1 
ATOM   1043 C  CB  . ASN A 1 139 ? -4.102  17.081  11.195  1.00 117.26 ? 139 ASN A CB  1 
ATOM   1044 C  CG  . ASN A 1 139 ? -4.374  18.280  12.082  1.00 115.35 ? 139 ASN A CG  1 
ATOM   1045 O  OD1 . ASN A 1 139 ? -5.414  18.356  12.734  1.00 104.42 ? 139 ASN A OD1 1 
ATOM   1046 N  ND2 . ASN A 1 139 ? -3.453  19.230  12.102  1.00 109.81 ? 139 ASN A ND2 1 
ATOM   1047 N  N   . LEU A 1 140 ? -2.984  13.567  11.343  1.00 103.68 ? 140 LEU A N   1 
ATOM   1048 C  CA  . LEU A 1 140 ? -3.137  12.284  10.699  1.00 93.96  ? 140 LEU A CA  1 
ATOM   1049 C  C   . LEU A 1 140 ? -4.396  11.617  11.263  1.00 94.44  ? 140 LEU A C   1 
ATOM   1050 O  O   . LEU A 1 140 ? -4.400  11.167  12.403  1.00 98.68  ? 140 LEU A O   1 
ATOM   1051 C  CB  . LEU A 1 140 ? -1.903  11.416  10.949  1.00 87.58  ? 140 LEU A CB  1 
ATOM   1052 C  CG  . LEU A 1 140 ? -2.059  9.972   10.482  1.00 87.73  ? 140 LEU A CG  1 
ATOM   1053 C  CD1 . LEU A 1 140 ? -2.068  9.909   8.960   1.00 84.09  ? 140 LEU A CD1 1 
ATOM   1054 C  CD2 . LEU A 1 140 ? -0.978  9.082   11.075  1.00 82.39  ? 140 LEU A CD2 1 
ATOM   1055 N  N   . ASN A 1 141 ? -5.444  11.572  10.436  1.00 88.60  ? 141 ASN A N   1 
ATOM   1056 C  CA  . ASN A 1 141 ? -6.754  11.040  10.777  1.00 88.98  ? 141 ASN A CA  1 
ATOM   1057 C  C   . ASN A 1 141 ? -6.694  9.504   10.734  1.00 93.96  ? 141 ASN A C   1 
ATOM   1058 O  O   . ASN A 1 141 ? -6.269  8.941   9.734   1.00 93.67  ? 141 ASN A O   1 
ATOM   1059 C  CB  . ASN A 1 141 ? -7.783  11.660  9.828   1.00 92.46  ? 141 ASN A CB  1 
ATOM   1060 C  CG  . ASN A 1 141 ? -9.190  11.134  9.985   1.00 90.94  ? 141 ASN A CG  1 
ATOM   1061 O  OD1 . ASN A 1 141 ? -9.453  10.309  10.853  1.00 95.67  ? 141 ASN A OD1 1 
ATOM   1062 N  ND2 . ASN A 1 141 ? -10.093 11.600  9.134   1.00 92.57  ? 141 ASN A ND2 1 
ATOM   1063 N  N   . SER A 1 142 ? -7.130  8.852   11.826  1.00 90.26  ? 142 SER A N   1 
ATOM   1064 C  CA  . SER A 1 142 ? -6.979  7.400   12.069  1.00 89.05  ? 142 SER A CA  1 
ATOM   1065 C  C   . SER A 1 142 ? -8.337  6.686   12.148  1.00 83.86  ? 142 SER A C   1 
ATOM   1066 O  O   . SER A 1 142 ? -8.407  5.477   12.402  1.00 78.13  ? 142 SER A O   1 
ATOM   1067 C  CB  . SER A 1 142 ? -6.188  7.163   13.330  1.00 95.34  ? 142 SER A CB  1 
ATOM   1068 O  OG  . SER A 1 142 ? -4.871  7.673   13.192  1.00 97.44  ? 142 SER A OG  1 
ATOM   1069 N  N   . SER A 1 143 ? -9.419  7.429   11.918  1.00 79.56  ? 143 SER A N   1 
ATOM   1070 C  CA  . SER A 1 143 ? -10.753 6.901   12.044  1.00 75.57  ? 143 SER A CA  1 
ATOM   1071 C  C   . SER A 1 143 ? -10.928 5.715   11.092  1.00 73.16  ? 143 SER A C   1 
ATOM   1072 O  O   . SER A 1 143 ? -11.634 4.779   11.433  1.00 82.01  ? 143 SER A O   1 
ATOM   1073 C  CB  . SER A 1 143 ? -11.782 7.967   11.774  1.00 77.79  ? 143 SER A CB  1 
ATOM   1074 O  OG  . SER A 1 143 ? -11.777 8.327   10.393  1.00 82.74  ? 143 SER A OG  1 
ATOM   1075 N  N   . VAL A 1 144 ? -10.280 5.775   9.915   1.00 67.04  ? 144 VAL A N   1 
ATOM   1076 C  CA  . VAL A 1 144 ? -10.411 4.748   8.868   1.00 69.12  ? 144 VAL A CA  1 
ATOM   1077 C  C   . VAL A 1 144 ? -9.643  3.482   9.268   1.00 62.41  ? 144 VAL A C   1 
ATOM   1078 O  O   . VAL A 1 144 ? -9.771  2.460   8.582   1.00 64.49  ? 144 VAL A O   1 
ATOM   1079 C  CB  . VAL A 1 144 ? -9.950  5.222   7.465   1.00 68.27  ? 144 VAL A CB  1 
ATOM   1080 C  CG1 . VAL A 1 144 ? -10.853 6.307   6.901   1.00 67.70  ? 144 VAL A CG1 1 
ATOM   1081 C  CG2 . VAL A 1 144 ? -8.490  5.656   7.430   1.00 66.17  ? 144 VAL A CG2 1 
ATOM   1082 N  N   . CYS A 1 145 ? -8.814  3.564   10.319  1.00 59.17  ? 145 CYS A N   1 
ATOM   1083 C  CA  . CYS A 1 145 ? -7.990  2.432   10.728  1.00 62.49  ? 145 CYS A CA  1 
ATOM   1084 C  C   . CYS A 1 145 ? -8.729  1.575   11.767  1.00 62.20  ? 145 CYS A C   1 
ATOM   1085 O  O   . CYS A 1 145 ? -8.462  1.656   12.951  1.00 62.83  ? 145 CYS A O   1 
ATOM   1086 C  CB  . CYS A 1 145 ? -6.636  2.874   11.267  1.00 58.89  ? 145 CYS A CB  1 
ATOM   1087 S  SG  . CYS A 1 145 ? -5.520  1.467   11.495  1.00 64.30  ? 145 CYS A SG  1 
ATOM   1088 N  N   . THR A 1 146 ? -9.658  0.752   11.279  1.00 57.22  ? 146 THR A N   1 
ATOM   1089 C  CA  . THR A 1 146 ? -10.363 -0.240  12.060  1.00 61.10  ? 146 THR A CA  1 
ATOM   1090 C  C   . THR A 1 146 ? -10.226 -1.596  11.353  1.00 61.63  ? 146 THR A C   1 
ATOM   1091 O  O   . THR A 1 146 ? -9.825  -1.657  10.178  1.00 61.25  ? 146 THR A O   1 
ATOM   1092 C  CB  . THR A 1 146 ? -11.834 0.159   12.237  1.00 62.95  ? 146 THR A CB  1 
ATOM   1093 O  OG1 . THR A 1 146 ? -12.467 0.072   10.958  1.00 70.33  ? 146 THR A OG1 1 
ATOM   1094 C  CG2 . THR A 1 146 ? -12.006 1.553   12.802  1.00 64.93  ? 146 THR A CG2 1 
ATOM   1095 N  N   . ASN A 1 147 ? -10.546 -2.674  12.077  1.00 53.96  ? 147 ASN A N   1 
ATOM   1096 C  CA  . ASN A 1 147 ? -10.771 -3.991  11.494  1.00 51.71  ? 147 ASN A CA  1 
ATOM   1097 C  C   . ASN A 1 147 ? -12.253 -4.326  11.709  1.00 55.04  ? 147 ASN A C   1 
ATOM   1098 O  O   . ASN A 1 147 ? -12.690 -4.499  12.844  1.00 57.02  ? 147 ASN A O   1 
ATOM   1099 C  CB  . ASN A 1 147 ? -9.849  -5.065  12.098  1.00 51.38  ? 147 ASN A CB  1 
ATOM   1100 C  CG  . ASN A 1 147 ? -8.403  -5.036  11.609  1.00 57.53  ? 147 ASN A CG  1 
ATOM   1101 O  OD1 . ASN A 1 147 ? -8.105  -4.498  10.546  1.00 55.97  ? 147 ASN A OD1 1 
ATOM   1102 N  ND2 . ASN A 1 147 ? -7.490  -5.625  12.374  1.00 47.56  ? 147 ASN A ND2 1 
ATOM   1103 N  N   . SER A 1 148 ? -13.037 -4.412  10.632  1.00 51.89  ? 148 SER A N   1 
ATOM   1104 C  CA  . SER A 1 148 ? -14.389 -4.929  10.727  1.00 53.60  ? 148 SER A CA  1 
ATOM   1105 C  C   . SER A 1 148 ? -14.331 -6.420  11.096  1.00 65.47  ? 148 SER A C   1 
ATOM   1106 O  O   . SER A 1 148 ? -13.436 -7.137  10.645  1.00 72.40  ? 148 SER A O   1 
ATOM   1107 C  CB  . SER A 1 148 ? -15.130 -4.717  9.441   1.00 59.04  ? 148 SER A CB  1 
ATOM   1108 O  OG  . SER A 1 148 ? -14.828 -3.440  8.905   1.00 62.80  ? 148 SER A OG  1 
ATOM   1109 N  N   . THR A 1 149 ? -15.281 -6.870  11.925  1.00 70.98  ? 149 THR A N   1 
ATOM   1110 C  CA  . THR A 1 149 ? -15.388 -8.257  12.402  1.00 74.38  ? 149 THR A CA  1 
ATOM   1111 C  C   . THR A 1 149 ? -16.859 -8.687  12.425  1.00 82.46  ? 149 THR A C   1 
ATOM   1112 O  O   . THR A 1 149 ? -17.745 -7.843  12.533  1.00 75.39  ? 149 THR A O   1 
ATOM   1113 C  CB  . THR A 1 149 ? -14.822 -8.417  13.819  1.00 77.61  ? 149 THR A CB  1 
ATOM   1114 O  OG1 . THR A 1 149 ? -15.650 -7.629  14.675  1.00 73.77  ? 149 THR A OG1 1 
ATOM   1115 C  CG2 . THR A 1 149 ? -13.372 -7.999  13.950  1.00 78.23  ? 149 THR A CG2 1 
ATOM   1116 N  N   . HIS A 1 150 ? -17.098 -10.004 12.360  1.00 97.24  ? 150 HIS A N   1 
ATOM   1117 C  CA  . HIS A 1 150 ? -18.451 -10.591 12.334  1.00 106.85 ? 150 HIS A CA  1 
ATOM   1118 C  C   . HIS A 1 150 ? -18.577 -11.658 13.423  1.00 107.91 ? 150 HIS A C   1 
ATOM   1119 O  O   . HIS A 1 150 ? -19.244 -11.434 14.427  1.00 112.51 ? 150 HIS A O   1 
ATOM   1120 C  CB  . HIS A 1 150 ? -18.770 -11.160 10.943  1.00 110.05 ? 150 HIS A CB  1 
ATOM   1121 C  CG  . HIS A 1 150 ? -18.650 -10.145 9.857   1.00 117.57 ? 150 HIS A CG  1 
ATOM   1122 N  ND1 . HIS A 1 150 ? -17.462 -9.926  9.181   1.00 112.95 ? 150 HIS A ND1 1 
ATOM   1123 C  CD2 . HIS A 1 150 ? -19.547 -9.268  9.351   1.00 114.89 ? 150 HIS A CD2 1 
ATOM   1124 C  CE1 . HIS A 1 150 ? -17.637 -8.961  8.299   1.00 115.11 ? 150 HIS A CE1 1 
ATOM   1125 N  NE2 . HIS A 1 150 ? -18.910 -8.544  8.378   1.00 113.49 ? 150 HIS A NE2 1 
HETATM 1126 C  C1  . NAG B 2 .   ? 9.559   13.346  -4.831  1.00 69.88  ? 201 NAG A C1  1 
HETATM 1127 C  C2  . NAG B 2 .   ? 10.716  13.898  -5.623  1.00 77.38  ? 201 NAG A C2  1 
HETATM 1128 C  C3  . NAG B 2 .   ? 10.466  15.357  -5.966  1.00 77.96  ? 201 NAG A C3  1 
HETATM 1129 C  C4  . NAG B 2 .   ? 9.128   15.512  -6.692  1.00 75.28  ? 201 NAG A C4  1 
HETATM 1130 C  C5  . NAG B 2 .   ? 7.995   14.800  -5.933  1.00 72.67  ? 201 NAG A C5  1 
HETATM 1131 C  C6  . NAG B 2 .   ? 6.712   14.798  -6.751  1.00 65.69  ? 201 NAG A C6  1 
HETATM 1132 C  C7  . NAG B 2 .   ? 13.062  13.247  -5.469  1.00 89.29  ? 201 NAG A C7  1 
HETATM 1133 C  C8  . NAG B 2 .   ? 14.326  13.288  -4.651  1.00 89.27  ? 201 NAG A C8  1 
HETATM 1134 N  N2  . NAG B 2 .   ? 11.966  13.746  -4.882  1.00 81.43  ? 201 NAG A N2  1 
HETATM 1135 O  O3  . NAG B 2 .   ? 11.522  15.843  -6.787  1.00 76.71  ? 201 NAG A O3  1 
HETATM 1136 O  O4  . NAG B 2 .   ? 8.807   16.901  -6.827  1.00 73.14  ? 201 NAG A O4  1 
HETATM 1137 O  O5  . NAG B 2 .   ? 8.366   13.441  -5.632  1.00 68.20  ? 201 NAG A O5  1 
HETATM 1138 O  O6  . NAG B 2 .   ? 5.578   14.827  -5.868  1.00 71.24  ? 201 NAG A O6  1 
HETATM 1139 O  O7  . NAG B 2 .   ? 13.043  12.811  -6.614  1.00 83.78  ? 201 NAG A O7  1 
HETATM 1140 C  C1  . NAG C 2 .   ? -4.086  12.254  -7.134  1.00 45.86  ? 202 NAG A C1  1 
HETATM 1141 C  C2  . NAG C 2 .   ? -5.164  11.630  -6.289  1.00 45.71  ? 202 NAG A C2  1 
HETATM 1142 C  C3  . NAG C 2 .   ? -6.078  10.717  -7.122  1.00 46.25  ? 202 NAG A C3  1 
HETATM 1143 C  C4  . NAG C 2 .   ? -6.494  11.392  -8.415  1.00 47.58  ? 202 NAG A C4  1 
HETATM 1144 C  C5  . NAG C 2 .   ? -5.278  11.942  -9.122  1.00 48.41  ? 202 NAG A C5  1 
HETATM 1145 C  C6  . NAG C 2 .   ? -5.643  12.631  -10.428 1.00 48.11  ? 202 NAG A C6  1 
HETATM 1146 C  C7  . NAG C 2 .   ? -4.607  11.308  -3.979  1.00 51.17  ? 202 NAG A C7  1 
HETATM 1147 C  C8  . NAG C 2 .   ? -3.770  10.515  -2.982  1.00 49.33  ? 202 NAG A C8  1 
HETATM 1148 N  N2  . NAG C 2 .   ? -4.562  10.890  -5.240  1.00 47.58  ? 202 NAG A N2  1 
HETATM 1149 O  O3  . NAG C 2 .   ? -7.227  10.396  -6.380  1.00 47.05  ? 202 NAG A O3  1 
HETATM 1150 O  O4  . NAG C 2 .   ? -7.160  10.459  -9.246  1.00 49.42  ? 202 NAG A O4  1 
HETATM 1151 O  O5  . NAG C 2 .   ? -4.657  12.873  -8.267  1.00 45.67  ? 202 NAG A O5  1 
HETATM 1152 O  O6  . NAG C 2 .   ? -6.639  13.604  -10.169 1.00 53.71  ? 202 NAG A O6  1 
HETATM 1153 O  O7  . NAG C 2 .   ? -5.235  12.285  -3.655  1.00 49.55  ? 202 NAG A O7  1 
HETATM 1154 CU CU  . CU  D 3 .   ? -13.313 -9.185  -5.572  1.00 56.29  2 203 CU  A CU  1 
HETATM 1155 C  C1  . NAG E 2 .   ? 14.627  -9.586  -1.313  1.00 101.70 ? 204 NAG A C1  1 
HETATM 1156 C  C2  . NAG E 2 .   ? 15.485  -9.942  -0.141  1.00 102.20 ? 204 NAG A C2  1 
HETATM 1157 C  C3  . NAG E 2 .   ? 15.489  -11.424 0.060   1.00 96.00  ? 204 NAG A C3  1 
HETATM 1158 C  C4  . NAG E 2 .   ? 14.047  -11.981 0.139   1.00 93.78  ? 204 NAG A C4  1 
HETATM 1159 C  C5  . NAG E 2 .   ? 13.076  -11.329 -0.895  1.00 92.76  ? 204 NAG A C5  1 
HETATM 1160 C  C6  . NAG E 2 .   ? 11.618  -11.577 -0.496  1.00 83.72  ? 204 NAG A C6  1 
HETATM 1161 C  C7  . NAG E 2 .   ? 17.445  -8.613  0.576   1.00 96.91  ? 204 NAG A C7  1 
HETATM 1162 C  C8  . NAG E 2 .   ? 16.738  -8.440  1.913   1.00 96.11  ? 204 NAG A C8  1 
HETATM 1163 N  N2  . NAG E 2 .   ? 16.850  -9.432  -0.331  1.00 95.41  ? 204 NAG A N2  1 
HETATM 1164 O  O3  . NAG E 2 .   ? 16.194  -11.731 1.274   1.00 92.48  ? 204 NAG A O3  1 
HETATM 1165 O  O4  . NAG E 2 .   ? 14.079  -13.392 -0.086  1.00 92.04  ? 204 NAG A O4  1 
HETATM 1166 O  O5  . NAG E 2 .   ? 13.287  -9.913  -0.991  1.00 102.56 ? 204 NAG A O5  1 
HETATM 1167 O  O6  . NAG E 2 .   ? 10.783  -11.484 -1.645  1.00 78.56  ? 204 NAG A O6  1 
HETATM 1168 O  O7  . NAG E 2 .   ? 18.474  -8.018  0.321   1.00 91.15  ? 204 NAG A O7  1 
HETATM 1169 C  C1  . NAG F 2 .   ? -6.079  -5.706  12.096  1.00 46.43  ? 205 NAG A C1  1 
HETATM 1170 C  C2  . NAG F 2 .   ? -5.422  -4.914  13.155  1.00 48.33  ? 205 NAG A C2  1 
HETATM 1171 C  C3  . NAG F 2 .   ? -3.934  -4.957  13.028  1.00 48.37  ? 205 NAG A C3  1 
HETATM 1172 C  C4  . NAG F 2 .   ? -3.445  -6.367  13.014  1.00 47.23  ? 205 NAG A C4  1 
HETATM 1173 C  C5  . NAG F 2 .   ? -4.176  -7.180  12.004  1.00 46.40  ? 205 NAG A C5  1 
HETATM 1174 C  C6  . NAG F 2 .   ? -3.800  -8.619  12.129  1.00 47.96  ? 205 NAG A C6  1 
HETATM 1175 C  C7  . NAG F 2 .   ? -6.478  -3.014  14.114  1.00 54.11  ? 205 NAG A C7  1 
HETATM 1176 C  C8  . NAG F 2 .   ? -6.797  -1.551  13.953  1.00 51.32  ? 205 NAG A C8  1 
HETATM 1177 N  N2  . NAG F 2 .   ? -5.860  -3.568  13.103  1.00 51.23  ? 205 NAG A N2  1 
HETATM 1178 O  O3  . NAG F 2 .   ? -3.345  -4.253  14.127  1.00 52.73  ? 205 NAG A O3  1 
HETATM 1179 O  O4  . NAG F 2 .   ? -2.054  -6.377  12.709  1.00 56.17  ? 205 NAG A O4  1 
HETATM 1180 O  O5  . NAG F 2 .   ? -5.611  -7.055  12.165  1.00 46.73  ? 205 NAG A O5  1 
HETATM 1181 O  O6  . NAG F 2 .   ? -4.553  -9.370  11.183  1.00 51.73  ? 205 NAG A O6  1 
HETATM 1182 O  O7  . NAG F 2 .   ? -6.791  -3.656  15.120  1.00 49.43  ? 205 NAG A O7  1 
HETATM 1183 O  O   . HOH G 4 .   ? -13.091 -14.052 -0.622  1.00 52.82  ? 301 HOH A O   1 
HETATM 1184 O  O   . HOH G 4 .   ? -9.018  -11.477 -5.836  1.00 46.63  ? 302 HOH A O   1 
HETATM 1185 O  O   . HOH G 4 .   ? -11.908 10.449  7.923   1.00 74.03  ? 303 HOH A O   1 
HETATM 1186 O  O   . HOH G 4 .   ? 5.422   -3.794  7.799   1.00 58.90  ? 304 HOH A O   1 
HETATM 1187 O  O   . HOH G 4 .   ? -8.221  2.105   -4.175  1.00 45.09  ? 305 HOH A O   1 
HETATM 1188 O  O   . HOH G 4 .   ? 5.692   7.564   -17.877 1.00 64.77  ? 306 HOH A O   1 
HETATM 1189 O  O   . HOH G 4 .   ? -9.039  -4.008  16.280  1.00 48.64  ? 307 HOH A O   1 
HETATM 1190 O  O   . HOH G 4 .   ? -1.128  7.164   -12.789 1.00 43.48  ? 308 HOH A O   1 
HETATM 1191 O  O   . HOH G 4 .   ? 12.818  7.470   -2.319  1.00 57.92  ? 309 HOH A O   1 
HETATM 1192 O  O   . HOH G 4 .   ? -3.586  -9.721  -12.181 1.00 42.99  ? 310 HOH A O   1 
HETATM 1193 O  O   . HOH G 4 .   ? -6.890  8.687   -4.469  1.00 51.39  ? 311 HOH A O   1 
HETATM 1194 O  O   . HOH G 4 .   ? 4.618   10.013  -13.930 1.00 54.79  ? 312 HOH A O   1 
HETATM 1195 O  O   . HOH G 4 .   ? 5.925   11.798  -8.034  1.00 48.05  ? 313 HOH A O   1 
HETATM 1196 O  O   . HOH G 4 .   ? 0.331   17.118  -7.868  1.00 45.24  ? 314 HOH A O   1 
HETATM 1197 O  O   . HOH G 4 .   ? 3.381   8.222   -19.370 1.00 63.06  ? 315 HOH A O   1 
HETATM 1198 O  O   . HOH G 4 .   ? -2.236  15.982  15.137  1.00 75.18  ? 316 HOH A O   1 
HETATM 1199 O  O   . HOH G 4 .   ? -11.478 -6.715  4.879   1.00 46.59  ? 317 HOH A O   1 
HETATM 1200 O  O   . HOH G 4 .   ? -1.154  8.268   -1.267  1.00 44.78  ? 318 HOH A O   1 
HETATM 1201 O  O   . HOH G 4 .   ? -7.743  5.512   -2.677  1.00 48.57  ? 319 HOH A O   1 
HETATM 1202 O  O   . HOH G 4 .   ? -4.329  10.089  0.750   1.00 49.42  ? 320 HOH A O   1 
HETATM 1203 O  O   . HOH G 4 .   ? 7.259   6.712   -5.684  1.00 46.37  ? 321 HOH A O   1 
HETATM 1204 O  O   . HOH G 4 .   ? -3.653  2.381   -8.041  1.00 38.98  ? 322 HOH A O   1 
HETATM 1205 O  O   . HOH G 4 .   ? -3.320  8.615   -11.650 1.00 55.59  ? 323 HOH A O   1 
HETATM 1206 O  O   . HOH G 4 .   ? -7.874  0.742   -10.469 1.00 52.45  ? 324 HOH A O   1 
HETATM 1207 O  O   . HOH G 4 .   ? -1.265  7.772   -4.504  1.00 42.82  ? 325 HOH A O   1 
HETATM 1208 O  O   . HOH G 4 .   ? -11.108 -6.979  9.089   1.00 56.30  ? 326 HOH A O   1 
HETATM 1209 O  O   . HOH G 4 .   ? 13.804  -6.374  0.381   1.00 59.10  ? 327 HOH A O   1 
HETATM 1210 O  O   . HOH G 4 .   ? -9.017  14.198  8.885   1.00 71.10  ? 328 HOH A O   1 
HETATM 1211 O  O   . HOH G 4 .   ? -6.377  2.987   -8.188  1.00 50.17  ? 329 HOH A O   1 
HETATM 1212 O  O   . HOH G 4 .   ? -5.504  -12.032 -11.848 1.00 56.53  ? 330 HOH A O   1 
HETATM 1213 O  O   . HOH G 4 .   ? -1.600  10.213  -5.717  1.00 48.87  ? 331 HOH A O   1 
HETATM 1214 O  O   . HOH G 4 .   ? 0.014   14.952  2.375   1.00 64.96  ? 332 HOH A O   1 
HETATM 1215 O  O   . HOH G 4 .   ? -1.136  15.472  -2.342  1.00 59.18  ? 333 HOH A O   1 
HETATM 1216 O  O   . HOH G 4 .   ? -0.328  -5.072  -15.782 1.00 46.83  ? 334 HOH A O   1 
HETATM 1217 O  O   . HOH G 4 .   ? -17.420 -10.939 6.394   1.00 67.40  ? 335 HOH A O   1 
HETATM 1218 O  O   . HOH G 4 .   ? -7.906  8.628   -11.869 1.00 62.89  ? 336 HOH A O   1 
HETATM 1219 O  O   . HOH G 4 .   ? 12.532  3.758   -12.314 1.00 65.83  ? 337 HOH A O   1 
HETATM 1220 O  O   . HOH G 4 .   ? 11.767  -7.939  1.106   1.00 61.76  ? 338 HOH A O   1 
HETATM 1221 O  O   . HOH G 4 .   ? 6.413   -3.752  -15.553 1.00 65.05  ? 339 HOH A O   1 
HETATM 1222 O  O   . HOH G 4 .   ? 5.256   -12.263 3.281   1.00 57.76  ? 340 HOH A O   1 
HETATM 1223 O  O   . HOH G 4 .   ? -1.174  6.164   -15.281 1.00 58.52  ? 341 HOH A O   1 
HETATM 1224 O  O   . HOH G 4 .   ? 13.729  0.499   -4.636  1.00 55.19  ? 342 HOH A O   1 
HETATM 1225 O  O   . HOH G 4 .   ? 16.594  -5.751  -9.200  1.00 78.17  ? 343 HOH A O   1 
HETATM 1226 O  O   . HOH G 4 .   ? -15.533 -6.327  -3.694  1.00 62.73  ? 344 HOH A O   1 
HETATM 1227 O  O   . HOH G 4 .   ? -3.152  14.275  -1.903  1.00 60.40  ? 345 HOH A O   1 
HETATM 1228 O  O   . HOH G 4 .   ? 21.694  -9.121  -9.334  1.00 78.42  ? 346 HOH A O   1 
HETATM 1229 O  O   . HOH G 4 .   ? -18.472 -9.468  -3.562  1.00 64.73  ? 347 HOH A O   1 
HETATM 1230 O  O   . HOH G 4 .   ? -21.243 -7.026  11.300  1.00 70.85  ? 348 HOH A O   1 
HETATM 1231 O  O   . HOH G 4 .   ? 3.930   -9.278  -8.051  1.00 64.13  ? 349 HOH A O   1 
HETATM 1232 O  O   . HOH G 4 .   ? 16.211  -1.748  10.585  1.00 67.57  ? 350 HOH A O   1 
HETATM 1233 O  O   . HOH G 4 .   ? 8.699   -7.176  6.817   1.00 63.57  ? 351 HOH A O   1 
HETATM 1234 O  O   . HOH G 4 .   ? 4.368   -2.694  -15.749 1.00 64.94  ? 352 HOH A O   1 
HETATM 1235 O  O   . HOH G 4 .   ? -11.676 6.798   -0.576  1.00 67.94  ? 353 HOH A O   1 
HETATM 1236 O  O   . HOH G 4 .   ? -4.371  -10.047 -16.652 1.00 67.34  ? 354 HOH A O   1 
HETATM 1237 O  O   . HOH G 4 .   ? 6.574   -13.687 1.293   1.00 73.08  ? 355 HOH A O   1 
# 
